data_2YT6
#
_entry.id   2YT6
#
_entity_poly.entity_id   1
_entity_poly.type   'polypeptide(L)'
_entity_poly.pdbx_seq_one_letter_code
;GSSGSSGASSSFSVVSSSYPTGLTGGVTIFVALYDYEARTTEDLSFKKGERFQIINNTEGDWWEARSIATGKSGYIPSNY
VVPADSIQAEEWYFGKMGRKDAESGPSSG
;
_entity_poly.pdbx_strand_id   A
#
# COMPACT_ATOMS: atom_id res chain seq x y z
N GLY A 1 18.63 -5.02 -10.68
CA GLY A 1 18.21 -6.34 -10.27
C GLY A 1 16.96 -6.80 -11.01
N SER A 2 17.12 -7.13 -12.30
CA SER A 2 16.00 -7.57 -13.11
C SER A 2 14.93 -6.49 -13.21
N SER A 3 15.34 -5.27 -13.55
CA SER A 3 14.43 -4.15 -13.67
C SER A 3 14.02 -3.95 -15.12
N GLY A 4 12.71 -3.93 -15.37
CA GLY A 4 12.21 -3.73 -16.72
C GLY A 4 10.88 -3.03 -16.74
N SER A 5 9.94 -3.58 -17.51
CA SER A 5 8.60 -3.00 -17.62
C SER A 5 7.53 -4.07 -17.47
N SER A 6 6.66 -3.88 -16.47
CA SER A 6 5.58 -4.83 -16.21
C SER A 6 4.52 -4.77 -17.31
N GLY A 7 3.79 -5.86 -17.47
CA GLY A 7 2.76 -5.91 -18.49
C GLY A 7 2.12 -7.29 -18.60
N ALA A 8 1.33 -7.66 -17.58
CA ALA A 8 0.66 -8.95 -17.57
C ALA A 8 -0.74 -8.84 -18.16
N SER A 9 -0.85 -9.13 -19.46
CA SER A 9 -2.14 -9.06 -20.15
C SER A 9 -3.13 -10.04 -19.53
N SER A 10 -3.84 -9.58 -18.50
CA SER A 10 -4.83 -10.42 -17.83
C SER A 10 -5.66 -9.58 -16.85
N SER A 11 -6.94 -9.94 -16.73
CA SER A 11 -7.84 -9.22 -15.84
C SER A 11 -8.71 -10.20 -15.04
N PHE A 12 -8.53 -10.21 -13.73
CA PHE A 12 -9.30 -11.10 -12.86
C PHE A 12 -10.20 -10.31 -11.93
N SER A 13 -11.47 -10.68 -11.87
CA SER A 13 -12.44 -10.00 -11.03
C SER A 13 -12.39 -10.54 -9.59
N VAL A 14 -11.91 -9.70 -8.68
CA VAL A 14 -11.80 -10.10 -7.28
C VAL A 14 -12.68 -9.22 -6.39
N VAL A 15 -13.35 -9.84 -5.43
CA VAL A 15 -14.23 -9.12 -4.52
C VAL A 15 -13.44 -8.15 -3.65
N SER A 16 -13.93 -6.92 -3.55
CA SER A 16 -13.26 -5.89 -2.76
C SER A 16 -13.39 -6.19 -1.26
N SER A 17 -12.27 -6.59 -0.65
CA SER A 17 -12.26 -6.90 0.77
C SER A 17 -11.93 -5.68 1.60
N SER A 18 -12.94 -5.07 2.20
CA SER A 18 -12.76 -3.88 3.03
C SER A 18 -11.78 -4.15 4.16
N TYR A 19 -11.07 -3.11 4.58
CA TYR A 19 -10.09 -3.22 5.65
C TYR A 19 -10.77 -3.37 7.01
N PRO A 20 -10.09 -4.05 7.95
CA PRO A 20 -10.62 -4.27 9.29
C PRO A 20 -10.66 -2.98 10.12
N THR A 21 -11.75 -2.81 10.86
CA THR A 21 -11.91 -1.62 11.70
C THR A 21 -11.42 -1.87 13.12
N GLY A 22 -11.48 -0.84 13.96
CA GLY A 22 -11.04 -0.97 15.33
C GLY A 22 -9.65 -1.56 15.44
N LEU A 23 -8.69 -0.95 14.77
CA LEU A 23 -7.30 -1.42 14.80
C LEU A 23 -6.57 -0.90 16.02
N THR A 24 -5.89 -1.79 16.73
CA THR A 24 -5.14 -1.42 17.92
C THR A 24 -3.86 -2.25 18.05
N GLY A 25 -2.72 -1.59 17.85
CA GLY A 25 -1.45 -2.28 17.95
C GLY A 25 -0.30 -1.44 17.43
N GLY A 26 0.86 -2.07 17.23
CA GLY A 26 2.01 -1.36 16.72
C GLY A 26 2.25 -1.61 15.25
N VAL A 27 1.22 -1.37 14.44
CA VAL A 27 1.31 -1.56 13.00
C VAL A 27 1.13 -0.25 12.26
N THR A 28 1.81 -0.11 11.12
CA THR A 28 1.73 1.10 10.31
C THR A 28 1.28 0.79 8.89
N ILE A 29 0.41 1.63 8.35
CA ILE A 29 -0.09 1.45 7.00
C ILE A 29 0.93 1.89 5.96
N PHE A 30 1.09 1.09 4.91
CA PHE A 30 2.03 1.39 3.85
C PHE A 30 1.44 1.07 2.47
N VAL A 31 1.76 1.90 1.49
CA VAL A 31 1.25 1.71 0.14
C VAL A 31 2.40 1.51 -0.85
N ALA A 32 2.17 0.65 -1.85
CA ALA A 32 3.19 0.38 -2.86
C ALA A 32 3.03 1.30 -4.06
N LEU A 33 4.04 2.13 -4.30
CA LEU A 33 4.00 3.07 -5.42
C LEU A 33 4.46 2.39 -6.71
N TYR A 34 5.38 1.43 -6.57
CA TYR A 34 5.90 0.71 -7.73
C TYR A 34 5.51 -0.77 -7.66
N ASP A 35 5.19 -1.34 -8.82
CA ASP A 35 4.81 -2.74 -8.89
C ASP A 35 6.03 -3.65 -8.76
N TYR A 36 6.02 -4.51 -7.75
CA TYR A 36 7.12 -5.43 -7.52
C TYR A 36 6.66 -6.87 -7.63
N GLU A 37 7.63 -7.80 -7.67
CA GLU A 37 7.32 -9.22 -7.77
C GLU A 37 8.17 -10.03 -6.79
N ALA A 38 7.50 -10.74 -5.89
CA ALA A 38 8.19 -11.56 -4.90
C ALA A 38 9.17 -12.51 -5.57
N ARG A 39 10.46 -12.26 -5.35
CA ARG A 39 11.50 -13.10 -5.94
C ARG A 39 11.47 -14.50 -5.35
N THR A 40 11.39 -14.58 -4.02
CA THR A 40 11.34 -15.87 -3.33
C THR A 40 10.20 -15.91 -2.32
N THR A 41 9.80 -17.12 -1.96
CA THR A 41 8.71 -17.30 -1.00
C THR A 41 8.86 -16.36 0.19
N GLU A 42 10.11 -16.12 0.60
CA GLU A 42 10.39 -15.24 1.72
C GLU A 42 9.92 -13.81 1.42
N ASP A 43 10.09 -13.38 0.18
CA ASP A 43 9.68 -12.05 -0.24
C ASP A 43 8.17 -11.96 -0.37
N LEU A 44 7.64 -10.75 -0.22
CA LEU A 44 6.20 -10.52 -0.33
C LEU A 44 5.83 -9.95 -1.69
N SER A 45 4.86 -10.56 -2.35
CA SER A 45 4.42 -10.11 -3.66
C SER A 45 3.39 -8.99 -3.53
N PHE A 46 3.77 -7.80 -3.98
CA PHE A 46 2.89 -6.64 -3.92
C PHE A 46 2.86 -5.90 -5.26
N LYS A 47 1.83 -5.08 -5.45
CA LYS A 47 1.68 -4.31 -6.68
C LYS A 47 1.46 -2.83 -6.38
N LYS A 48 1.59 -2.00 -7.42
CA LYS A 48 1.40 -0.57 -7.26
C LYS A 48 -0.04 -0.24 -6.88
N GLY A 49 -0.24 0.19 -5.64
CA GLY A 49 -1.57 0.53 -5.17
C GLY A 49 -2.13 -0.51 -4.22
N GLU A 50 -1.23 -1.25 -3.57
CA GLU A 50 -1.65 -2.28 -2.62
C GLU A 50 -1.15 -1.95 -1.21
N ARG A 51 -2.02 -2.16 -0.22
CA ARG A 51 -1.66 -1.89 1.16
C ARG A 51 -1.12 -3.14 1.85
N PHE A 52 -0.36 -2.94 2.93
CA PHE A 52 0.22 -4.05 3.67
C PHE A 52 0.51 -3.66 5.11
N GLN A 53 0.21 -4.55 6.04
CA GLN A 53 0.45 -4.29 7.45
C GLN A 53 1.89 -4.58 7.83
N ILE A 54 2.64 -3.53 8.16
CA ILE A 54 4.04 -3.68 8.53
C ILE A 54 4.17 -4.41 9.87
N ILE A 55 4.60 -5.66 9.81
CA ILE A 55 4.78 -6.46 11.01
C ILE A 55 6.13 -6.19 11.67
N ASN A 56 7.18 -6.21 10.87
CA ASN A 56 8.53 -5.97 11.36
C ASN A 56 9.28 -4.98 10.47
N ASN A 57 9.79 -3.92 11.07
CA ASN A 57 10.53 -2.91 10.32
C ASN A 57 11.90 -2.65 10.95
N THR A 58 12.59 -3.73 11.30
CA THR A 58 13.91 -3.62 11.91
C THR A 58 14.97 -3.24 10.88
N GLU A 59 15.00 -3.97 9.77
CA GLU A 59 15.96 -3.69 8.70
C GLU A 59 15.30 -2.95 7.55
N GLY A 60 15.79 -1.74 7.28
CA GLY A 60 15.25 -0.95 6.20
C GLY A 60 15.24 -1.68 4.87
N ASP A 61 16.30 -2.42 4.61
CA ASP A 61 16.42 -3.18 3.36
C ASP A 61 15.08 -3.80 2.98
N TRP A 62 14.55 -4.63 3.88
CA TRP A 62 13.27 -5.30 3.62
C TRP A 62 12.45 -5.41 4.91
N TRP A 63 11.19 -5.02 4.83
CA TRP A 63 10.31 -5.08 5.99
C TRP A 63 9.27 -6.18 5.84
N GLU A 64 8.95 -6.85 6.93
CA GLU A 64 7.97 -7.93 6.91
C GLU A 64 6.56 -7.39 7.12
N ALA A 65 5.70 -7.60 6.12
CA ALA A 65 4.32 -7.13 6.20
C ALA A 65 3.35 -8.22 5.76
N ARG A 66 2.08 -8.05 6.11
CA ARG A 66 1.05 -9.03 5.75
C ARG A 66 -0.09 -8.35 5.00
N SER A 67 -0.12 -8.54 3.68
CA SER A 67 -1.16 -7.95 2.85
C SER A 67 -2.53 -8.05 3.53
N ILE A 68 -3.33 -7.00 3.39
CA ILE A 68 -4.65 -6.96 3.99
C ILE A 68 -5.71 -7.44 3.00
N ALA A 69 -5.46 -7.22 1.71
CA ALA A 69 -6.38 -7.62 0.67
C ALA A 69 -6.32 -9.13 0.43
N THR A 70 -5.18 -9.59 -0.12
CA THR A 70 -5.00 -11.01 -0.39
C THR A 70 -4.72 -11.79 0.89
N GLY A 71 -4.01 -11.16 1.82
CA GLY A 71 -3.69 -11.81 3.07
C GLY A 71 -2.35 -12.50 3.04
N LYS A 72 -1.51 -12.12 2.07
CA LYS A 72 -0.19 -12.71 1.93
C LYS A 72 0.77 -12.16 2.98
N SER A 73 1.97 -12.71 3.03
CA SER A 73 2.98 -12.28 4.00
C SER A 73 4.39 -12.61 3.50
N GLY A 74 5.31 -11.67 3.72
CA GLY A 74 6.68 -11.87 3.29
C GLY A 74 7.57 -10.69 3.61
N TYR A 75 8.38 -10.29 2.64
CA TYR A 75 9.30 -9.17 2.84
C TYR A 75 9.22 -8.20 1.66
N ILE A 76 9.05 -6.91 1.97
CA ILE A 76 8.95 -5.88 0.94
C ILE A 76 9.98 -4.77 1.18
N PRO A 77 10.58 -4.28 0.09
CA PRO A 77 11.58 -3.21 0.16
C PRO A 77 10.98 -1.86 0.56
N SER A 78 11.50 -1.28 1.63
CA SER A 78 11.01 0.00 2.11
C SER A 78 11.35 1.13 1.14
N ASN A 79 12.07 0.77 0.07
CA ASN A 79 12.46 1.76 -0.94
C ASN A 79 11.41 1.85 -2.05
N TYR A 80 10.38 1.01 -1.94
CA TYR A 80 9.31 1.00 -2.93
C TYR A 80 7.97 1.36 -2.29
N VAL A 81 7.79 0.95 -1.04
CA VAL A 81 6.56 1.23 -0.30
C VAL A 81 6.75 2.37 0.68
N VAL A 82 5.73 3.20 0.84
CA VAL A 82 5.78 4.32 1.77
C VAL A 82 4.52 4.40 2.62
N PRO A 83 4.67 4.99 3.82
CA PRO A 83 3.55 5.13 4.76
C PRO A 83 2.52 6.15 4.28
N ALA A 84 1.24 5.79 4.38
CA ALA A 84 0.16 6.68 3.96
C ALA A 84 0.13 7.95 4.80
N ASP A 85 0.98 7.99 5.82
CA ASP A 85 1.04 9.15 6.70
C ASP A 85 2.17 10.09 6.29
N SER A 86 3.31 9.50 5.93
CA SER A 86 4.46 10.29 5.52
C SER A 86 4.71 10.14 4.02
N ILE A 87 3.66 9.83 3.27
CA ILE A 87 3.77 9.65 1.83
C ILE A 87 4.78 10.62 1.23
N GLN A 88 5.96 10.11 0.90
CA GLN A 88 7.01 10.93 0.32
C GLN A 88 6.74 11.19 -1.16
N ALA A 89 5.87 10.38 -1.75
CA ALA A 89 5.53 10.52 -3.16
C ALA A 89 4.03 10.74 -3.34
N GLU A 90 3.39 11.29 -2.31
CA GLU A 90 1.96 11.55 -2.34
C GLU A 90 1.52 11.97 -3.75
N GLU A 91 2.43 12.62 -4.48
CA GLU A 91 2.13 13.08 -5.83
C GLU A 91 1.29 12.05 -6.58
N TRP A 92 1.49 10.78 -6.26
CA TRP A 92 0.75 9.70 -6.91
C TRP A 92 -0.73 9.81 -6.61
N TYR A 93 -1.06 10.06 -5.34
CA TYR A 93 -2.45 10.19 -4.92
C TYR A 93 -2.98 11.58 -5.22
N PHE A 94 -2.10 12.57 -5.16
CA PHE A 94 -2.48 13.96 -5.43
C PHE A 94 -3.01 14.11 -6.84
N GLY A 95 -2.28 13.56 -7.81
CA GLY A 95 -2.70 13.65 -9.19
C GLY A 95 -3.42 12.41 -9.67
N LYS A 96 -2.85 11.25 -9.35
CA LYS A 96 -3.45 9.98 -9.75
C LYS A 96 -4.16 9.32 -8.57
N MET A 97 -5.39 9.73 -8.30
CA MET A 97 -6.16 9.17 -7.21
C MET A 97 -6.47 7.70 -7.44
N GLY A 98 -6.11 7.21 -8.63
CA GLY A 98 -6.35 5.82 -8.95
C GLY A 98 -7.78 5.40 -8.71
N ARG A 99 -8.03 4.79 -7.55
CA ARG A 99 -9.37 4.34 -7.20
C ARG A 99 -9.60 4.45 -5.69
N LYS A 100 -10.68 5.10 -5.31
CA LYS A 100 -11.02 5.28 -3.90
C LYS A 100 -12.41 5.88 -3.74
N ASP A 101 -12.92 5.87 -2.51
CA ASP A 101 -14.24 6.41 -2.22
C ASP A 101 -14.14 7.73 -1.45
N ALA A 102 -15.19 8.52 -1.50
CA ALA A 102 -15.22 9.80 -0.80
C ALA A 102 -15.58 9.61 0.66
N GLU A 103 -14.90 10.37 1.54
CA GLU A 103 -15.15 10.28 2.97
C GLU A 103 -16.37 11.12 3.36
N SER A 104 -17.55 10.54 3.20
CA SER A 104 -18.79 11.23 3.53
C SER A 104 -19.17 10.99 4.99
N GLY A 105 -19.35 12.08 5.74
CA GLY A 105 -19.72 11.96 7.14
C GLY A 105 -19.25 13.16 7.96
N PRO A 106 -20.04 14.23 7.93
CA PRO A 106 -19.73 15.46 8.68
C PRO A 106 -19.84 15.28 10.18
N SER A 107 -20.62 14.28 10.59
CA SER A 107 -20.82 13.99 12.01
C SER A 107 -19.48 13.85 12.73
N SER A 108 -18.64 12.94 12.25
CA SER A 108 -17.34 12.71 12.85
C SER A 108 -16.61 14.03 13.10
N GLY A 109 -16.49 14.40 14.36
CA GLY A 109 -15.82 15.63 14.72
C GLY A 109 -14.35 15.63 14.34
N GLY A 1 12.33 2.27 -14.56
CA GLY A 1 11.41 2.54 -15.64
C GLY A 1 10.00 2.08 -15.32
N SER A 2 9.03 2.56 -16.10
CA SER A 2 7.64 2.20 -15.89
C SER A 2 7.20 1.12 -16.88
N SER A 3 7.51 1.32 -18.16
CA SER A 3 7.16 0.37 -19.19
C SER A 3 5.74 -0.16 -18.99
N GLY A 4 4.83 0.73 -18.62
CA GLY A 4 3.45 0.34 -18.39
C GLY A 4 2.51 0.90 -19.43
N SER A 5 1.67 0.04 -20.00
CA SER A 5 0.71 0.46 -21.02
C SER A 5 -0.69 0.60 -20.43
N SER A 6 -1.18 -0.47 -19.82
CA SER A 6 -2.51 -0.47 -19.22
C SER A 6 -2.42 -0.23 -17.72
N GLY A 7 -3.48 0.34 -17.16
CA GLY A 7 -3.50 0.63 -15.73
C GLY A 7 -4.12 -0.50 -14.92
N ALA A 8 -4.41 -0.23 -13.65
CA ALA A 8 -5.00 -1.23 -12.78
C ALA A 8 -6.43 -0.85 -12.40
N SER A 9 -7.31 -1.85 -12.35
CA SER A 9 -8.70 -1.61 -12.01
C SER A 9 -8.93 -1.73 -10.51
N SER A 10 -8.01 -1.15 -9.74
CA SER A 10 -8.09 -1.19 -8.29
C SER A 10 -7.17 -0.14 -7.66
N SER A 11 -7.76 0.81 -6.94
CA SER A 11 -6.99 1.86 -6.29
C SER A 11 -7.68 2.32 -5.01
N PHE A 12 -6.88 2.58 -3.98
CA PHE A 12 -7.40 3.02 -2.69
C PHE A 12 -6.46 4.02 -2.03
N SER A 13 -7.03 5.11 -1.51
CA SER A 13 -6.24 6.14 -0.86
C SER A 13 -7.10 6.95 0.11
N VAL A 14 -6.48 7.95 0.75
CA VAL A 14 -7.19 8.80 1.70
C VAL A 14 -7.61 10.12 1.05
N VAL A 15 -8.82 10.56 1.35
CA VAL A 15 -9.34 11.81 0.80
C VAL A 15 -8.58 13.02 1.36
N SER A 16 -8.40 13.03 2.68
CA SER A 16 -7.69 14.13 3.33
C SER A 16 -6.26 13.73 3.67
N SER A 17 -5.49 14.67 4.20
CA SER A 17 -4.10 14.42 4.57
C SER A 17 -3.89 14.63 6.06
N SER A 18 -4.80 14.11 6.86
CA SER A 18 -4.72 14.23 8.31
C SER A 18 -4.57 12.87 8.97
N TYR A 19 -4.32 12.88 10.27
CA TYR A 19 -4.15 11.64 11.03
C TYR A 19 -5.01 11.65 12.29
N PRO A 20 -5.38 10.45 12.76
CA PRO A 20 -6.20 10.29 13.96
C PRO A 20 -5.45 10.66 15.24
N THR A 21 -5.60 11.90 15.67
CA THR A 21 -4.93 12.38 16.87
C THR A 21 -4.87 11.29 17.94
N GLY A 22 -3.85 11.34 18.78
CA GLY A 22 -3.69 10.35 19.83
C GLY A 22 -3.39 8.97 19.29
N LEU A 23 -2.14 8.55 19.42
CA LEU A 23 -1.72 7.24 18.93
C LEU A 23 -1.02 6.45 20.04
N THR A 24 -0.70 5.20 19.75
CA THR A 24 -0.04 4.32 20.72
C THR A 24 1.19 3.66 20.11
N GLY A 25 1.01 3.08 18.92
CA GLY A 25 2.12 2.42 18.25
C GLY A 25 1.88 0.94 18.06
N GLY A 26 2.47 0.37 17.02
CA GLY A 26 2.30 -1.05 16.75
C GLY A 26 2.40 -1.36 15.27
N VAL A 27 1.35 -1.01 14.52
CA VAL A 27 1.33 -1.26 13.09
C VAL A 27 1.23 0.04 12.30
N THR A 28 1.94 0.10 11.19
CA THR A 28 1.94 1.29 10.34
C THR A 28 1.49 0.97 8.93
N ILE A 29 0.56 1.77 8.41
CA ILE A 29 0.04 1.55 7.06
C ILE A 29 1.06 1.98 6.01
N PHE A 30 1.19 1.18 4.96
CA PHE A 30 2.13 1.48 3.88
C PHE A 30 1.51 1.18 2.52
N VAL A 31 1.83 2.00 1.53
CA VAL A 31 1.31 1.81 0.18
C VAL A 31 2.44 1.60 -0.82
N ALA A 32 2.18 0.78 -1.83
CA ALA A 32 3.17 0.49 -2.86
C ALA A 32 3.04 1.45 -4.03
N LEU A 33 4.10 2.19 -4.31
CA LEU A 33 4.10 3.16 -5.41
C LEU A 33 4.51 2.49 -6.72
N TYR A 34 5.41 1.50 -6.62
CA TYR A 34 5.89 0.78 -7.78
C TYR A 34 5.49 -0.69 -7.72
N ASP A 35 5.28 -1.29 -8.89
CA ASP A 35 4.90 -2.70 -8.96
C ASP A 35 6.11 -3.60 -8.77
N TYR A 36 6.02 -4.49 -7.78
CA TYR A 36 7.12 -5.41 -7.49
C TYR A 36 6.63 -6.85 -7.49
N GLU A 37 7.56 -7.79 -7.53
CA GLU A 37 7.22 -9.21 -7.53
C GLU A 37 8.16 -10.00 -6.62
N ALA A 38 7.57 -10.66 -5.62
CA ALA A 38 8.36 -11.45 -4.68
C ALA A 38 9.29 -12.42 -5.41
N ARG A 39 10.58 -12.11 -5.39
CA ARG A 39 11.57 -12.95 -6.05
C ARG A 39 11.55 -14.36 -5.48
N THR A 40 11.52 -14.45 -4.15
CA THR A 40 11.50 -15.75 -3.47
C THR A 40 10.37 -15.82 -2.46
N THR A 41 9.94 -17.04 -2.14
CA THR A 41 8.86 -17.24 -1.19
C THR A 41 9.04 -16.36 0.04
N GLU A 42 10.28 -16.02 0.35
CA GLU A 42 10.58 -15.18 1.49
C GLU A 42 10.07 -13.76 1.28
N ASP A 43 10.21 -13.27 0.05
CA ASP A 43 9.77 -11.92 -0.29
C ASP A 43 8.25 -11.86 -0.41
N LEU A 44 7.70 -10.66 -0.33
CA LEU A 44 6.26 -10.47 -0.42
C LEU A 44 5.87 -9.87 -1.76
N SER A 45 4.86 -10.47 -2.41
CA SER A 45 4.40 -9.98 -3.70
C SER A 45 3.40 -8.85 -3.53
N PHE A 46 3.75 -7.67 -4.07
CA PHE A 46 2.90 -6.50 -3.98
C PHE A 46 2.89 -5.74 -5.30
N LYS A 47 1.81 -5.01 -5.54
CA LYS A 47 1.66 -4.22 -6.76
C LYS A 47 1.49 -2.73 -6.44
N LYS A 48 1.58 -1.90 -7.47
CA LYS A 48 1.43 -0.46 -7.30
C LYS A 48 0.00 -0.10 -6.90
N GLY A 49 -0.17 0.34 -5.66
CA GLY A 49 -1.49 0.71 -5.18
C GLY A 49 -2.07 -0.32 -4.23
N GLU A 50 -1.19 -1.08 -3.59
CA GLU A 50 -1.62 -2.11 -2.65
C GLU A 50 -1.13 -1.80 -1.24
N ARG A 51 -2.01 -1.98 -0.26
CA ARG A 51 -1.65 -1.72 1.14
C ARG A 51 -1.14 -2.98 1.82
N PHE A 52 -0.33 -2.80 2.85
CA PHE A 52 0.24 -3.93 3.59
C PHE A 52 0.52 -3.54 5.04
N GLN A 53 0.16 -4.43 5.96
CA GLN A 53 0.38 -4.19 7.38
C GLN A 53 1.82 -4.50 7.78
N ILE A 54 2.56 -3.48 8.17
CA ILE A 54 3.95 -3.65 8.58
C ILE A 54 4.05 -4.43 9.88
N ILE A 55 4.52 -5.66 9.80
CA ILE A 55 4.67 -6.50 10.99
C ILE A 55 6.01 -6.24 11.68
N ASN A 56 7.09 -6.37 10.93
CA ASN A 56 8.43 -6.16 11.48
C ASN A 56 9.18 -5.12 10.65
N ASN A 57 9.68 -4.09 11.33
CA ASN A 57 10.44 -3.03 10.66
C ASN A 57 11.85 -2.92 11.22
N THR A 58 12.50 -4.07 11.37
CA THR A 58 13.86 -4.10 11.89
C THR A 58 14.89 -4.01 10.76
N GLU A 59 14.64 -4.75 9.69
CA GLU A 59 15.55 -4.75 8.54
C GLU A 59 15.20 -3.63 7.58
N GLY A 60 15.93 -2.52 7.67
CA GLY A 60 15.68 -1.39 6.79
C GLY A 60 15.64 -1.78 5.33
N ASP A 61 16.42 -2.80 4.96
CA ASP A 61 16.47 -3.28 3.59
C ASP A 61 15.12 -3.85 3.16
N TRP A 62 14.59 -4.76 3.97
CA TRP A 62 13.31 -5.39 3.68
C TRP A 62 12.46 -5.51 4.95
N TRP A 63 11.22 -5.06 4.87
CA TRP A 63 10.31 -5.12 6.01
C TRP A 63 9.28 -6.23 5.83
N GLU A 64 8.88 -6.85 6.93
CA GLU A 64 7.91 -7.93 6.88
C GLU A 64 6.50 -7.40 7.11
N ALA A 65 5.64 -7.56 6.10
CA ALA A 65 4.27 -7.10 6.17
C ALA A 65 3.29 -8.17 5.69
N ARG A 66 2.03 -8.01 6.04
CA ARG A 66 1.00 -8.96 5.64
C ARG A 66 -0.11 -8.28 4.85
N SER A 67 -0.12 -8.51 3.54
CA SER A 67 -1.11 -7.92 2.66
C SER A 67 -2.51 -8.01 3.28
N ILE A 68 -3.26 -6.91 3.20
CA ILE A 68 -4.61 -6.87 3.74
C ILE A 68 -5.64 -7.35 2.72
N ALA A 69 -5.47 -6.89 1.48
CA ALA A 69 -6.38 -7.27 0.40
C ALA A 69 -6.35 -8.78 0.15
N THR A 70 -5.19 -9.27 -0.29
CA THR A 70 -5.03 -10.68 -0.57
C THR A 70 -4.88 -11.49 0.72
N GLY A 71 -3.89 -11.12 1.53
CA GLY A 71 -3.67 -11.82 2.77
C GLY A 71 -2.34 -12.55 2.81
N LYS A 72 -1.46 -12.20 1.87
CA LYS A 72 -0.13 -12.83 1.80
C LYS A 72 0.81 -12.25 2.85
N SER A 73 2.01 -12.80 2.92
CA SER A 73 3.01 -12.35 3.89
C SER A 73 4.42 -12.64 3.39
N GLY A 74 5.33 -11.70 3.64
CA GLY A 74 6.71 -11.87 3.21
C GLY A 74 7.57 -10.68 3.58
N TYR A 75 8.42 -10.26 2.64
CA TYR A 75 9.32 -9.13 2.88
C TYR A 75 9.28 -8.15 1.71
N ILE A 76 8.90 -6.92 2.00
CA ILE A 76 8.82 -5.88 0.98
C ILE A 76 9.88 -4.81 1.19
N PRO A 77 10.47 -4.32 0.10
CA PRO A 77 11.50 -3.27 0.14
C PRO A 77 10.93 -1.92 0.56
N SER A 78 11.50 -1.35 1.61
CA SER A 78 11.05 -0.06 2.12
C SER A 78 11.41 1.07 1.14
N ASN A 79 12.10 0.69 0.06
CA ASN A 79 12.51 1.66 -0.94
C ASN A 79 11.47 1.79 -2.04
N TYR A 80 10.41 0.99 -1.95
CA TYR A 80 9.34 1.00 -2.93
C TYR A 80 8.02 1.40 -2.29
N VAL A 81 7.82 1.00 -1.04
CA VAL A 81 6.60 1.32 -0.31
C VAL A 81 6.83 2.46 0.67
N VAL A 82 5.78 3.25 0.89
CA VAL A 82 5.86 4.38 1.82
C VAL A 82 4.62 4.47 2.68
N PRO A 83 4.77 5.04 3.89
CA PRO A 83 3.66 5.21 4.84
C PRO A 83 2.64 6.23 4.37
N ALA A 84 1.37 5.88 4.45
CA ALA A 84 0.29 6.76 4.04
C ALA A 84 0.27 8.03 4.89
N ASP A 85 1.11 8.06 5.92
CA ASP A 85 1.19 9.22 6.80
C ASP A 85 2.31 10.16 6.38
N SER A 86 3.45 9.58 6.00
CA SER A 86 4.60 10.36 5.57
C SER A 86 4.83 10.22 4.07
N ILE A 87 3.76 9.91 3.34
CA ILE A 87 3.84 9.74 1.89
C ILE A 87 4.83 10.73 1.28
N GLN A 88 6.01 10.24 0.93
CA GLN A 88 7.05 11.07 0.34
C GLN A 88 6.75 11.34 -1.14
N ALA A 89 5.96 10.47 -1.74
CA ALA A 89 5.59 10.60 -3.14
C ALA A 89 4.08 10.76 -3.32
N GLU A 90 3.44 11.30 -2.28
CA GLU A 90 1.99 11.51 -2.32
C GLU A 90 1.53 11.89 -3.73
N GLU A 91 2.41 12.56 -4.47
CA GLU A 91 2.09 12.98 -5.83
C GLU A 91 1.26 11.92 -6.54
N TRP A 92 1.50 10.66 -6.20
CA TRP A 92 0.78 9.55 -6.81
C TRP A 92 -0.71 9.63 -6.50
N TYR A 93 -1.03 9.89 -5.24
CA TYR A 93 -2.42 9.99 -4.80
C TYR A 93 -3.00 11.36 -5.14
N PHE A 94 -2.13 12.38 -5.12
CA PHE A 94 -2.55 13.74 -5.42
C PHE A 94 -3.11 13.84 -6.83
N GLY A 95 -2.34 13.33 -7.79
CA GLY A 95 -2.77 13.39 -9.18
C GLY A 95 -3.57 12.16 -9.58
N LYS A 96 -3.07 10.99 -9.21
CA LYS A 96 -3.75 9.74 -9.54
C LYS A 96 -4.68 9.31 -8.42
N MET A 97 -5.51 10.25 -7.96
CA MET A 97 -6.47 9.97 -6.89
C MET A 97 -7.56 9.02 -7.37
N GLY A 98 -8.20 8.34 -6.43
CA GLY A 98 -9.26 7.41 -6.77
C GLY A 98 -10.61 7.84 -6.23
N ARG A 99 -11.40 6.88 -5.77
CA ARG A 99 -12.72 7.17 -5.24
C ARG A 99 -12.62 7.78 -3.84
N LYS A 100 -11.58 7.39 -3.10
CA LYS A 100 -11.36 7.91 -1.76
C LYS A 100 -12.69 8.23 -1.08
N ASP A 101 -13.69 7.39 -1.31
CA ASP A 101 -15.02 7.59 -0.72
C ASP A 101 -14.96 7.46 0.80
N ALA A 102 -14.67 8.57 1.47
CA ALA A 102 -14.59 8.58 2.93
C ALA A 102 -15.95 8.35 3.56
N GLU A 103 -16.34 7.09 3.68
CA GLU A 103 -17.63 6.73 4.27
C GLU A 103 -17.72 7.20 5.71
N SER A 104 -18.49 8.26 5.94
CA SER A 104 -18.66 8.81 7.28
C SER A 104 -17.36 8.71 8.07
N GLY A 105 -16.27 9.16 7.45
CA GLY A 105 -14.97 9.12 8.11
C GLY A 105 -14.75 10.30 9.03
N PRO A 106 -14.04 10.06 10.15
CA PRO A 106 -13.74 11.11 11.14
C PRO A 106 -12.76 12.15 10.60
N SER A 107 -12.86 13.37 11.10
CA SER A 107 -11.99 14.46 10.67
C SER A 107 -11.84 15.50 11.78
N SER A 108 -10.65 16.08 11.87
CA SER A 108 -10.38 17.09 12.89
C SER A 108 -10.66 18.49 12.35
N GLY A 109 -10.03 18.83 11.23
CA GLY A 109 -10.22 20.13 10.63
C GLY A 109 -10.55 20.05 9.14
N GLY A 1 23.19 10.75 -9.22
CA GLY A 1 21.76 10.71 -9.51
C GLY A 1 21.45 9.88 -10.74
N SER A 2 20.26 9.27 -10.75
CA SER A 2 19.84 8.44 -11.88
C SER A 2 18.33 8.49 -12.04
N SER A 3 17.84 7.90 -13.13
CA SER A 3 16.42 7.88 -13.42
C SER A 3 15.98 6.50 -13.93
N GLY A 4 14.68 6.35 -14.14
CA GLY A 4 14.16 5.08 -14.62
C GLY A 4 12.65 5.11 -14.81
N SER A 5 12.14 4.12 -15.53
CA SER A 5 10.70 4.04 -15.80
C SER A 5 10.29 2.60 -16.08
N SER A 6 9.34 2.10 -15.30
CA SER A 6 8.85 0.74 -15.45
C SER A 6 7.60 0.50 -14.60
N GLY A 7 6.59 -0.11 -15.20
CA GLY A 7 5.35 -0.39 -14.49
C GLY A 7 4.18 -0.61 -15.41
N ALA A 8 3.14 -1.26 -14.90
CA ALA A 8 1.95 -1.54 -15.69
C ALA A 8 0.82 -2.07 -14.82
N SER A 9 -0.42 -1.79 -15.21
CA SER A 9 -1.59 -2.22 -14.47
C SER A 9 -2.77 -2.50 -15.40
N SER A 10 -3.44 -3.62 -15.18
CA SER A 10 -4.59 -3.99 -16.00
C SER A 10 -5.85 -3.28 -15.54
N SER A 11 -5.71 -1.99 -15.21
CA SER A 11 -6.83 -1.19 -14.75
C SER A 11 -7.80 -2.03 -13.91
N PHE A 12 -7.23 -2.89 -13.07
CA PHE A 12 -8.05 -3.76 -12.22
C PHE A 12 -7.56 -3.70 -10.78
N SER A 13 -8.04 -2.71 -10.04
CA SER A 13 -7.66 -2.55 -8.64
C SER A 13 -8.57 -1.54 -7.93
N VAL A 14 -8.98 -1.88 -6.72
CA VAL A 14 -9.87 -1.02 -5.94
C VAL A 14 -9.18 -0.56 -4.66
N VAL A 15 -9.37 0.71 -4.32
CA VAL A 15 -8.78 1.28 -3.11
C VAL A 15 -9.50 2.54 -2.68
N SER A 16 -9.81 2.62 -1.39
CA SER A 16 -10.51 3.78 -0.85
C SER A 16 -9.95 5.08 -1.43
N SER A 17 -10.84 6.03 -1.71
CA SER A 17 -10.43 7.31 -2.26
C SER A 17 -10.04 8.29 -1.16
N SER A 18 -10.79 8.25 -0.06
CA SER A 18 -10.52 9.13 1.07
C SER A 18 -10.12 8.34 2.30
N TYR A 19 -8.93 8.60 2.81
CA TYR A 19 -8.43 7.91 3.99
C TYR A 19 -9.17 8.35 5.24
N PRO A 20 -9.26 7.44 6.23
CA PRO A 20 -9.95 7.71 7.50
C PRO A 20 -9.18 8.71 8.36
N THR A 21 -9.85 9.22 9.40
CA THR A 21 -9.23 10.17 10.30
C THR A 21 -8.75 9.49 11.58
N GLY A 22 -7.73 10.07 12.21
CA GLY A 22 -7.20 9.50 13.43
C GLY A 22 -6.66 8.09 13.24
N LEU A 23 -5.41 7.99 12.82
CA LEU A 23 -4.78 6.69 12.60
C LEU A 23 -3.59 6.50 13.53
N THR A 24 -3.78 5.70 14.57
CA THR A 24 -2.71 5.42 15.52
C THR A 24 -2.79 3.99 16.04
N GLY A 25 -1.63 3.35 16.19
CA GLY A 25 -1.59 1.99 16.66
C GLY A 25 -0.19 1.40 16.63
N GLY A 26 -0.11 0.07 16.69
CA GLY A 26 1.19 -0.59 16.67
C GLY A 26 1.70 -0.80 15.26
N VAL A 27 0.80 -1.11 14.34
CA VAL A 27 1.17 -1.34 12.95
C VAL A 27 1.03 -0.06 12.13
N THR A 28 1.98 0.16 11.22
CA THR A 28 1.97 1.34 10.37
C THR A 28 1.52 0.99 8.95
N ILE A 29 0.56 1.77 8.44
CA ILE A 29 0.05 1.55 7.09
C ILE A 29 1.06 1.97 6.04
N PHE A 30 1.19 1.17 4.99
CA PHE A 30 2.13 1.46 3.91
C PHE A 30 1.52 1.13 2.56
N VAL A 31 1.83 1.95 1.55
CA VAL A 31 1.30 1.74 0.21
C VAL A 31 2.43 1.54 -0.79
N ALA A 32 2.17 0.71 -1.80
CA ALA A 32 3.17 0.42 -2.83
C ALA A 32 3.02 1.38 -4.01
N LEU A 33 4.02 2.22 -4.22
CA LEU A 33 4.00 3.18 -5.32
C LEU A 33 4.41 2.52 -6.63
N TYR A 34 5.33 1.56 -6.55
CA TYR A 34 5.81 0.85 -7.72
C TYR A 34 5.41 -0.62 -7.67
N ASP A 35 5.20 -1.21 -8.84
CA ASP A 35 4.81 -2.62 -8.92
C ASP A 35 6.03 -3.52 -8.77
N TYR A 36 6.02 -4.35 -7.73
CA TYR A 36 7.13 -5.26 -7.47
C TYR A 36 6.67 -6.72 -7.60
N GLU A 37 7.64 -7.63 -7.69
CA GLU A 37 7.34 -9.04 -7.82
C GLU A 37 8.22 -9.88 -6.90
N ALA A 38 7.59 -10.60 -5.98
CA ALA A 38 8.33 -11.43 -5.03
C ALA A 38 9.30 -12.36 -5.76
N ARG A 39 10.58 -12.25 -5.43
CA ARG A 39 11.60 -13.08 -6.05
C ARG A 39 11.57 -14.49 -5.48
N THR A 40 11.42 -14.59 -4.16
CA THR A 40 11.38 -15.89 -3.50
C THR A 40 10.17 -15.99 -2.57
N THR A 41 10.09 -17.10 -1.83
CA THR A 41 8.99 -17.32 -0.90
C THR A 41 9.01 -16.27 0.22
N GLU A 42 10.18 -16.02 0.78
CA GLU A 42 10.32 -15.05 1.86
C GLU A 42 9.91 -13.67 1.39
N ASP A 43 10.02 -13.42 0.09
CA ASP A 43 9.66 -12.13 -0.48
C ASP A 43 8.14 -12.01 -0.63
N LEU A 44 7.62 -10.83 -0.32
CA LEU A 44 6.18 -10.58 -0.42
C LEU A 44 5.82 -9.99 -1.77
N SER A 45 4.82 -10.56 -2.42
CA SER A 45 4.38 -10.08 -3.72
C SER A 45 3.36 -8.95 -3.58
N PHE A 46 3.74 -7.76 -4.05
CA PHE A 46 2.86 -6.60 -3.97
C PHE A 46 2.86 -5.84 -5.29
N LYS A 47 1.82 -5.03 -5.49
CA LYS A 47 1.69 -4.24 -6.71
C LYS A 47 1.43 -2.78 -6.38
N LYS A 48 1.57 -1.91 -7.39
CA LYS A 48 1.35 -0.48 -7.21
C LYS A 48 -0.10 -0.20 -6.83
N GLY A 49 -0.30 0.31 -5.62
CA GLY A 49 -1.65 0.61 -5.15
C GLY A 49 -2.17 -0.43 -4.20
N GLU A 50 -1.27 -1.16 -3.55
CA GLU A 50 -1.66 -2.19 -2.60
C GLU A 50 -1.15 -1.88 -1.20
N ARG A 51 -1.99 -2.10 -0.21
CA ARG A 51 -1.62 -1.84 1.18
C ARG A 51 -1.07 -3.10 1.85
N PHE A 52 -0.36 -2.92 2.96
CA PHE A 52 0.23 -4.03 3.68
C PHE A 52 0.50 -3.65 5.13
N GLN A 53 0.14 -4.54 6.05
CA GLN A 53 0.36 -4.31 7.47
C GLN A 53 1.79 -4.63 7.87
N ILE A 54 2.54 -3.61 8.25
CA ILE A 54 3.93 -3.78 8.65
C ILE A 54 4.03 -4.58 9.96
N ILE A 55 4.42 -5.84 9.84
CA ILE A 55 4.56 -6.71 11.00
C ILE A 55 5.88 -6.47 11.71
N ASN A 56 6.97 -6.45 10.95
CA ASN A 56 8.30 -6.23 11.51
C ASN A 56 9.08 -5.22 10.67
N ASN A 57 9.67 -4.24 11.33
CA ASN A 57 10.45 -3.21 10.65
C ASN A 57 11.87 -3.14 11.20
N THR A 58 12.47 -4.31 11.42
CA THR A 58 13.83 -4.39 11.95
C THR A 58 14.85 -4.27 10.84
N GLU A 59 14.61 -4.95 9.73
CA GLU A 59 15.52 -4.91 8.59
C GLU A 59 15.19 -3.76 7.66
N GLY A 60 15.98 -2.68 7.75
CA GLY A 60 15.75 -1.52 6.92
C GLY A 60 15.63 -1.88 5.45
N ASP A 61 16.51 -2.76 4.98
CA ASP A 61 16.51 -3.18 3.59
C ASP A 61 15.14 -3.70 3.18
N TRP A 62 14.63 -4.67 3.95
CA TRP A 62 13.33 -5.25 3.66
C TRP A 62 12.50 -5.38 4.94
N TRP A 63 11.21 -5.05 4.84
CA TRP A 63 10.32 -5.13 6.00
C TRP A 63 9.30 -6.25 5.82
N GLU A 64 8.86 -6.81 6.93
CA GLU A 64 7.88 -7.90 6.90
C GLU A 64 6.47 -7.38 7.11
N ALA A 65 5.61 -7.56 6.11
CA ALA A 65 4.23 -7.11 6.18
C ALA A 65 3.27 -8.18 5.68
N ARG A 66 1.99 -8.01 5.98
CA ARG A 66 0.97 -8.96 5.56
C ARG A 66 -0.14 -8.27 4.78
N SER A 67 -0.15 -8.47 3.47
CA SER A 67 -1.15 -7.86 2.60
C SER A 67 -2.55 -7.98 3.22
N ILE A 68 -3.32 -6.91 3.13
CA ILE A 68 -4.68 -6.90 3.67
C ILE A 68 -5.70 -7.30 2.61
N ALA A 69 -5.39 -6.98 1.35
CA ALA A 69 -6.28 -7.30 0.24
C ALA A 69 -6.30 -8.80 -0.03
N THR A 70 -5.14 -9.33 -0.43
CA THR A 70 -5.03 -10.75 -0.73
C THR A 70 -4.86 -11.56 0.55
N GLY A 71 -4.00 -11.10 1.45
CA GLY A 71 -3.77 -11.79 2.70
C GLY A 71 -2.47 -12.57 2.70
N LYS A 72 -1.48 -12.06 1.98
CA LYS A 72 -0.17 -12.70 1.90
C LYS A 72 0.78 -12.11 2.93
N SER A 73 1.99 -12.68 3.00
CA SER A 73 3.00 -12.22 3.95
C SER A 73 4.40 -12.54 3.44
N GLY A 74 5.33 -11.63 3.68
CA GLY A 74 6.71 -11.84 3.25
C GLY A 74 7.61 -10.67 3.60
N TYR A 75 8.43 -10.26 2.64
CA TYR A 75 9.36 -9.15 2.86
C TYR A 75 9.31 -8.17 1.69
N ILE A 76 8.96 -6.93 1.98
CA ILE A 76 8.88 -5.90 0.96
C ILE A 76 9.92 -4.81 1.20
N PRO A 77 10.52 -4.31 0.10
CA PRO A 77 11.54 -3.26 0.15
C PRO A 77 10.96 -1.91 0.57
N SER A 78 11.49 -1.35 1.64
CA SER A 78 11.02 -0.06 2.14
C SER A 78 11.39 1.06 1.18
N ASN A 79 12.09 0.71 0.11
CA ASN A 79 12.50 1.68 -0.90
C ASN A 79 11.46 1.80 -2.00
N TYR A 80 10.41 1.00 -1.91
CA TYR A 80 9.34 1.01 -2.90
C TYR A 80 8.01 1.38 -2.27
N VAL A 81 7.82 0.97 -1.02
CA VAL A 81 6.59 1.25 -0.29
C VAL A 81 6.79 2.39 0.70
N VAL A 82 5.79 3.26 0.81
CA VAL A 82 5.86 4.40 1.72
C VAL A 82 4.61 4.48 2.59
N PRO A 83 4.76 5.06 3.79
CA PRO A 83 3.65 5.21 4.74
C PRO A 83 2.62 6.23 4.27
N ALA A 84 1.35 5.87 4.37
CA ALA A 84 0.27 6.76 3.97
C ALA A 84 0.25 8.03 4.80
N ASP A 85 1.10 8.08 5.82
CA ASP A 85 1.19 9.24 6.70
C ASP A 85 2.32 10.17 6.25
N SER A 86 3.45 9.59 5.89
CA SER A 86 4.60 10.36 5.46
C SER A 86 4.84 10.20 3.95
N ILE A 87 3.77 9.89 3.23
CA ILE A 87 3.85 9.70 1.78
C ILE A 87 4.86 10.66 1.16
N GLN A 88 6.03 10.15 0.83
CA GLN A 88 7.09 10.96 0.22
C GLN A 88 6.79 11.22 -1.25
N ALA A 89 5.94 10.38 -1.84
CA ALA A 89 5.57 10.52 -3.24
C ALA A 89 4.07 10.73 -3.40
N GLU A 90 3.44 11.28 -2.37
CA GLU A 90 2.01 11.53 -2.40
C GLU A 90 1.55 11.92 -3.80
N GLU A 91 2.43 12.58 -4.55
CA GLU A 91 2.12 13.01 -5.91
C GLU A 91 1.27 11.97 -6.62
N TRP A 92 1.49 10.70 -6.29
CA TRP A 92 0.73 9.61 -6.90
C TRP A 92 -0.75 9.71 -6.57
N TYR A 93 -1.05 9.95 -5.30
CA TYR A 93 -2.43 10.07 -4.84
C TYR A 93 -2.99 11.46 -5.15
N PHE A 94 -2.10 12.45 -5.13
CA PHE A 94 -2.50 13.83 -5.39
C PHE A 94 -3.06 13.97 -6.80
N GLY A 95 -2.35 13.40 -7.78
CA GLY A 95 -2.80 13.47 -9.16
C GLY A 95 -3.57 12.23 -9.58
N LYS A 96 -3.00 11.06 -9.31
CA LYS A 96 -3.65 9.81 -9.67
C LYS A 96 -4.44 9.24 -8.50
N MET A 97 -5.77 9.32 -8.61
CA MET A 97 -6.65 8.82 -7.55
C MET A 97 -7.37 7.56 -8.01
N GLY A 98 -8.09 7.65 -9.12
CA GLY A 98 -8.82 6.51 -9.63
C GLY A 98 -10.25 6.85 -9.99
N ARG A 99 -11.14 6.75 -9.02
CA ARG A 99 -12.55 7.04 -9.23
C ARG A 99 -13.14 7.79 -8.04
N LYS A 100 -14.29 8.43 -8.26
CA LYS A 100 -14.95 9.19 -7.21
C LYS A 100 -16.09 8.38 -6.59
N ASP A 101 -16.05 8.23 -5.27
CA ASP A 101 -17.07 7.48 -4.55
C ASP A 101 -17.67 8.31 -3.42
N ALA A 102 -18.68 7.77 -2.76
CA ALA A 102 -19.33 8.46 -1.65
C ALA A 102 -18.93 7.84 -0.31
N GLU A 103 -18.07 8.54 0.43
CA GLU A 103 -17.61 8.06 1.72
C GLU A 103 -16.76 9.12 2.41
N SER A 104 -17.31 9.72 3.47
CA SER A 104 -16.59 10.75 4.21
C SER A 104 -17.05 10.77 5.68
N GLY A 105 -16.08 10.92 6.58
CA GLY A 105 -16.40 10.96 7.99
C GLY A 105 -16.19 12.32 8.60
N PRO A 106 -17.19 13.20 8.46
CA PRO A 106 -17.13 14.56 8.99
C PRO A 106 -17.20 14.60 10.51
N SER A 107 -16.06 14.84 11.15
CA SER A 107 -15.99 14.89 12.60
C SER A 107 -14.79 15.73 13.06
N SER A 108 -14.91 16.33 14.24
CA SER A 108 -13.85 17.15 14.79
C SER A 108 -12.93 16.34 15.69
N GLY A 109 -11.67 16.76 15.78
CA GLY A 109 -10.71 16.05 16.61
C GLY A 109 -10.08 16.94 17.66
N GLY A 1 6.10 -13.80 -19.01
CA GLY A 1 6.32 -14.33 -17.68
C GLY A 1 5.28 -13.86 -16.69
N SER A 2 4.06 -14.37 -16.83
CA SER A 2 2.97 -13.99 -15.94
C SER A 2 2.33 -15.22 -15.30
N SER A 3 2.94 -15.70 -14.22
CA SER A 3 2.43 -16.87 -13.51
C SER A 3 2.58 -16.71 -12.00
N GLY A 4 1.45 -16.51 -11.32
CA GLY A 4 1.49 -16.34 -9.88
C GLY A 4 0.10 -16.38 -9.26
N SER A 5 -0.50 -17.57 -9.24
CA SER A 5 -1.83 -17.75 -8.69
C SER A 5 -1.86 -17.37 -7.22
N SER A 6 -2.97 -16.77 -6.79
CA SER A 6 -3.12 -16.34 -5.39
C SER A 6 -3.94 -17.37 -4.60
N GLY A 7 -5.10 -17.73 -5.13
CA GLY A 7 -5.96 -18.69 -4.47
C GLY A 7 -7.20 -18.05 -3.89
N ALA A 8 -7.86 -18.77 -2.98
CA ALA A 8 -9.08 -18.26 -2.36
C ALA A 8 -8.76 -17.54 -1.05
N SER A 9 -8.82 -16.21 -1.09
CA SER A 9 -8.53 -15.41 0.10
C SER A 9 -9.82 -14.79 0.66
N SER A 10 -10.88 -15.59 0.69
CA SER A 10 -12.17 -15.14 1.20
C SER A 10 -12.87 -16.25 1.96
N SER A 11 -14.04 -15.93 2.51
CA SER A 11 -14.82 -16.90 3.27
C SER A 11 -16.02 -17.38 2.46
N PHE A 12 -16.49 -18.58 2.78
CA PHE A 12 -17.64 -19.17 2.08
C PHE A 12 -18.73 -18.13 1.87
N SER A 13 -19.06 -17.39 2.94
CA SER A 13 -20.09 -16.36 2.87
C SER A 13 -19.51 -14.99 3.16
N VAL A 14 -18.93 -14.84 4.35
CA VAL A 14 -18.34 -13.57 4.76
C VAL A 14 -17.11 -13.80 5.63
N VAL A 15 -16.10 -12.94 5.45
CA VAL A 15 -14.86 -13.04 6.21
C VAL A 15 -15.12 -12.86 7.70
N SER A 16 -14.49 -13.70 8.52
CA SER A 16 -14.66 -13.63 9.96
C SER A 16 -13.71 -12.61 10.57
N SER A 17 -14.23 -11.42 10.85
CA SER A 17 -13.43 -10.35 11.43
C SER A 17 -14.09 -9.79 12.69
N SER A 18 -13.75 -10.36 13.84
CA SER A 18 -14.32 -9.92 15.10
C SER A 18 -13.24 -9.32 16.01
N TYR A 19 -12.94 -8.05 15.80
CA TYR A 19 -11.93 -7.37 16.59
C TYR A 19 -12.41 -6.00 17.05
N PRO A 20 -11.89 -5.54 18.20
CA PRO A 20 -12.27 -4.24 18.77
C PRO A 20 -11.74 -3.07 17.94
N THR A 21 -11.97 -1.85 18.42
CA THR A 21 -11.52 -0.65 17.73
C THR A 21 -10.33 -0.02 18.45
N GLY A 22 -9.25 0.19 17.72
CA GLY A 22 -8.07 0.79 18.31
C GLY A 22 -7.40 -0.11 19.34
N LEU A 23 -6.53 -1.00 18.86
CA LEU A 23 -5.83 -1.93 19.75
C LEU A 23 -4.37 -1.50 19.93
N THR A 24 -3.72 -2.08 20.94
CA THR A 24 -2.33 -1.77 21.22
C THR A 24 -1.40 -2.47 20.23
N GLY A 25 -0.10 -2.20 20.36
CA GLY A 25 0.88 -2.81 19.47
C GLY A 25 1.69 -1.78 18.71
N GLY A 26 1.96 -2.07 17.44
CA GLY A 26 2.73 -1.16 16.63
C GLY A 26 2.63 -1.46 15.15
N VAL A 27 1.47 -1.15 14.56
CA VAL A 27 1.24 -1.39 13.14
C VAL A 27 1.15 -0.08 12.37
N THR A 28 1.80 -0.04 11.21
CA THR A 28 1.79 1.16 10.38
C THR A 28 1.34 0.83 8.96
N ILE A 29 0.48 1.68 8.40
CA ILE A 29 -0.02 1.48 7.05
C ILE A 29 1.01 1.90 6.02
N PHE A 30 1.13 1.10 4.95
CA PHE A 30 2.08 1.40 3.88
C PHE A 30 1.48 1.08 2.52
N VAL A 31 1.79 1.90 1.53
CA VAL A 31 1.29 1.70 0.18
C VAL A 31 2.43 1.49 -0.81
N ALA A 32 2.19 0.66 -1.82
CA ALA A 32 3.19 0.39 -2.83
C ALA A 32 3.06 1.34 -4.02
N LEU A 33 4.03 2.24 -4.17
CA LEU A 33 4.01 3.20 -5.26
C LEU A 33 4.38 2.53 -6.58
N TYR A 34 5.24 1.52 -6.52
CA TYR A 34 5.66 0.80 -7.71
C TYR A 34 5.28 -0.67 -7.62
N ASP A 35 5.00 -1.27 -8.77
CA ASP A 35 4.62 -2.68 -8.82
C ASP A 35 5.84 -3.58 -8.73
N TYR A 36 5.91 -4.38 -7.67
CA TYR A 36 7.04 -5.28 -7.47
C TYR A 36 6.59 -6.73 -7.56
N GLU A 37 7.55 -7.63 -7.74
CA GLU A 37 7.25 -9.05 -7.85
C GLU A 37 8.18 -9.87 -6.93
N ALA A 38 7.58 -10.62 -6.02
CA ALA A 38 8.33 -11.45 -5.09
C ALA A 38 9.34 -12.32 -5.82
N ARG A 39 10.61 -12.18 -5.47
CA ARG A 39 11.67 -12.96 -6.10
C ARG A 39 11.70 -14.38 -5.54
N THR A 40 11.45 -14.51 -4.24
CA THR A 40 11.45 -15.81 -3.59
C THR A 40 10.23 -15.98 -2.70
N THR A 41 10.18 -17.09 -1.97
CA THR A 41 9.07 -17.37 -1.07
C THR A 41 9.10 -16.46 0.15
N GLU A 42 10.31 -16.09 0.58
CA GLU A 42 10.47 -15.23 1.74
C GLU A 42 10.09 -13.79 1.40
N ASP A 43 10.12 -13.47 0.11
CA ASP A 43 9.78 -12.12 -0.35
C ASP A 43 8.28 -11.98 -0.56
N LEU A 44 7.74 -10.82 -0.19
CA LEU A 44 6.32 -10.55 -0.32
C LEU A 44 6.01 -9.92 -1.68
N SER A 45 5.08 -10.52 -2.40
CA SER A 45 4.68 -10.02 -3.72
C SER A 45 3.56 -8.99 -3.60
N PHE A 46 3.87 -7.74 -3.92
CA PHE A 46 2.89 -6.67 -3.85
C PHE A 46 2.73 -5.99 -5.20
N LYS A 47 1.71 -5.15 -5.33
CA LYS A 47 1.45 -4.43 -6.57
C LYS A 47 1.27 -2.94 -6.31
N LYS A 48 1.35 -2.15 -7.37
CA LYS A 48 1.21 -0.70 -7.26
C LYS A 48 -0.19 -0.33 -6.80
N GLY A 49 -0.28 0.26 -5.60
CA GLY A 49 -1.57 0.65 -5.06
C GLY A 49 -2.12 -0.36 -4.09
N GLU A 50 -1.24 -1.18 -3.52
CA GLU A 50 -1.66 -2.21 -2.57
C GLU A 50 -1.14 -1.89 -1.17
N ARG A 51 -1.97 -2.14 -0.17
CA ARG A 51 -1.59 -1.87 1.22
C ARG A 51 -1.05 -3.14 1.89
N PHE A 52 -0.36 -2.95 3.01
CA PHE A 52 0.22 -4.08 3.74
C PHE A 52 0.51 -3.69 5.19
N GLN A 53 0.18 -4.58 6.12
CA GLN A 53 0.41 -4.32 7.53
C GLN A 53 1.85 -4.63 7.92
N ILE A 54 2.60 -3.59 8.24
CA ILE A 54 4.01 -3.75 8.63
C ILE A 54 4.14 -4.52 9.94
N ILE A 55 4.53 -5.78 9.83
CA ILE A 55 4.68 -6.63 11.02
C ILE A 55 6.02 -6.36 11.71
N ASN A 56 7.08 -6.28 10.91
CA ASN A 56 8.42 -6.02 11.45
C ASN A 56 9.22 -5.13 10.51
N ASN A 57 9.79 -4.06 11.06
CA ASN A 57 10.59 -3.12 10.28
C ASN A 57 12.00 -3.01 10.83
N THR A 58 12.58 -4.16 11.19
CA THR A 58 13.94 -4.18 11.73
C THR A 58 14.97 -4.07 10.63
N GLU A 59 14.75 -4.79 9.53
CA GLU A 59 15.67 -4.77 8.40
C GLU A 59 15.33 -3.64 7.44
N GLY A 60 16.10 -2.55 7.52
CA GLY A 60 15.86 -1.42 6.64
C GLY A 60 15.74 -1.81 5.19
N ASP A 61 16.54 -2.80 4.78
CA ASP A 61 16.52 -3.28 3.40
C ASP A 61 15.13 -3.80 3.03
N TRP A 62 14.60 -4.69 3.85
CA TRP A 62 13.29 -5.28 3.62
C TRP A 62 12.50 -5.40 4.91
N TRP A 63 11.21 -5.07 4.85
CA TRP A 63 10.34 -5.14 6.02
C TRP A 63 9.31 -6.25 5.87
N GLU A 64 8.93 -6.85 6.99
CA GLU A 64 7.94 -7.92 6.98
C GLU A 64 6.54 -7.38 7.17
N ALA A 65 5.70 -7.55 6.15
CA ALA A 65 4.32 -7.08 6.19
C ALA A 65 3.36 -8.13 5.66
N ARG A 66 2.09 -8.00 6.04
CA ARG A 66 1.06 -8.95 5.59
C ARG A 66 -0.05 -8.22 4.86
N SER A 67 -0.09 -8.39 3.53
CA SER A 67 -1.11 -7.75 2.71
C SER A 67 -2.50 -7.92 3.33
N ILE A 68 -3.29 -6.87 3.27
CA ILE A 68 -4.64 -6.90 3.83
C ILE A 68 -5.67 -7.26 2.76
N ALA A 69 -5.30 -7.05 1.50
CA ALA A 69 -6.18 -7.36 0.38
C ALA A 69 -6.13 -8.84 0.02
N THR A 70 -4.94 -9.30 -0.38
CA THR A 70 -4.74 -10.69 -0.75
C THR A 70 -4.51 -11.56 0.48
N GLY A 71 -3.94 -10.96 1.51
CA GLY A 71 -3.67 -11.70 2.73
C GLY A 71 -2.31 -12.38 2.71
N LYS A 72 -1.50 -12.03 1.73
CA LYS A 72 -0.16 -12.61 1.60
C LYS A 72 0.76 -12.08 2.70
N SER A 73 1.96 -12.67 2.78
CA SER A 73 2.93 -12.27 3.79
C SER A 73 4.35 -12.54 3.31
N GLY A 74 5.28 -11.67 3.68
CA GLY A 74 6.67 -11.83 3.27
C GLY A 74 7.52 -10.63 3.61
N TYR A 75 8.41 -10.27 2.70
CA TYR A 75 9.30 -9.13 2.90
C TYR A 75 9.20 -8.16 1.72
N ILE A 76 8.95 -6.88 2.03
CA ILE A 76 8.83 -5.86 1.00
C ILE A 76 9.87 -4.76 1.21
N PRO A 77 10.46 -4.28 0.11
CA PRO A 77 11.47 -3.22 0.14
C PRO A 77 10.88 -1.87 0.52
N SER A 78 11.44 -1.25 1.55
CA SER A 78 10.95 0.04 2.03
C SER A 78 11.28 1.14 1.01
N ASN A 79 12.09 0.80 0.02
CA ASN A 79 12.48 1.75 -1.01
C ASN A 79 11.42 1.83 -2.11
N TYR A 80 10.38 1.02 -1.96
CA TYR A 80 9.29 0.99 -2.94
C TYR A 80 7.96 1.35 -2.29
N VAL A 81 7.79 0.92 -1.05
CA VAL A 81 6.56 1.21 -0.31
C VAL A 81 6.76 2.33 0.69
N VAL A 82 5.76 3.21 0.82
CA VAL A 82 5.84 4.33 1.73
C VAL A 82 4.58 4.41 2.59
N PRO A 83 4.72 4.99 3.80
CA PRO A 83 3.61 5.15 4.74
C PRO A 83 2.59 6.17 4.26
N ALA A 84 1.31 5.82 4.37
CA ALA A 84 0.23 6.71 3.95
C ALA A 84 0.20 7.97 4.80
N ASP A 85 1.05 8.01 5.82
CA ASP A 85 1.11 9.15 6.72
C ASP A 85 2.23 10.10 6.31
N SER A 86 3.38 9.53 5.95
CA SER A 86 4.53 10.32 5.53
C SER A 86 4.77 10.21 4.03
N ILE A 87 3.71 9.86 3.30
CA ILE A 87 3.80 9.71 1.85
C ILE A 87 4.80 10.69 1.26
N GLN A 88 5.99 10.19 0.91
CA GLN A 88 7.02 11.03 0.33
C GLN A 88 6.75 11.32 -1.14
N ALA A 89 5.92 10.47 -1.75
CA ALA A 89 5.57 10.62 -3.16
C ALA A 89 4.06 10.81 -3.33
N GLU A 90 3.41 11.34 -2.30
CA GLU A 90 1.98 11.57 -2.34
C GLU A 90 1.53 11.97 -3.73
N GLU A 91 2.41 12.64 -4.47
CA GLU A 91 2.11 13.10 -5.82
C GLU A 91 1.27 12.06 -6.56
N TRP A 92 1.51 10.79 -6.26
CA TRP A 92 0.78 9.69 -6.89
C TRP A 92 -0.71 9.79 -6.59
N TYR A 93 -1.04 10.03 -5.33
CA TYR A 93 -2.44 10.14 -4.92
C TYR A 93 -2.99 11.52 -5.24
N PHE A 94 -2.12 12.53 -5.18
CA PHE A 94 -2.53 13.90 -5.47
C PHE A 94 -3.07 14.02 -6.90
N GLY A 95 -2.35 13.43 -7.85
CA GLY A 95 -2.77 13.48 -9.24
C GLY A 95 -3.47 12.21 -9.68
N LYS A 96 -2.84 11.08 -9.42
CA LYS A 96 -3.41 9.78 -9.80
C LYS A 96 -4.17 9.17 -8.63
N MET A 97 -5.46 9.44 -8.57
CA MET A 97 -6.30 8.91 -7.51
C MET A 97 -6.98 7.61 -7.94
N GLY A 98 -7.60 6.93 -6.99
CA GLY A 98 -8.28 5.67 -7.29
C GLY A 98 -9.59 5.52 -6.55
N ARG A 99 -10.69 5.50 -7.29
CA ARG A 99 -12.01 5.36 -6.69
C ARG A 99 -12.31 3.90 -6.37
N LYS A 100 -12.02 3.51 -5.13
CA LYS A 100 -12.26 2.13 -4.70
C LYS A 100 -13.72 1.74 -4.90
N ASP A 101 -13.94 0.63 -5.59
CA ASP A 101 -15.29 0.14 -5.86
C ASP A 101 -15.51 -1.22 -5.21
N ALA A 102 -16.31 -1.25 -4.15
CA ALA A 102 -16.60 -2.49 -3.44
C ALA A 102 -16.83 -3.64 -4.42
N GLU A 103 -15.83 -4.50 -4.55
CA GLU A 103 -15.92 -5.63 -5.45
C GLU A 103 -16.57 -6.83 -4.76
N SER A 104 -17.89 -6.87 -4.76
CA SER A 104 -18.62 -7.95 -4.12
C SER A 104 -19.42 -8.75 -5.15
N GLY A 105 -19.16 -10.05 -5.21
CA GLY A 105 -19.86 -10.90 -6.16
C GLY A 105 -19.51 -12.37 -5.99
N PRO A 106 -19.72 -13.16 -7.05
CA PRO A 106 -19.43 -14.60 -7.04
C PRO A 106 -17.93 -14.89 -7.00
N SER A 107 -17.41 -15.18 -5.81
CA SER A 107 -16.00 -15.47 -5.65
C SER A 107 -15.60 -16.73 -6.41
N SER A 108 -14.39 -16.73 -6.96
CA SER A 108 -13.90 -17.86 -7.73
C SER A 108 -13.05 -18.78 -6.85
N GLY A 109 -13.63 -19.23 -5.75
CA GLY A 109 -12.91 -20.11 -4.84
C GLY A 109 -13.36 -21.56 -4.95
N GLY A 1 -15.59 7.54 -47.22
CA GLY A 1 -15.33 7.26 -45.81
C GLY A 1 -16.01 8.26 -44.89
N SER A 2 -16.55 7.76 -43.78
CA SER A 2 -17.23 8.62 -42.82
C SER A 2 -17.62 7.83 -41.57
N SER A 3 -17.93 8.55 -40.51
CA SER A 3 -18.33 7.92 -39.25
C SER A 3 -18.78 8.96 -38.23
N GLY A 4 -19.35 8.49 -37.12
CA GLY A 4 -19.82 9.40 -36.10
C GLY A 4 -19.91 8.72 -34.74
N SER A 5 -19.93 9.53 -33.68
CA SER A 5 -20.01 9.01 -32.32
C SER A 5 -20.28 10.14 -31.32
N SER A 6 -20.54 9.76 -30.08
CA SER A 6 -20.81 10.74 -29.03
C SER A 6 -19.76 10.66 -27.93
N GLY A 7 -19.75 11.67 -27.05
CA GLY A 7 -18.79 11.70 -25.97
C GLY A 7 -19.40 11.27 -24.64
N ALA A 8 -18.69 10.41 -23.92
CA ALA A 8 -19.15 9.92 -22.63
C ALA A 8 -18.21 10.35 -21.51
N SER A 9 -18.79 10.70 -20.36
CA SER A 9 -18.00 11.13 -19.21
C SER A 9 -18.80 10.95 -17.91
N SER A 10 -18.17 10.29 -16.95
CA SER A 10 -18.82 10.05 -15.66
C SER A 10 -18.22 10.94 -14.57
N SER A 11 -18.82 10.89 -13.39
CA SER A 11 -18.36 11.70 -12.27
C SER A 11 -17.62 10.84 -11.24
N PHE A 12 -18.27 9.76 -10.82
CA PHE A 12 -17.68 8.86 -9.83
C PHE A 12 -17.45 9.57 -8.50
N SER A 13 -18.34 10.51 -8.18
CA SER A 13 -18.23 11.26 -6.94
C SER A 13 -18.32 10.33 -5.73
N VAL A 14 -17.19 9.75 -5.36
CA VAL A 14 -17.13 8.84 -4.22
C VAL A 14 -15.99 9.21 -3.29
N VAL A 15 -16.34 9.71 -2.10
CA VAL A 15 -15.33 10.10 -1.11
C VAL A 15 -15.83 9.84 0.30
N SER A 16 -14.90 9.59 1.22
CA SER A 16 -15.25 9.33 2.61
C SER A 16 -15.53 10.64 3.35
N SER A 17 -16.31 10.54 4.42
CA SER A 17 -16.66 11.71 5.22
C SER A 17 -15.43 12.26 5.94
N SER A 18 -14.85 11.45 6.82
CA SER A 18 -13.67 11.85 7.57
C SER A 18 -13.13 10.69 8.39
N TYR A 19 -12.00 10.92 9.06
CA TYR A 19 -11.38 9.88 9.87
C TYR A 19 -10.50 10.50 10.96
N PRO A 20 -10.35 9.79 12.09
CA PRO A 20 -9.54 10.25 13.22
C PRO A 20 -8.05 10.24 12.90
N THR A 21 -7.30 11.09 13.61
CA THR A 21 -5.86 11.18 13.40
C THR A 21 -5.11 10.39 14.46
N GLY A 22 -5.64 9.23 14.80
CA GLY A 22 -5.00 8.39 15.80
C GLY A 22 -4.70 6.99 15.28
N LEU A 23 -4.30 6.91 14.02
CA LEU A 23 -3.99 5.62 13.40
C LEU A 23 -2.53 5.25 13.63
N THR A 24 -2.05 5.51 14.85
CA THR A 24 -0.66 5.21 15.20
C THR A 24 -0.61 4.35 16.46
N GLY A 25 -0.17 3.11 16.30
CA GLY A 25 -0.06 2.20 17.43
C GLY A 25 -0.16 0.75 17.03
N GLY A 26 0.98 0.06 17.03
CA GLY A 26 1.01 -1.34 16.66
C GLY A 26 1.57 -1.56 15.26
N VAL A 27 0.74 -1.33 14.25
CA VAL A 27 1.15 -1.51 12.86
C VAL A 27 1.00 -0.21 12.07
N THR A 28 1.93 0.04 11.16
CA THR A 28 1.90 1.25 10.35
C THR A 28 1.45 0.93 8.93
N ILE A 29 0.53 1.74 8.41
CA ILE A 29 0.00 1.55 7.06
C ILE A 29 1.02 1.98 6.02
N PHE A 30 1.16 1.18 4.96
CA PHE A 30 2.10 1.48 3.89
C PHE A 30 1.48 1.18 2.53
N VAL A 31 1.80 2.02 1.54
CA VAL A 31 1.28 1.83 0.19
C VAL A 31 2.41 1.60 -0.80
N ALA A 32 2.14 0.77 -1.80
CA ALA A 32 3.14 0.45 -2.83
C ALA A 32 3.05 1.44 -4.00
N LEU A 33 4.10 2.20 -4.20
CA LEU A 33 4.14 3.18 -5.28
C LEU A 33 4.54 2.52 -6.60
N TYR A 34 5.41 1.51 -6.52
CA TYR A 34 5.86 0.80 -7.70
C TYR A 34 5.45 -0.67 -7.65
N ASP A 35 5.24 -1.27 -8.81
CA ASP A 35 4.85 -2.67 -8.90
C ASP A 35 6.06 -3.58 -8.76
N TYR A 36 6.03 -4.46 -7.75
CA TYR A 36 7.12 -5.38 -7.50
C TYR A 36 6.64 -6.82 -7.56
N GLU A 37 7.52 -7.73 -7.95
CA GLU A 37 7.18 -9.15 -8.03
C GLU A 37 8.05 -9.98 -7.09
N ALA A 38 7.42 -10.68 -6.17
CA ALA A 38 8.13 -11.52 -5.22
C ALA A 38 9.10 -12.45 -5.92
N ARG A 39 10.40 -12.14 -5.83
CA ARG A 39 11.42 -12.96 -6.46
C ARG A 39 11.41 -14.39 -5.92
N THR A 40 11.35 -14.50 -4.59
CA THR A 40 11.33 -15.80 -3.94
C THR A 40 10.22 -15.88 -2.91
N THR A 41 9.74 -17.10 -2.65
CA THR A 41 8.67 -17.31 -1.68
C THR A 41 8.89 -16.47 -0.43
N GLU A 42 10.15 -16.14 -0.15
CA GLU A 42 10.50 -15.34 1.02
C GLU A 42 10.02 -13.91 0.85
N ASP A 43 10.19 -13.36 -0.35
CA ASP A 43 9.79 -12.00 -0.64
C ASP A 43 8.27 -11.89 -0.75
N LEU A 44 7.74 -10.70 -0.50
CA LEU A 44 6.29 -10.48 -0.57
C LEU A 44 5.91 -9.89 -1.92
N SER A 45 4.88 -10.49 -2.54
CA SER A 45 4.41 -10.03 -3.84
C SER A 45 3.37 -8.92 -3.67
N PHE A 46 3.71 -7.72 -4.13
CA PHE A 46 2.82 -6.58 -4.05
C PHE A 46 2.78 -5.80 -5.36
N LYS A 47 1.72 -5.01 -5.55
CA LYS A 47 1.57 -4.23 -6.76
C LYS A 47 1.31 -2.76 -6.42
N LYS A 48 1.53 -1.89 -7.41
CA LYS A 48 1.33 -0.46 -7.22
C LYS A 48 -0.12 -0.17 -6.80
N GLY A 49 -0.29 0.42 -5.62
CA GLY A 49 -1.62 0.74 -5.14
C GLY A 49 -2.15 -0.30 -4.18
N GLU A 50 -1.25 -1.07 -3.58
CA GLU A 50 -1.64 -2.12 -2.63
C GLU A 50 -1.09 -1.81 -1.24
N ARG A 51 -1.95 -1.97 -0.24
CA ARG A 51 -1.56 -1.72 1.15
C ARG A 51 -1.05 -2.99 1.81
N PHE A 52 -0.38 -2.83 2.95
CA PHE A 52 0.16 -3.96 3.69
C PHE A 52 0.43 -3.59 5.14
N GLN A 53 0.21 -4.54 6.05
CA GLN A 53 0.44 -4.31 7.46
C GLN A 53 1.88 -4.62 7.85
N ILE A 54 2.64 -3.58 8.19
CA ILE A 54 4.03 -3.74 8.58
C ILE A 54 4.15 -4.53 9.89
N ILE A 55 4.56 -5.79 9.79
CA ILE A 55 4.71 -6.64 10.96
C ILE A 55 6.05 -6.39 11.65
N ASN A 56 7.12 -6.32 10.85
CA ASN A 56 8.44 -6.08 11.38
C ASN A 56 9.23 -5.13 10.47
N ASN A 57 9.81 -4.09 11.05
CA ASN A 57 10.59 -3.12 10.30
C ASN A 57 11.97 -2.94 10.91
N THR A 58 12.59 -4.06 11.30
CA THR A 58 13.92 -4.01 11.90
C THR A 58 14.98 -3.60 10.88
N GLU A 59 14.96 -4.25 9.71
CA GLU A 59 15.92 -3.95 8.66
C GLU A 59 15.24 -3.17 7.53
N GLY A 60 15.77 -1.98 7.24
CA GLY A 60 15.22 -1.16 6.19
C GLY A 60 15.18 -1.87 4.85
N ASP A 61 16.28 -2.53 4.51
CA ASP A 61 16.38 -3.26 3.25
C ASP A 61 15.03 -3.88 2.88
N TRP A 62 14.46 -4.64 3.81
CA TRP A 62 13.18 -5.29 3.57
C TRP A 62 12.39 -5.40 4.88
N TRP A 63 11.11 -5.05 4.82
CA TRP A 63 10.25 -5.11 6.00
C TRP A 63 9.21 -6.22 5.85
N GLU A 64 8.93 -6.91 6.95
CA GLU A 64 7.95 -8.00 6.94
C GLU A 64 6.54 -7.46 7.16
N ALA A 65 5.70 -7.60 6.13
CA ALA A 65 4.32 -7.14 6.21
C ALA A 65 3.36 -8.20 5.71
N ARG A 66 2.07 -8.02 6.01
CA ARG A 66 1.05 -8.96 5.59
C ARG A 66 -0.10 -8.25 4.89
N SER A 67 -0.17 -8.41 3.57
CA SER A 67 -1.21 -7.77 2.77
C SER A 67 -2.55 -7.81 3.51
N ILE A 68 -3.31 -6.73 3.38
CA ILE A 68 -4.62 -6.63 4.04
C ILE A 68 -5.74 -7.01 3.08
N ALA A 69 -5.52 -6.77 1.79
CA ALA A 69 -6.51 -7.09 0.78
C ALA A 69 -6.48 -8.57 0.42
N THR A 70 -5.34 -9.04 -0.08
CA THR A 70 -5.17 -10.43 -0.45
C THR A 70 -4.94 -11.30 0.77
N GLY A 71 -4.03 -10.88 1.63
CA GLY A 71 -3.73 -11.64 2.83
C GLY A 71 -2.38 -12.33 2.77
N LYS A 72 -1.58 -11.96 1.77
CA LYS A 72 -0.25 -12.55 1.60
C LYS A 72 0.70 -12.06 2.69
N SER A 73 1.91 -12.60 2.68
CA SER A 73 2.92 -12.22 3.67
C SER A 73 4.33 -12.47 3.13
N GLY A 74 5.26 -11.58 3.49
CA GLY A 74 6.63 -11.72 3.05
C GLY A 74 7.49 -10.54 3.44
N TYR A 75 8.42 -10.17 2.56
CA TYR A 75 9.32 -9.05 2.82
C TYR A 75 9.30 -8.05 1.67
N ILE A 76 8.88 -6.83 1.96
CA ILE A 76 8.81 -5.79 0.94
C ILE A 76 9.83 -4.70 1.22
N PRO A 77 10.48 -4.19 0.15
CA PRO A 77 11.49 -3.14 0.25
C PRO A 77 10.88 -1.80 0.63
N SER A 78 11.36 -1.22 1.73
CA SER A 78 10.86 0.07 2.20
C SER A 78 11.22 1.19 1.22
N ASN A 79 11.98 0.84 0.19
CA ASN A 79 12.40 1.81 -0.82
C ASN A 79 11.33 1.95 -1.90
N TYR A 80 10.40 1.00 -1.95
CA TYR A 80 9.34 1.03 -2.93
C TYR A 80 8.01 1.42 -2.28
N VAL A 81 7.83 1.03 -1.02
CA VAL A 81 6.61 1.33 -0.28
C VAL A 81 6.84 2.49 0.68
N VAL A 82 5.76 3.25 0.95
CA VAL A 82 5.84 4.38 1.86
C VAL A 82 4.59 4.47 2.73
N PRO A 83 4.75 5.06 3.92
CA PRO A 83 3.65 5.22 4.87
C PRO A 83 2.61 6.24 4.39
N ALA A 84 1.34 5.88 4.49
CA ALA A 84 0.26 6.76 4.06
C ALA A 84 0.24 8.03 4.90
N ASP A 85 1.08 8.08 5.92
CA ASP A 85 1.16 9.25 6.80
C ASP A 85 2.28 10.18 6.36
N SER A 86 3.42 9.60 6.00
CA SER A 86 4.58 10.38 5.56
C SER A 86 4.81 10.21 4.07
N ILE A 87 3.75 9.88 3.33
CA ILE A 87 3.84 9.69 1.90
C ILE A 87 4.85 10.66 1.28
N GLN A 88 6.03 10.15 0.95
CA GLN A 88 7.08 10.97 0.34
C GLN A 88 6.79 11.21 -1.13
N ALA A 89 5.97 10.35 -1.72
CA ALA A 89 5.62 10.48 -3.14
C ALA A 89 4.11 10.65 -3.31
N GLU A 90 3.47 11.21 -2.29
CA GLU A 90 2.03 11.44 -2.34
C GLU A 90 1.58 11.80 -3.75
N GLU A 91 2.47 12.46 -4.49
CA GLU A 91 2.15 12.86 -5.87
C GLU A 91 1.32 11.79 -6.58
N TRP A 92 1.56 10.54 -6.21
CA TRP A 92 0.83 9.43 -6.81
C TRP A 92 -0.66 9.51 -6.49
N TYR A 93 -0.98 9.78 -5.23
CA TYR A 93 -2.36 9.88 -4.80
C TYR A 93 -2.93 11.25 -5.12
N PHE A 94 -2.08 12.26 -5.12
CA PHE A 94 -2.49 13.63 -5.42
C PHE A 94 -3.04 13.73 -6.84
N GLY A 95 -2.27 13.22 -7.80
CA GLY A 95 -2.69 13.27 -9.18
C GLY A 95 -3.48 12.04 -9.59
N LYS A 96 -2.97 10.87 -9.21
CA LYS A 96 -3.62 9.61 -9.54
C LYS A 96 -4.46 9.11 -8.38
N MET A 97 -5.78 9.07 -8.57
CA MET A 97 -6.69 8.61 -7.53
C MET A 97 -6.11 7.41 -6.79
N GLY A 98 -5.93 6.30 -7.49
CA GLY A 98 -5.38 5.11 -6.87
C GLY A 98 -5.85 4.93 -5.45
N ARG A 99 -7.12 5.22 -5.20
CA ARG A 99 -7.69 5.11 -3.85
C ARG A 99 -7.98 3.64 -3.52
N LYS A 100 -8.57 3.41 -2.36
CA LYS A 100 -8.91 2.07 -1.92
C LYS A 100 -10.33 2.01 -1.37
N ASP A 101 -11.25 1.46 -2.17
CA ASP A 101 -12.65 1.34 -1.74
C ASP A 101 -12.77 0.43 -0.54
N ALA A 102 -13.04 1.02 0.62
CA ALA A 102 -13.20 0.26 1.85
C ALA A 102 -13.65 1.16 3.01
N GLU A 103 -13.97 0.55 4.14
CA GLU A 103 -14.41 1.29 5.31
C GLU A 103 -13.22 1.97 6.01
N SER A 104 -13.46 3.14 6.56
CA SER A 104 -12.42 3.89 7.26
C SER A 104 -12.35 3.50 8.73
N GLY A 105 -13.52 3.45 9.38
CA GLY A 105 -13.58 3.09 10.79
C GLY A 105 -13.45 4.29 11.70
N PRO A 106 -14.56 5.01 11.88
CA PRO A 106 -14.60 6.20 12.74
C PRO A 106 -14.45 5.86 14.23
N SER A 107 -13.48 6.47 14.88
CA SER A 107 -13.22 6.22 16.29
C SER A 107 -13.06 7.53 17.05
N SER A 108 -13.70 7.62 18.21
CA SER A 108 -13.63 8.83 19.04
C SER A 108 -12.80 8.57 20.29
N GLY A 109 -12.03 9.59 20.70
CA GLY A 109 -11.21 9.45 21.89
C GLY A 109 -10.38 10.69 22.15
N GLY A 1 21.04 0.09 -15.28
CA GLY A 1 20.89 -0.50 -16.59
C GLY A 1 19.66 0.00 -17.33
N SER A 2 19.25 -0.75 -18.36
CA SER A 2 18.09 -0.36 -19.14
C SER A 2 17.10 -1.52 -19.24
N SER A 3 15.83 -1.24 -18.94
CA SER A 3 14.79 -2.25 -18.99
C SER A 3 13.45 -1.64 -19.41
N GLY A 4 12.52 -2.50 -19.79
CA GLY A 4 11.21 -2.02 -20.21
C GLY A 4 10.09 -2.57 -19.35
N SER A 5 8.89 -2.64 -19.91
CA SER A 5 7.72 -3.14 -19.18
C SER A 5 7.52 -4.63 -19.43
N SER A 6 6.67 -5.26 -18.63
CA SER A 6 6.39 -6.68 -18.76
C SER A 6 5.13 -6.91 -19.57
N GLY A 7 4.02 -6.33 -19.11
CA GLY A 7 2.76 -6.49 -19.81
C GLY A 7 1.58 -5.97 -19.02
N ALA A 8 1.62 -4.68 -18.68
CA ALA A 8 0.54 -4.06 -17.91
C ALA A 8 -0.80 -4.19 -18.63
N SER A 9 -1.64 -5.09 -18.14
CA SER A 9 -2.95 -5.31 -18.75
C SER A 9 -3.82 -6.17 -17.83
N SER A 10 -5.09 -5.76 -17.69
CA SER A 10 -6.02 -6.49 -16.84
C SER A 10 -7.44 -6.36 -17.38
N SER A 11 -8.35 -7.17 -16.84
CA SER A 11 -9.75 -7.15 -17.26
C SER A 11 -10.68 -6.98 -16.06
N PHE A 12 -10.54 -7.87 -15.09
CA PHE A 12 -11.37 -7.83 -13.88
C PHE A 12 -10.51 -7.54 -12.65
N SER A 13 -10.39 -6.25 -12.32
CA SER A 13 -9.60 -5.85 -11.16
C SER A 13 -10.51 -5.40 -10.02
N VAL A 14 -9.98 -5.43 -8.80
CA VAL A 14 -10.74 -5.03 -7.62
C VAL A 14 -10.24 -3.69 -7.08
N VAL A 15 -8.92 -3.52 -7.07
CA VAL A 15 -8.32 -2.29 -6.58
C VAL A 15 -9.10 -1.73 -5.39
N SER A 16 -9.57 -2.63 -4.52
CA SER A 16 -10.34 -2.22 -3.35
C SER A 16 -9.90 -3.01 -2.13
N SER A 17 -9.94 -2.38 -0.96
CA SER A 17 -9.54 -3.01 0.29
C SER A 17 -10.73 -3.11 1.25
N SER A 18 -11.13 -4.33 1.57
CA SER A 18 -12.24 -4.56 2.48
C SER A 18 -11.75 -4.78 3.91
N TYR A 19 -11.79 -3.73 4.71
CA TYR A 19 -11.35 -3.82 6.10
C TYR A 19 -11.97 -2.71 6.94
N PRO A 20 -12.27 -3.03 8.21
CA PRO A 20 -12.87 -2.07 9.14
C PRO A 20 -11.90 -0.95 9.55
N THR A 21 -11.86 0.10 8.74
CA THR A 21 -10.98 1.23 9.01
C THR A 21 -10.83 1.46 10.51
N GLY A 22 -9.64 1.92 10.91
CA GLY A 22 -9.39 2.17 12.31
C GLY A 22 -8.28 1.30 12.88
N LEU A 23 -7.28 1.00 12.04
CA LEU A 23 -6.16 0.18 12.47
C LEU A 23 -4.98 1.03 12.90
N THR A 24 -4.70 1.02 14.21
CA THR A 24 -3.60 1.80 14.76
C THR A 24 -3.08 1.17 16.05
N GLY A 25 -1.76 1.04 16.15
CA GLY A 25 -1.15 0.46 17.34
C GLY A 25 -0.12 -0.60 17.01
N GLY A 26 1.14 -0.20 16.99
CA GLY A 26 2.21 -1.13 16.68
C GLY A 26 2.43 -1.29 15.19
N VAL A 27 1.33 -1.46 14.45
CA VAL A 27 1.39 -1.63 13.00
C VAL A 27 1.19 -0.30 12.28
N THR A 28 1.92 -0.12 11.19
CA THR A 28 1.82 1.11 10.41
C THR A 28 1.34 0.82 8.99
N ILE A 29 0.48 1.68 8.46
CA ILE A 29 -0.05 1.52 7.11
C ILE A 29 0.98 1.96 6.07
N PHE A 30 1.10 1.17 5.00
CA PHE A 30 2.04 1.47 3.93
C PHE A 30 1.43 1.16 2.57
N VAL A 31 1.76 1.98 1.58
CA VAL A 31 1.26 1.80 0.22
C VAL A 31 2.39 1.56 -0.76
N ALA A 32 2.11 0.76 -1.79
CA ALA A 32 3.11 0.46 -2.80
C ALA A 32 2.98 1.40 -4.00
N LEU A 33 4.00 2.22 -4.20
CA LEU A 33 4.01 3.18 -5.30
C LEU A 33 4.31 2.48 -6.63
N TYR A 34 5.19 1.49 -6.58
CA TYR A 34 5.57 0.75 -7.77
C TYR A 34 5.13 -0.72 -7.67
N ASP A 35 4.94 -1.36 -8.81
CA ASP A 35 4.52 -2.75 -8.85
C ASP A 35 5.73 -3.68 -8.79
N TYR A 36 5.83 -4.44 -7.70
CA TYR A 36 6.94 -5.37 -7.52
C TYR A 36 6.45 -6.81 -7.53
N GLU A 37 7.38 -7.75 -7.65
CA GLU A 37 7.04 -9.16 -7.66
C GLU A 37 7.97 -9.95 -6.73
N ALA A 38 7.37 -10.67 -5.78
CA ALA A 38 8.14 -11.46 -4.84
C ALA A 38 9.12 -12.39 -5.56
N ARG A 39 10.40 -12.14 -5.38
CA ARG A 39 11.44 -12.95 -6.01
C ARG A 39 11.35 -14.41 -5.55
N THR A 40 11.16 -14.60 -4.25
CA THR A 40 11.07 -15.93 -3.67
C THR A 40 9.95 -16.01 -2.64
N THR A 41 9.79 -17.18 -2.03
CA THR A 41 8.76 -17.40 -1.03
C THR A 41 8.98 -16.49 0.18
N GLU A 42 10.21 -16.00 0.34
CA GLU A 42 10.56 -15.13 1.45
C GLU A 42 10.11 -13.69 1.17
N ASP A 43 10.11 -13.32 -0.11
CA ASP A 43 9.71 -11.98 -0.52
C ASP A 43 8.19 -11.87 -0.64
N LEU A 44 7.67 -10.68 -0.38
CA LEU A 44 6.23 -10.45 -0.47
C LEU A 44 5.86 -9.83 -1.81
N SER A 45 4.87 -10.41 -2.47
CA SER A 45 4.42 -9.92 -3.77
C SER A 45 3.35 -8.84 -3.60
N PHE A 46 3.69 -7.63 -4.00
CA PHE A 46 2.76 -6.50 -3.89
C PHE A 46 2.64 -5.77 -5.21
N LYS A 47 1.47 -5.15 -5.45
CA LYS A 47 1.22 -4.42 -6.68
C LYS A 47 1.12 -2.93 -6.41
N LYS A 48 1.28 -2.12 -7.44
CA LYS A 48 1.19 -0.67 -7.32
C LYS A 48 -0.20 -0.24 -6.85
N GLY A 49 -0.28 0.29 -5.64
CA GLY A 49 -1.55 0.73 -5.10
C GLY A 49 -2.13 -0.27 -4.11
N GLU A 50 -1.29 -1.13 -3.57
CA GLU A 50 -1.72 -2.13 -2.61
C GLU A 50 -1.18 -1.82 -1.21
N ARG A 51 -2.03 -2.00 -0.20
CA ARG A 51 -1.63 -1.74 1.17
C ARG A 51 -1.07 -3.00 1.83
N PHE A 52 -0.38 -2.83 2.94
CA PHE A 52 0.22 -3.95 3.66
C PHE A 52 0.51 -3.58 5.12
N GLN A 53 0.19 -4.49 6.03
CA GLN A 53 0.43 -4.25 7.45
C GLN A 53 1.87 -4.56 7.82
N ILE A 54 2.63 -3.52 8.16
CA ILE A 54 4.02 -3.69 8.54
C ILE A 54 4.16 -4.45 9.85
N ILE A 55 4.58 -5.71 9.78
CA ILE A 55 4.75 -6.54 10.96
C ILE A 55 6.08 -6.27 11.64
N ASN A 56 7.15 -6.22 10.83
CA ASN A 56 8.48 -5.96 11.36
C ASN A 56 9.27 -5.05 10.43
N ASN A 57 9.80 -3.96 10.97
CA ASN A 57 10.57 -3.00 10.19
C ASN A 57 11.92 -2.73 10.84
N THR A 58 12.60 -3.80 11.23
CA THR A 58 13.91 -3.68 11.87
C THR A 58 14.98 -3.31 10.85
N GLU A 59 14.97 -3.99 9.71
CA GLU A 59 15.94 -3.73 8.66
C GLU A 59 15.29 -2.96 7.50
N GLY A 60 15.83 -1.78 7.21
CA GLY A 60 15.30 -0.96 6.13
C GLY A 60 15.26 -1.70 4.82
N ASP A 61 16.32 -2.45 4.52
CA ASP A 61 16.40 -3.21 3.29
C ASP A 61 15.04 -3.80 2.92
N TRP A 62 14.50 -4.62 3.81
CA TRP A 62 13.20 -5.25 3.58
C TRP A 62 12.41 -5.35 4.88
N TRP A 63 11.14 -4.97 4.82
CA TRP A 63 10.27 -5.02 5.99
C TRP A 63 9.20 -6.10 5.83
N GLU A 64 8.95 -6.84 6.90
CA GLU A 64 7.96 -7.90 6.88
C GLU A 64 6.55 -7.34 7.07
N ALA A 65 5.68 -7.60 6.11
CA ALA A 65 4.30 -7.12 6.18
C ALA A 65 3.32 -8.18 5.68
N ARG A 66 2.06 -8.01 6.03
CA ARG A 66 1.02 -8.96 5.63
C ARG A 66 -0.11 -8.24 4.88
N SER A 67 -0.17 -8.46 3.57
CA SER A 67 -1.21 -7.84 2.74
C SER A 67 -2.57 -7.93 3.41
N ILE A 68 -3.30 -6.82 3.40
CA ILE A 68 -4.62 -6.76 4.01
C ILE A 68 -5.70 -7.16 3.01
N ALA A 69 -5.48 -6.80 1.74
CA ALA A 69 -6.43 -7.13 0.69
C ALA A 69 -6.43 -8.61 0.37
N THR A 70 -5.29 -9.12 -0.10
CA THR A 70 -5.15 -10.52 -0.44
C THR A 70 -4.96 -11.38 0.81
N GLY A 71 -3.99 -10.99 1.64
CA GLY A 71 -3.72 -11.74 2.86
C GLY A 71 -2.38 -12.45 2.82
N LYS A 72 -1.55 -12.08 1.85
CA LYS A 72 -0.23 -12.69 1.72
C LYS A 72 0.73 -12.16 2.79
N SER A 73 1.94 -12.70 2.80
CA SER A 73 2.96 -12.28 3.77
C SER A 73 4.36 -12.52 3.23
N GLY A 74 5.28 -11.63 3.59
CA GLY A 74 6.66 -11.76 3.13
C GLY A 74 7.50 -10.56 3.48
N TYR A 75 8.44 -10.21 2.60
CA TYR A 75 9.32 -9.08 2.84
C TYR A 75 9.28 -8.11 1.66
N ILE A 76 8.93 -6.85 1.94
CA ILE A 76 8.87 -5.83 0.90
C ILE A 76 9.92 -4.76 1.12
N PRO A 77 10.50 -4.27 0.02
CA PRO A 77 11.53 -3.22 0.07
C PRO A 77 10.95 -1.86 0.48
N SER A 78 11.52 -1.29 1.54
CA SER A 78 11.06 0.00 2.04
C SER A 78 11.40 1.12 1.06
N ASN A 79 12.10 0.76 -0.01
CA ASN A 79 12.49 1.73 -1.03
C ASN A 79 11.41 1.84 -2.11
N TYR A 80 10.37 1.04 -1.98
CA TYR A 80 9.27 1.04 -2.95
C TYR A 80 7.96 1.42 -2.28
N VAL A 81 7.81 1.02 -1.02
CA VAL A 81 6.60 1.31 -0.26
C VAL A 81 6.82 2.47 0.70
N VAL A 82 5.74 3.19 1.01
CA VAL A 82 5.82 4.33 1.91
C VAL A 82 4.56 4.43 2.77
N PRO A 83 4.70 5.02 3.97
CA PRO A 83 3.59 5.19 4.90
C PRO A 83 2.58 6.22 4.41
N ALA A 84 1.29 5.87 4.50
CA ALA A 84 0.22 6.76 4.06
C ALA A 84 0.19 8.03 4.90
N ASP A 85 1.03 8.07 5.93
CA ASP A 85 1.10 9.23 6.81
C ASP A 85 2.23 10.17 6.39
N SER A 86 3.37 9.58 6.04
CA SER A 86 4.52 10.37 5.62
C SER A 86 4.77 10.22 4.12
N ILE A 87 3.70 9.91 3.38
CA ILE A 87 3.80 9.74 1.94
C ILE A 87 4.80 10.72 1.33
N GLN A 88 5.99 10.23 1.00
CA GLN A 88 7.02 11.07 0.41
C GLN A 88 6.74 11.33 -1.06
N ALA A 89 6.00 10.43 -1.69
CA ALA A 89 5.65 10.57 -3.10
C ALA A 89 4.14 10.74 -3.28
N GLU A 90 3.48 11.27 -2.26
CA GLU A 90 2.04 11.48 -2.31
C GLU A 90 1.59 11.85 -3.72
N GLU A 91 2.47 12.51 -4.47
CA GLU A 91 2.16 12.93 -5.83
C GLU A 91 1.35 11.86 -6.54
N TRP A 92 1.59 10.60 -6.19
CA TRP A 92 0.88 9.48 -6.80
C TRP A 92 -0.61 9.55 -6.51
N TYR A 93 -0.94 9.81 -5.25
CA TYR A 93 -2.33 9.90 -4.82
C TYR A 93 -2.91 11.27 -5.16
N PHE A 94 -2.06 12.29 -5.13
CA PHE A 94 -2.48 13.66 -5.43
C PHE A 94 -3.03 13.76 -6.85
N GLY A 95 -2.25 13.26 -7.81
CA GLY A 95 -2.67 13.30 -9.20
C GLY A 95 -3.44 12.07 -9.62
N LYS A 96 -2.94 10.90 -9.22
CA LYS A 96 -3.59 9.64 -9.55
C LYS A 96 -4.27 9.04 -8.33
N MET A 97 -5.51 9.45 -8.08
CA MET A 97 -6.27 8.96 -6.94
C MET A 97 -7.27 7.90 -7.38
N GLY A 98 -7.14 6.69 -6.84
CA GLY A 98 -8.04 5.61 -7.20
C GLY A 98 -9.48 5.91 -6.82
N ARG A 99 -9.81 5.71 -5.55
CA ARG A 99 -11.16 5.96 -5.06
C ARG A 99 -11.21 5.95 -3.54
N LYS A 100 -11.60 7.08 -2.96
CA LYS A 100 -11.68 7.20 -1.51
C LYS A 100 -12.36 8.50 -1.11
N ASP A 101 -12.98 8.52 0.06
CA ASP A 101 -13.65 9.71 0.57
C ASP A 101 -13.19 10.05 1.98
N ALA A 102 -12.71 11.27 2.16
CA ALA A 102 -12.23 11.72 3.46
C ALA A 102 -13.36 11.76 4.48
N GLU A 103 -13.02 11.90 5.75
CA GLU A 103 -14.00 11.95 6.82
C GLU A 103 -13.36 12.30 8.15
N SER A 104 -14.13 12.89 9.05
CA SER A 104 -13.63 13.28 10.37
C SER A 104 -14.49 12.67 11.47
N GLY A 105 -13.88 12.44 12.62
CA GLY A 105 -14.61 11.87 13.75
C GLY A 105 -14.11 12.40 15.08
N PRO A 106 -14.63 13.56 15.49
CA PRO A 106 -14.25 14.20 16.77
C PRO A 106 -14.76 13.43 17.97
N SER A 107 -13.84 12.92 18.78
CA SER A 107 -14.21 12.15 19.97
C SER A 107 -13.05 12.09 20.95
N SER A 108 -13.34 12.22 22.23
CA SER A 108 -12.32 12.18 23.27
C SER A 108 -12.06 10.74 23.72
N GLY A 109 -13.13 10.06 24.17
CA GLY A 109 -12.99 8.70 24.61
C GLY A 109 -12.84 8.59 26.12
N GLY A 1 -35.62 8.70 -32.81
CA GLY A 1 -34.21 8.90 -33.07
C GLY A 1 -33.47 9.42 -31.85
N SER A 2 -33.98 10.51 -31.28
CA SER A 2 -33.36 11.11 -30.10
C SER A 2 -31.91 11.50 -30.39
N SER A 3 -31.68 12.06 -31.57
CA SER A 3 -30.34 12.46 -31.98
C SER A 3 -30.09 13.94 -31.65
N GLY A 4 -29.34 14.18 -30.58
CA GLY A 4 -29.04 15.54 -30.17
C GLY A 4 -27.98 15.60 -29.10
N SER A 5 -28.42 15.73 -27.86
CA SER A 5 -27.48 15.81 -26.72
C SER A 5 -27.02 14.42 -26.31
N SER A 6 -25.83 14.36 -25.73
CA SER A 6 -25.26 13.09 -25.28
C SER A 6 -25.85 12.67 -23.94
N GLY A 7 -26.84 11.78 -23.99
CA GLY A 7 -27.47 11.31 -22.77
C GLY A 7 -26.58 10.37 -21.97
N ALA A 8 -25.49 10.91 -21.44
CA ALA A 8 -24.55 10.11 -20.66
C ALA A 8 -24.40 10.67 -19.25
N SER A 9 -24.58 9.82 -18.25
CA SER A 9 -24.47 10.22 -16.85
C SER A 9 -23.53 9.30 -16.08
N SER A 10 -22.95 9.81 -15.01
CA SER A 10 -22.04 9.02 -14.18
C SER A 10 -22.24 9.34 -12.71
N SER A 11 -21.72 8.46 -11.84
CA SER A 11 -21.84 8.64 -10.40
C SER A 11 -20.59 8.16 -9.69
N PHE A 12 -20.50 8.46 -8.40
CA PHE A 12 -19.34 8.07 -7.60
C PHE A 12 -19.23 6.54 -7.51
N SER A 13 -18.04 6.02 -7.77
CA SER A 13 -17.80 4.59 -7.74
C SER A 13 -17.85 4.07 -6.30
N VAL A 14 -17.15 4.75 -5.40
CA VAL A 14 -17.10 4.36 -4.00
C VAL A 14 -17.35 5.57 -3.09
N VAL A 15 -18.60 5.77 -2.70
CA VAL A 15 -18.97 6.88 -1.84
C VAL A 15 -18.86 6.49 -0.37
N SER A 16 -18.33 7.39 0.45
CA SER A 16 -18.17 7.13 1.87
C SER A 16 -18.51 8.37 2.69
N SER A 17 -18.71 8.19 3.99
CA SER A 17 -19.04 9.29 4.89
C SER A 17 -18.05 9.37 6.04
N SER A 18 -18.05 8.35 6.89
CA SER A 18 -17.16 8.31 8.04
C SER A 18 -16.33 7.03 8.04
N TYR A 19 -15.17 7.09 8.68
CA TYR A 19 -14.27 5.94 8.74
C TYR A 19 -13.33 6.06 9.93
N PRO A 20 -12.94 4.90 10.49
CA PRO A 20 -12.04 4.85 11.65
C PRO A 20 -10.61 5.25 11.28
N THR A 21 -10.19 6.41 11.78
CA THR A 21 -8.85 6.91 11.51
C THR A 21 -7.88 6.51 12.61
N GLY A 22 -6.59 6.73 12.36
CA GLY A 22 -5.58 6.39 13.34
C GLY A 22 -5.51 4.89 13.61
N LEU A 23 -5.87 4.09 12.60
CA LEU A 23 -5.85 2.65 12.73
C LEU A 23 -4.42 2.13 12.90
N THR A 24 -3.45 2.96 12.52
CA THR A 24 -2.05 2.60 12.63
C THR A 24 -1.75 1.94 13.97
N GLY A 25 -1.80 2.74 15.04
CA GLY A 25 -1.54 2.23 16.37
C GLY A 25 -0.28 1.38 16.42
N GLY A 26 -0.44 0.07 16.53
CA GLY A 26 0.69 -0.82 16.60
C GLY A 26 1.33 -1.04 15.24
N VAL A 27 0.51 -1.20 14.21
CA VAL A 27 1.00 -1.42 12.85
C VAL A 27 0.91 -0.13 12.03
N THR A 28 1.95 0.11 11.22
CA THR A 28 1.99 1.29 10.37
C THR A 28 1.53 0.97 8.95
N ILE A 29 0.57 1.74 8.45
CA ILE A 29 0.05 1.55 7.10
C ILE A 29 1.06 1.99 6.06
N PHE A 30 1.20 1.18 5.01
CA PHE A 30 2.13 1.49 3.94
C PHE A 30 1.52 1.17 2.57
N VAL A 31 1.85 1.98 1.58
CA VAL A 31 1.34 1.79 0.22
C VAL A 31 2.47 1.57 -0.78
N ALA A 32 2.21 0.75 -1.78
CA ALA A 32 3.20 0.46 -2.81
C ALA A 32 3.10 1.44 -3.97
N LEU A 33 4.13 2.28 -4.12
CA LEU A 33 4.16 3.27 -5.18
C LEU A 33 4.51 2.61 -6.52
N TYR A 34 5.40 1.63 -6.48
CA TYR A 34 5.81 0.92 -7.69
C TYR A 34 5.39 -0.54 -7.64
N ASP A 35 5.16 -1.13 -8.81
CA ASP A 35 4.76 -2.53 -8.89
C ASP A 35 5.96 -3.44 -8.79
N TYR A 36 6.02 -4.23 -7.72
CA TYR A 36 7.12 -5.16 -7.50
C TYR A 36 6.67 -6.60 -7.66
N GLU A 37 7.63 -7.52 -7.71
CA GLU A 37 7.32 -8.93 -7.85
C GLU A 37 8.15 -9.77 -6.90
N ALA A 38 7.48 -10.48 -5.99
CA ALA A 38 8.16 -11.32 -5.02
C ALA A 38 9.15 -12.26 -5.69
N ARG A 39 10.43 -12.11 -5.36
CA ARG A 39 11.47 -12.95 -5.94
C ARG A 39 11.30 -14.40 -5.52
N THR A 40 11.02 -14.62 -4.24
CA THR A 40 10.84 -15.95 -3.70
C THR A 40 9.67 -16.01 -2.73
N THR A 41 9.46 -17.17 -2.12
CA THR A 41 8.38 -17.35 -1.17
C THR A 41 8.49 -16.36 -0.01
N GLU A 42 9.70 -16.20 0.51
CA GLU A 42 9.95 -15.28 1.61
C GLU A 42 9.57 -13.86 1.23
N ASP A 43 9.78 -13.51 -0.04
CA ASP A 43 9.46 -12.18 -0.52
C ASP A 43 7.96 -11.99 -0.66
N LEU A 44 7.48 -10.79 -0.37
CA LEU A 44 6.06 -10.48 -0.46
C LEU A 44 5.71 -9.85 -1.81
N SER A 45 4.77 -10.45 -2.51
CA SER A 45 4.35 -9.95 -3.82
C SER A 45 3.33 -8.83 -3.66
N PHE A 46 3.72 -7.62 -4.05
CA PHE A 46 2.84 -6.46 -3.97
C PHE A 46 2.82 -5.69 -5.28
N LYS A 47 1.79 -4.88 -5.46
CA LYS A 47 1.64 -4.08 -6.67
C LYS A 47 1.39 -2.61 -6.34
N LYS A 48 1.51 -1.75 -7.34
CA LYS A 48 1.29 -0.32 -7.15
C LYS A 48 -0.15 -0.04 -6.74
N GLY A 49 -0.32 0.52 -5.54
CA GLY A 49 -1.65 0.82 -5.05
C GLY A 49 -2.16 -0.22 -4.07
N GLU A 50 -1.26 -1.05 -3.57
CA GLU A 50 -1.62 -2.10 -2.63
C GLU A 50 -1.09 -1.80 -1.23
N ARG A 51 -1.93 -1.99 -0.23
CA ARG A 51 -1.54 -1.73 1.16
C ARG A 51 -1.02 -3.00 1.82
N PHE A 52 -0.33 -2.84 2.95
CA PHE A 52 0.22 -3.97 3.68
C PHE A 52 0.51 -3.59 5.13
N GLN A 53 0.16 -4.48 6.05
CA GLN A 53 0.38 -4.24 7.47
C GLN A 53 1.81 -4.58 7.86
N ILE A 54 2.57 -3.56 8.23
CA ILE A 54 3.97 -3.74 8.63
C ILE A 54 4.05 -4.54 9.93
N ILE A 55 4.45 -5.81 9.83
CA ILE A 55 4.58 -6.67 10.99
C ILE A 55 5.90 -6.42 11.70
N ASN A 56 7.00 -6.43 10.94
CA ASN A 56 8.32 -6.20 11.51
C ASN A 56 9.14 -5.25 10.63
N ASN A 57 9.65 -4.19 11.23
CA ASN A 57 10.44 -3.20 10.50
C ASN A 57 11.84 -3.06 11.13
N THR A 58 12.45 -4.19 11.45
CA THR A 58 13.79 -4.19 12.05
C THR A 58 14.86 -4.00 10.98
N GLU A 59 14.70 -4.69 9.86
CA GLU A 59 15.67 -4.61 8.76
C GLU A 59 15.23 -3.57 7.73
N GLY A 60 15.93 -2.45 7.70
CA GLY A 60 15.61 -1.39 6.75
C GLY A 60 15.51 -1.90 5.33
N ASP A 61 16.48 -2.70 4.92
CA ASP A 61 16.51 -3.25 3.57
C ASP A 61 15.12 -3.77 3.17
N TRP A 62 14.61 -4.72 3.94
CA TRP A 62 13.30 -5.29 3.68
C TRP A 62 12.46 -5.37 4.94
N TRP A 63 11.17 -5.08 4.82
CA TRP A 63 10.26 -5.12 5.96
C TRP A 63 9.22 -6.22 5.80
N GLU A 64 8.85 -6.84 6.92
CA GLU A 64 7.87 -7.92 6.89
C GLU A 64 6.46 -7.38 7.11
N ALA A 65 5.60 -7.58 6.12
CA ALA A 65 4.22 -7.11 6.20
C ALA A 65 3.24 -8.17 5.70
N ARG A 66 1.96 -7.99 6.03
CA ARG A 66 0.94 -8.94 5.60
C ARG A 66 -0.16 -8.22 4.81
N SER A 67 -0.14 -8.40 3.50
CA SER A 67 -1.14 -7.78 2.62
C SER A 67 -2.53 -7.88 3.24
N ILE A 68 -3.29 -6.80 3.15
CA ILE A 68 -4.64 -6.77 3.68
C ILE A 68 -5.67 -7.05 2.59
N ALA A 69 -5.31 -6.75 1.35
CA ALA A 69 -6.20 -6.97 0.21
C ALA A 69 -6.31 -8.46 -0.12
N THR A 70 -5.17 -9.13 -0.21
CA THR A 70 -5.15 -10.55 -0.52
C THR A 70 -4.94 -11.39 0.74
N GLY A 71 -4.03 -10.94 1.60
CA GLY A 71 -3.75 -11.65 2.83
C GLY A 71 -2.42 -12.36 2.79
N LYS A 72 -1.57 -12.00 1.83
CA LYS A 72 -0.26 -12.61 1.69
C LYS A 72 0.69 -12.10 2.77
N SER A 73 1.91 -12.64 2.78
CA SER A 73 2.91 -12.25 3.76
C SER A 73 4.32 -12.51 3.24
N GLY A 74 5.23 -11.58 3.53
CA GLY A 74 6.60 -11.73 3.07
C GLY A 74 7.46 -10.55 3.46
N TYR A 75 8.42 -10.20 2.60
CA TYR A 75 9.32 -9.09 2.86
C TYR A 75 9.33 -8.11 1.68
N ILE A 76 8.90 -6.88 1.94
CA ILE A 76 8.87 -5.86 0.90
C ILE A 76 9.91 -4.78 1.16
N PRO A 77 10.53 -4.28 0.08
CA PRO A 77 11.55 -3.24 0.17
C PRO A 77 10.98 -1.89 0.57
N SER A 78 11.54 -1.31 1.63
CA SER A 78 11.08 -0.02 2.12
C SER A 78 11.43 1.10 1.15
N ASN A 79 12.18 0.75 0.10
CA ASN A 79 12.59 1.72 -0.91
C ASN A 79 11.54 1.84 -2.01
N TYR A 80 10.49 1.03 -1.90
CA TYR A 80 9.41 1.06 -2.90
C TYR A 80 8.09 1.42 -2.24
N VAL A 81 7.91 1.03 -0.99
CA VAL A 81 6.69 1.32 -0.25
C VAL A 81 6.89 2.47 0.72
N VAL A 82 5.83 3.25 0.93
CA VAL A 82 5.89 4.39 1.84
C VAL A 82 4.64 4.48 2.70
N PRO A 83 4.77 5.07 3.90
CA PRO A 83 3.66 5.23 4.84
C PRO A 83 2.64 6.24 4.34
N ALA A 84 1.36 5.88 4.46
CA ALA A 84 0.28 6.76 4.02
C ALA A 84 0.23 8.03 4.86
N ASP A 85 1.08 8.09 5.88
CA ASP A 85 1.14 9.26 6.76
C ASP A 85 2.26 10.20 6.33
N SER A 86 3.41 9.63 5.97
CA SER A 86 4.55 10.42 5.55
C SER A 86 4.78 10.28 4.04
N ILE A 87 3.73 9.92 3.32
CA ILE A 87 3.82 9.75 1.87
C ILE A 87 4.82 10.74 1.27
N GLN A 88 6.00 10.24 0.92
CA GLN A 88 7.04 11.07 0.33
C GLN A 88 6.74 11.35 -1.14
N ALA A 89 5.96 10.46 -1.76
CA ALA A 89 5.61 10.60 -3.17
C ALA A 89 4.10 10.76 -3.33
N GLU A 90 3.45 11.31 -2.31
CA GLU A 90 2.01 11.52 -2.34
C GLU A 90 1.54 11.88 -3.76
N GLU A 91 2.42 12.55 -4.50
CA GLU A 91 2.09 12.96 -5.87
C GLU A 91 1.27 11.88 -6.57
N TRP A 92 1.54 10.63 -6.25
CA TRP A 92 0.83 9.52 -6.85
C TRP A 92 -0.66 9.58 -6.53
N TYR A 93 -0.97 9.81 -5.26
CA TYR A 93 -2.37 9.90 -4.82
C TYR A 93 -2.95 11.27 -5.15
N PHE A 94 -2.11 12.29 -5.13
CA PHE A 94 -2.54 13.66 -5.43
C PHE A 94 -3.10 13.75 -6.84
N GLY A 95 -2.38 13.17 -7.80
CA GLY A 95 -2.82 13.21 -9.18
C GLY A 95 -3.79 12.09 -9.51
N LYS A 96 -3.54 10.91 -8.95
CA LYS A 96 -4.40 9.76 -9.18
C LYS A 96 -5.85 10.19 -9.34
N MET A 97 -6.36 10.91 -8.35
CA MET A 97 -7.75 11.38 -8.38
C MET A 97 -7.82 12.81 -8.93
N GLY A 98 -8.83 13.07 -9.76
CA GLY A 98 -8.99 14.39 -10.34
C GLY A 98 -9.02 14.36 -11.85
N ARG A 99 -9.75 15.28 -12.46
CA ARG A 99 -9.85 15.37 -13.90
C ARG A 99 -8.88 16.39 -14.47
N LYS A 100 -7.62 16.00 -14.60
CA LYS A 100 -6.58 16.89 -15.13
C LYS A 100 -5.32 16.11 -15.46
N ASP A 101 -4.48 16.69 -16.31
CA ASP A 101 -3.23 16.06 -16.71
C ASP A 101 -2.03 16.82 -16.15
N ALA A 102 -1.34 16.20 -15.19
CA ALA A 102 -0.18 16.82 -14.58
C ALA A 102 1.07 15.99 -14.83
N GLU A 103 1.21 15.48 -16.05
CA GLU A 103 2.37 14.68 -16.42
C GLU A 103 3.44 15.53 -17.09
N SER A 104 4.35 16.05 -16.29
CA SER A 104 5.43 16.90 -16.80
C SER A 104 6.57 17.00 -15.80
N GLY A 105 7.70 17.55 -16.24
CA GLY A 105 8.85 17.69 -15.37
C GLY A 105 9.82 16.53 -15.48
N PRO A 106 11.12 16.82 -15.33
CA PRO A 106 12.17 15.81 -15.42
C PRO A 106 12.15 14.84 -14.24
N SER A 107 11.30 15.15 -13.25
CA SER A 107 11.19 14.31 -12.06
C SER A 107 11.10 12.83 -12.44
N SER A 108 10.18 12.52 -13.34
CA SER A 108 9.99 11.14 -13.79
C SER A 108 9.22 11.10 -15.10
N GLY A 109 9.79 10.43 -16.11
CA GLY A 109 9.16 10.33 -17.40
C GLY A 109 9.41 9.00 -18.07
N GLY A 1 -40.41 -27.39 -7.60
CA GLY A 1 -40.32 -26.52 -6.44
C GLY A 1 -38.99 -25.80 -6.35
N SER A 2 -38.96 -24.71 -5.58
CA SER A 2 -37.74 -23.93 -5.43
C SER A 2 -37.93 -22.83 -4.39
N SER A 3 -36.87 -22.08 -4.12
CA SER A 3 -36.92 -21.00 -3.14
C SER A 3 -35.61 -20.22 -3.13
N GLY A 4 -35.56 -19.16 -2.33
CA GLY A 4 -34.37 -18.34 -2.23
C GLY A 4 -34.38 -17.44 -1.02
N SER A 5 -33.30 -16.68 -0.85
CA SER A 5 -33.17 -15.78 0.29
C SER A 5 -32.09 -14.72 0.03
N SER A 6 -31.95 -13.80 0.98
CA SER A 6 -30.96 -12.73 0.85
C SER A 6 -29.88 -12.87 1.92
N GLY A 7 -30.28 -12.73 3.19
CA GLY A 7 -29.34 -12.84 4.28
C GLY A 7 -28.73 -11.51 4.65
N ALA A 8 -28.20 -11.42 5.86
CA ALA A 8 -27.57 -10.19 6.34
C ALA A 8 -26.86 -10.42 7.67
N SER A 9 -25.56 -10.17 7.69
CA SER A 9 -24.76 -10.34 8.90
C SER A 9 -23.40 -9.68 8.76
N SER A 10 -22.61 -9.73 9.83
CA SER A 10 -21.27 -9.13 9.82
C SER A 10 -21.36 -7.62 9.61
N SER A 11 -22.19 -6.96 10.40
CA SER A 11 -22.36 -5.52 10.28
C SER A 11 -22.69 -4.91 11.66
N PHE A 12 -22.39 -3.62 11.81
CA PHE A 12 -22.65 -2.92 13.05
C PHE A 12 -21.63 -3.32 14.12
N SER A 13 -20.37 -3.39 13.73
CA SER A 13 -19.30 -3.77 14.65
C SER A 13 -19.54 -3.17 16.03
N VAL A 14 -19.14 -3.91 17.06
CA VAL A 14 -19.32 -3.45 18.44
C VAL A 14 -18.46 -4.27 19.40
N VAL A 15 -17.93 -3.61 20.42
CA VAL A 15 -17.09 -4.27 21.41
C VAL A 15 -17.60 -5.69 21.71
N SER A 16 -16.78 -6.68 21.38
CA SER A 16 -17.16 -8.07 21.61
C SER A 16 -15.93 -8.98 21.48
N SER A 17 -16.15 -10.28 21.72
CA SER A 17 -15.07 -11.26 21.63
C SER A 17 -14.10 -10.90 20.51
N SER A 18 -14.61 -10.88 19.28
CA SER A 18 -13.79 -10.56 18.12
C SER A 18 -13.47 -9.07 18.08
N TYR A 19 -12.19 -8.74 17.94
CA TYR A 19 -11.75 -7.35 17.90
C TYR A 19 -11.52 -6.91 16.45
N PRO A 20 -11.76 -5.62 16.19
CA PRO A 20 -11.60 -5.03 14.85
C PRO A 20 -10.13 -4.94 14.44
N THR A 21 -9.88 -5.03 13.14
CA THR A 21 -8.52 -4.96 12.62
C THR A 21 -8.15 -3.52 12.23
N GLY A 22 -7.27 -2.91 13.03
CA GLY A 22 -6.86 -1.56 12.76
C GLY A 22 -6.78 -0.71 14.02
N LEU A 23 -5.84 -1.04 14.90
CA LEU A 23 -5.68 -0.31 16.15
C LEU A 23 -4.48 0.64 16.07
N THR A 24 -4.76 1.94 16.17
CA THR A 24 -3.71 2.94 16.11
C THR A 24 -2.72 2.78 17.26
N GLY A 25 -1.70 1.96 17.05
CA GLY A 25 -0.70 1.73 18.08
C GLY A 25 -0.04 0.37 17.97
N GLY A 26 0.81 0.22 16.96
CA GLY A 26 1.49 -1.05 16.76
C GLY A 26 1.87 -1.29 15.31
N VAL A 27 0.87 -1.27 14.43
CA VAL A 27 1.09 -1.49 13.00
C VAL A 27 0.97 -0.19 12.23
N THR A 28 1.83 -0.01 11.24
CA THR A 28 1.81 1.20 10.41
C THR A 28 1.36 0.89 8.99
N ILE A 29 0.50 1.74 8.44
CA ILE A 29 0.00 1.55 7.09
C ILE A 29 1.03 1.99 6.05
N PHE A 30 1.17 1.20 4.99
CA PHE A 30 2.12 1.50 3.93
C PHE A 30 1.53 1.18 2.56
N VAL A 31 1.86 2.00 1.57
CA VAL A 31 1.37 1.80 0.21
C VAL A 31 2.51 1.61 -0.77
N ALA A 32 2.28 0.79 -1.79
CA ALA A 32 3.29 0.52 -2.80
C ALA A 32 3.16 1.48 -3.97
N LEU A 33 4.18 2.31 -4.17
CA LEU A 33 4.18 3.28 -5.26
C LEU A 33 4.56 2.62 -6.57
N TYR A 34 5.48 1.66 -6.51
CA TYR A 34 5.94 0.95 -7.70
C TYR A 34 5.56 -0.52 -7.63
N ASP A 35 5.39 -1.14 -8.79
CA ASP A 35 5.03 -2.56 -8.86
C ASP A 35 6.26 -3.44 -8.68
N TYR A 36 6.17 -4.39 -7.76
CA TYR A 36 7.28 -5.30 -7.50
C TYR A 36 6.84 -6.75 -7.63
N GLU A 37 7.81 -7.65 -7.64
CA GLU A 37 7.53 -9.08 -7.76
C GLU A 37 8.36 -9.89 -6.78
N ALA A 38 7.68 -10.65 -5.92
CA ALA A 38 8.36 -11.47 -4.93
C ALA A 38 9.41 -12.35 -5.58
N ARG A 39 10.68 -12.07 -5.29
CA ARG A 39 11.79 -12.84 -5.85
C ARG A 39 11.73 -14.29 -5.37
N THR A 40 11.43 -14.48 -4.09
CA THR A 40 11.35 -15.81 -3.51
C THR A 40 10.17 -15.93 -2.57
N THR A 41 10.05 -17.08 -1.89
CA THR A 41 8.96 -17.32 -0.96
C THR A 41 9.04 -16.36 0.22
N GLU A 42 10.26 -16.01 0.61
CA GLU A 42 10.46 -15.10 1.74
C GLU A 42 10.06 -13.68 1.37
N ASP A 43 10.07 -13.38 0.07
CA ASP A 43 9.70 -12.06 -0.42
C ASP A 43 8.19 -11.94 -0.59
N LEU A 44 7.65 -10.76 -0.29
CA LEU A 44 6.22 -10.52 -0.41
C LEU A 44 5.88 -9.91 -1.77
N SER A 45 4.90 -10.49 -2.45
CA SER A 45 4.48 -10.00 -3.76
C SER A 45 3.43 -8.90 -3.61
N PHE A 46 3.80 -7.70 -4.02
CA PHE A 46 2.89 -6.56 -3.94
C PHE A 46 2.83 -5.81 -5.28
N LYS A 47 1.86 -4.91 -5.40
CA LYS A 47 1.70 -4.14 -6.62
C LYS A 47 1.48 -2.66 -6.30
N LYS A 48 1.71 -1.80 -7.29
CA LYS A 48 1.54 -0.36 -7.11
C LYS A 48 0.09 -0.03 -6.76
N GLY A 49 -0.12 0.44 -5.54
CA GLY A 49 -1.46 0.80 -5.10
C GLY A 49 -2.05 -0.22 -4.14
N GLU A 50 -1.18 -1.04 -3.55
CA GLU A 50 -1.62 -2.05 -2.60
C GLU A 50 -1.11 -1.75 -1.20
N ARG A 51 -1.96 -1.99 -0.20
CA ARG A 51 -1.60 -1.74 1.19
C ARG A 51 -1.10 -3.02 1.87
N PHE A 52 -0.39 -2.85 2.98
CA PHE A 52 0.13 -4.00 3.71
C PHE A 52 0.41 -3.62 5.17
N GLN A 53 0.13 -4.55 6.07
CA GLN A 53 0.33 -4.32 7.49
C GLN A 53 1.78 -4.64 7.90
N ILE A 54 2.55 -3.62 8.22
CA ILE A 54 3.93 -3.80 8.61
C ILE A 54 4.03 -4.59 9.92
N ILE A 55 4.46 -5.84 9.81
CA ILE A 55 4.60 -6.70 10.97
C ILE A 55 5.94 -6.46 11.67
N ASN A 56 7.01 -6.44 10.90
CA ASN A 56 8.35 -6.22 11.44
C ASN A 56 9.14 -5.23 10.58
N ASN A 57 9.72 -4.24 11.22
CA ASN A 57 10.50 -3.22 10.51
C ASN A 57 11.92 -3.15 11.06
N THR A 58 12.51 -4.31 11.33
CA THR A 58 13.86 -4.38 11.87
C THR A 58 14.90 -4.26 10.75
N GLU A 59 14.67 -4.99 9.67
CA GLU A 59 15.58 -4.98 8.53
C GLU A 59 15.28 -3.80 7.61
N GLY A 60 16.07 -2.74 7.74
CA GLY A 60 15.88 -1.56 6.91
C GLY A 60 15.77 -1.90 5.44
N ASP A 61 16.54 -2.89 5.00
CA ASP A 61 16.53 -3.32 3.60
C ASP A 61 15.14 -3.80 3.20
N TRP A 62 14.62 -4.78 3.94
CA TRP A 62 13.30 -5.33 3.65
C TRP A 62 12.47 -5.43 4.92
N TRP A 63 11.21 -5.03 4.83
CA TRP A 63 10.30 -5.08 5.97
C TRP A 63 9.26 -6.18 5.80
N GLU A 64 8.90 -6.82 6.90
CA GLU A 64 7.91 -7.90 6.87
C GLU A 64 6.50 -7.35 7.07
N ALA A 65 5.62 -7.60 6.11
CA ALA A 65 4.25 -7.13 6.19
C ALA A 65 3.28 -8.18 5.67
N ARG A 66 2.01 -8.05 6.05
CA ARG A 66 0.99 -9.00 5.63
C ARG A 66 -0.13 -8.29 4.88
N SER A 67 -0.16 -8.47 3.55
CA SER A 67 -1.18 -7.84 2.72
C SER A 67 -2.56 -7.98 3.34
N ILE A 68 -3.38 -6.94 3.21
CA ILE A 68 -4.72 -6.95 3.76
C ILE A 68 -5.74 -7.41 2.72
N ALA A 69 -5.47 -7.09 1.46
CA ALA A 69 -6.36 -7.47 0.36
C ALA A 69 -6.10 -8.91 -0.08
N THR A 70 -4.86 -9.19 -0.44
CA THR A 70 -4.48 -10.53 -0.89
C THR A 70 -4.24 -11.45 0.30
N GLY A 71 -3.91 -10.87 1.44
CA GLY A 71 -3.66 -11.66 2.63
C GLY A 71 -2.31 -12.35 2.60
N LYS A 72 -1.46 -11.95 1.66
CA LYS A 72 -0.14 -12.53 1.52
C LYS A 72 0.78 -12.10 2.66
N SER A 73 1.99 -12.65 2.69
CA SER A 73 2.95 -12.31 3.73
C SER A 73 4.37 -12.59 3.27
N GLY A 74 5.30 -11.71 3.65
CA GLY A 74 6.69 -11.88 3.25
C GLY A 74 7.54 -10.67 3.60
N TYR A 75 8.39 -10.26 2.67
CA TYR A 75 9.27 -9.11 2.88
C TYR A 75 9.21 -8.16 1.69
N ILE A 76 8.97 -6.88 1.96
CA ILE A 76 8.90 -5.88 0.92
C ILE A 76 9.94 -4.78 1.13
N PRO A 77 10.52 -4.30 0.03
CA PRO A 77 11.54 -3.24 0.07
C PRO A 77 10.96 -1.89 0.49
N SER A 78 11.44 -1.36 1.60
CA SER A 78 10.97 -0.08 2.12
C SER A 78 11.32 1.05 1.16
N ASN A 79 12.09 0.72 0.12
CA ASN A 79 12.51 1.70 -0.87
C ASN A 79 11.46 1.83 -1.97
N TYR A 80 10.41 1.03 -1.89
CA TYR A 80 9.35 1.05 -2.88
C TYR A 80 8.01 1.41 -2.24
N VAL A 81 7.84 1.04 -0.97
CA VAL A 81 6.62 1.33 -0.24
C VAL A 81 6.82 2.47 0.75
N VAL A 82 5.80 3.32 0.87
CA VAL A 82 5.87 4.46 1.79
C VAL A 82 4.62 4.53 2.65
N PRO A 83 4.77 5.12 3.84
CA PRO A 83 3.66 5.27 4.79
C PRO A 83 2.62 6.29 4.32
N ALA A 84 1.35 5.93 4.41
CA ALA A 84 0.27 6.81 3.99
C ALA A 84 0.24 8.08 4.83
N ASP A 85 1.08 8.12 5.86
CA ASP A 85 1.14 9.27 6.75
C ASP A 85 2.26 10.23 6.32
N SER A 86 3.40 9.66 5.95
CA SER A 86 4.55 10.45 5.54
C SER A 86 4.78 10.32 4.03
N ILE A 87 3.73 9.97 3.31
CA ILE A 87 3.82 9.80 1.86
C ILE A 87 4.82 10.79 1.26
N GLN A 88 5.99 10.29 0.91
CA GLN A 88 7.03 11.13 0.32
C GLN A 88 6.73 11.42 -1.15
N ALA A 89 5.97 10.52 -1.78
CA ALA A 89 5.62 10.67 -3.18
C ALA A 89 4.11 10.83 -3.35
N GLU A 90 3.46 11.38 -2.32
CA GLU A 90 2.02 11.58 -2.36
C GLU A 90 1.56 11.95 -3.77
N GLU A 91 2.42 12.62 -4.52
CA GLU A 91 2.11 13.03 -5.87
C GLU A 91 1.28 11.95 -6.59
N TRP A 92 1.55 10.70 -6.26
CA TRP A 92 0.84 9.57 -6.86
C TRP A 92 -0.64 9.65 -6.55
N TYR A 93 -0.96 9.88 -5.28
CA TYR A 93 -2.36 9.96 -4.84
C TYR A 93 -2.95 11.32 -5.17
N PHE A 94 -2.11 12.35 -5.16
CA PHE A 94 -2.55 13.71 -5.45
C PHE A 94 -3.10 13.80 -6.87
N GLY A 95 -2.38 13.24 -7.83
CA GLY A 95 -2.81 13.26 -9.21
C GLY A 95 -3.79 12.16 -9.54
N LYS A 96 -3.50 10.95 -9.06
CA LYS A 96 -4.36 9.81 -9.30
C LYS A 96 -5.81 10.14 -8.99
N MET A 97 -6.12 10.26 -7.70
CA MET A 97 -7.48 10.59 -7.26
C MET A 97 -7.81 12.05 -7.53
N GLY A 98 -9.07 12.33 -7.82
CA GLY A 98 -9.49 13.68 -8.10
C GLY A 98 -10.25 14.30 -6.94
N ARG A 99 -10.01 15.59 -6.71
CA ARG A 99 -10.68 16.30 -5.62
C ARG A 99 -10.48 17.80 -5.76
N LYS A 100 -11.59 18.53 -5.96
CA LYS A 100 -11.54 19.97 -6.12
C LYS A 100 -10.58 20.59 -5.10
N ASP A 101 -10.81 20.29 -3.83
CA ASP A 101 -9.96 20.82 -2.76
C ASP A 101 -8.49 20.70 -3.12
N ALA A 102 -8.10 19.55 -3.67
CA ALA A 102 -6.72 19.33 -4.07
C ALA A 102 -6.35 20.17 -5.29
N GLU A 103 -7.25 20.21 -6.27
CA GLU A 103 -7.02 20.97 -7.48
C GLU A 103 -6.50 22.37 -7.16
N SER A 104 -5.20 22.57 -7.34
CA SER A 104 -4.57 23.86 -7.05
C SER A 104 -3.74 24.32 -8.24
N GLY A 105 -4.32 25.20 -9.06
CA GLY A 105 -3.62 25.71 -10.22
C GLY A 105 -4.27 25.29 -11.52
N PRO A 106 -5.13 26.16 -12.07
CA PRO A 106 -5.84 25.90 -13.32
C PRO A 106 -4.91 25.92 -14.53
N SER A 107 -3.66 26.34 -14.31
CA SER A 107 -2.68 26.41 -15.38
C SER A 107 -2.47 25.03 -16.01
N SER A 108 -2.52 24.99 -17.33
CA SER A 108 -2.33 23.74 -18.06
C SER A 108 -1.00 23.09 -17.69
N GLY A 109 -1.02 21.76 -17.55
CA GLY A 109 0.18 21.03 -17.20
C GLY A 109 1.16 20.96 -18.36
N GLY A 1 19.47 15.27 -24.18
CA GLY A 1 18.80 14.37 -23.26
C GLY A 1 19.07 12.92 -23.59
N SER A 2 19.03 12.07 -22.57
CA SER A 2 19.28 10.64 -22.74
C SER A 2 18.69 9.84 -21.59
N SER A 3 17.82 8.89 -21.91
CA SER A 3 17.18 8.05 -20.89
C SER A 3 17.04 6.61 -21.39
N GLY A 4 16.88 5.70 -20.45
CA GLY A 4 16.73 4.29 -20.81
C GLY A 4 15.95 3.51 -19.77
N SER A 5 15.02 2.68 -20.23
CA SER A 5 14.21 1.86 -19.32
C SER A 5 14.25 0.39 -19.73
N SER A 6 14.11 -0.48 -18.74
CA SER A 6 14.13 -1.92 -18.99
C SER A 6 12.84 -2.57 -18.55
N GLY A 7 12.01 -2.94 -19.52
CA GLY A 7 10.73 -3.57 -19.22
C GLY A 7 9.55 -2.73 -19.67
N ALA A 8 8.93 -2.03 -18.74
CA ALA A 8 7.77 -1.19 -19.05
C ALA A 8 6.69 -1.99 -19.74
N SER A 9 6.39 -3.18 -19.21
CA SER A 9 5.36 -4.04 -19.77
C SER A 9 4.45 -4.59 -18.68
N SER A 10 3.14 -4.45 -18.89
CA SER A 10 2.16 -4.92 -17.93
C SER A 10 0.79 -5.09 -18.59
N SER A 11 -0.17 -5.61 -17.82
CA SER A 11 -1.51 -5.83 -18.33
C SER A 11 -2.55 -5.25 -17.37
N PHE A 12 -3.79 -5.13 -17.85
CA PHE A 12 -4.87 -4.59 -17.04
C PHE A 12 -5.65 -5.72 -16.36
N SER A 13 -6.24 -5.41 -15.21
CA SER A 13 -7.00 -6.39 -14.46
C SER A 13 -7.81 -5.72 -13.34
N VAL A 14 -8.86 -6.40 -12.89
CA VAL A 14 -9.71 -5.86 -11.83
C VAL A 14 -8.92 -5.68 -10.54
N VAL A 15 -9.25 -4.62 -9.80
CA VAL A 15 -8.58 -4.33 -8.55
C VAL A 15 -9.58 -4.21 -7.40
N SER A 16 -9.08 -4.32 -6.17
CA SER A 16 -9.93 -4.23 -4.99
C SER A 16 -9.10 -4.20 -3.72
N SER A 17 -9.64 -3.59 -2.67
CA SER A 17 -8.95 -3.49 -1.39
C SER A 17 -9.94 -3.38 -0.23
N SER A 18 -9.96 -4.41 0.60
CA SER A 18 -10.87 -4.44 1.75
C SER A 18 -10.08 -4.47 3.06
N TYR A 19 -10.20 -3.40 3.84
CA TYR A 19 -9.51 -3.31 5.12
C TYR A 19 -10.48 -3.03 6.25
N PRO A 20 -10.12 -3.46 7.46
CA PRO A 20 -10.96 -3.27 8.65
C PRO A 20 -11.00 -1.81 9.09
N THR A 21 -11.99 -1.46 9.90
CA THR A 21 -12.16 -0.10 10.39
C THR A 21 -11.49 0.07 11.75
N GLY A 22 -11.69 -0.89 12.64
CA GLY A 22 -11.10 -0.82 13.97
C GLY A 22 -9.64 -1.23 13.97
N LEU A 23 -8.76 -0.26 13.86
CA LEU A 23 -7.33 -0.52 13.85
C LEU A 23 -6.69 -0.14 15.19
N THR A 24 -6.64 -1.09 16.12
CA THR A 24 -6.06 -0.85 17.43
C THR A 24 -4.78 -0.02 17.32
N GLY A 25 -3.83 -0.50 16.53
CA GLY A 25 -2.57 0.19 16.35
C GLY A 25 -1.39 -0.74 16.30
N GLY A 26 -0.19 -0.20 16.55
CA GLY A 26 1.00 -1.01 16.52
C GLY A 26 1.58 -1.15 15.12
N VAL A 27 0.72 -1.41 14.15
CA VAL A 27 1.14 -1.57 12.77
C VAL A 27 0.99 -0.27 11.99
N THR A 28 1.95 0.02 11.12
CA THR A 28 1.91 1.23 10.32
C THR A 28 1.47 0.94 8.88
N ILE A 29 0.51 1.72 8.39
CA ILE A 29 0.00 1.54 7.04
C ILE A 29 1.04 1.98 6.00
N PHE A 30 1.22 1.15 4.98
CA PHE A 30 2.18 1.45 3.92
C PHE A 30 1.59 1.12 2.56
N VAL A 31 1.89 1.96 1.56
CA VAL A 31 1.40 1.76 0.21
C VAL A 31 2.54 1.58 -0.77
N ALA A 32 2.33 0.72 -1.76
CA ALA A 32 3.35 0.45 -2.77
C ALA A 32 3.23 1.42 -3.94
N LEU A 33 4.23 2.27 -4.11
CA LEU A 33 4.24 3.25 -5.19
C LEU A 33 4.64 2.59 -6.51
N TYR A 34 5.57 1.64 -6.43
CA TYR A 34 6.03 0.95 -7.63
C TYR A 34 5.71 -0.55 -7.54
N ASP A 35 5.42 -1.14 -8.70
CA ASP A 35 5.08 -2.56 -8.76
C ASP A 35 6.32 -3.42 -8.52
N TYR A 36 6.16 -4.45 -7.71
CA TYR A 36 7.27 -5.36 -7.40
C TYR A 36 6.82 -6.81 -7.45
N GLU A 37 7.77 -7.71 -7.70
CA GLU A 37 7.47 -9.14 -7.77
C GLU A 37 8.31 -9.92 -6.77
N ALA A 38 7.64 -10.59 -5.83
CA ALA A 38 8.33 -11.38 -4.82
C ALA A 38 9.32 -12.35 -5.46
N ARG A 39 10.61 -12.04 -5.34
CA ARG A 39 11.66 -12.88 -5.90
C ARG A 39 11.47 -14.34 -5.47
N THR A 40 10.79 -14.55 -4.35
CA THR A 40 10.54 -15.88 -3.84
C THR A 40 9.62 -15.85 -2.63
N THR A 41 9.09 -17.02 -2.26
CA THR A 41 8.19 -17.12 -1.12
C THR A 41 8.62 -16.19 0.01
N GLU A 42 9.91 -16.22 0.33
CA GLU A 42 10.46 -15.38 1.39
C GLU A 42 9.99 -13.94 1.25
N ASP A 43 10.12 -13.40 0.03
CA ASP A 43 9.71 -12.02 -0.24
C ASP A 43 8.20 -11.93 -0.38
N LEU A 44 7.68 -10.71 -0.28
CA LEU A 44 6.24 -10.49 -0.40
C LEU A 44 5.90 -9.86 -1.75
N SER A 45 4.92 -10.45 -2.43
CA SER A 45 4.49 -9.95 -3.73
C SER A 45 3.46 -8.84 -3.57
N PHE A 46 3.80 -7.64 -4.04
CA PHE A 46 2.91 -6.50 -3.97
C PHE A 46 2.88 -5.72 -5.28
N LYS A 47 1.78 -5.03 -5.53
CA LYS A 47 1.63 -4.25 -6.75
C LYS A 47 1.49 -2.76 -6.44
N LYS A 48 1.61 -1.93 -7.46
CA LYS A 48 1.50 -0.49 -7.29
C LYS A 48 0.08 -0.11 -6.86
N GLY A 49 -0.05 0.38 -5.63
CA GLY A 49 -1.34 0.78 -5.12
C GLY A 49 -1.94 -0.24 -4.19
N GLU A 50 -1.08 -1.04 -3.55
CA GLU A 50 -1.53 -2.07 -2.63
C GLU A 50 -1.07 -1.76 -1.21
N ARG A 51 -1.95 -2.01 -0.24
CA ARG A 51 -1.64 -1.76 1.16
C ARG A 51 -1.09 -3.02 1.82
N PHE A 52 -0.41 -2.85 2.95
CA PHE A 52 0.16 -3.97 3.69
C PHE A 52 0.46 -3.57 5.13
N GLN A 53 0.14 -4.47 6.06
CA GLN A 53 0.37 -4.23 7.48
C GLN A 53 1.80 -4.58 7.87
N ILE A 54 2.58 -3.57 8.23
CA ILE A 54 3.97 -3.78 8.63
C ILE A 54 4.06 -4.58 9.91
N ILE A 55 4.49 -5.82 9.79
CA ILE A 55 4.63 -6.71 10.96
C ILE A 55 5.94 -6.45 11.69
N ASN A 56 7.04 -6.48 10.94
CA ASN A 56 8.35 -6.25 11.52
C ASN A 56 9.13 -5.21 10.71
N ASN A 57 9.70 -4.23 11.40
CA ASN A 57 10.47 -3.18 10.75
C ASN A 57 11.90 -3.13 11.30
N THR A 58 12.52 -4.29 11.43
CA THR A 58 13.88 -4.37 11.95
C THR A 58 14.90 -4.33 10.82
N GLU A 59 14.60 -5.03 9.73
CA GLU A 59 15.49 -5.07 8.58
C GLU A 59 15.19 -3.92 7.61
N GLY A 60 15.98 -2.86 7.71
CA GLY A 60 15.78 -1.71 6.84
C GLY A 60 15.65 -2.11 5.38
N ASP A 61 16.56 -2.96 4.91
CA ASP A 61 16.54 -3.41 3.53
C ASP A 61 15.14 -3.88 3.12
N TRP A 62 14.59 -4.81 3.90
CA TRP A 62 13.26 -5.34 3.63
C TRP A 62 12.44 -5.45 4.91
N TRP A 63 11.17 -5.08 4.83
CA TRP A 63 10.28 -5.14 5.98
C TRP A 63 9.25 -6.25 5.82
N GLU A 64 8.89 -6.90 6.93
CA GLU A 64 7.92 -7.98 6.91
C GLU A 64 6.51 -7.44 7.15
N ALA A 65 5.64 -7.61 6.16
CA ALA A 65 4.27 -7.15 6.26
C ALA A 65 3.29 -8.21 5.77
N ARG A 66 2.01 -7.98 6.03
CA ARG A 66 0.97 -8.93 5.61
C ARG A 66 -0.14 -8.22 4.84
N SER A 67 -0.15 -8.41 3.52
CA SER A 67 -1.16 -7.78 2.67
C SER A 67 -2.55 -7.93 3.28
N ILE A 68 -3.36 -6.89 3.14
CA ILE A 68 -4.72 -6.90 3.67
C ILE A 68 -5.72 -7.26 2.59
N ALA A 69 -5.37 -6.96 1.34
CA ALA A 69 -6.25 -7.26 0.20
C ALA A 69 -6.28 -8.75 -0.09
N THR A 70 -5.14 -9.28 -0.55
CA THR A 70 -5.03 -10.69 -0.87
C THR A 70 -4.86 -11.54 0.38
N GLY A 71 -4.01 -11.07 1.29
CA GLY A 71 -3.78 -11.80 2.53
C GLY A 71 -2.47 -12.56 2.51
N LYS A 72 -1.48 -12.03 1.80
CA LYS A 72 -0.18 -12.68 1.71
C LYS A 72 0.78 -12.14 2.78
N SER A 73 1.97 -12.71 2.84
CA SER A 73 2.97 -12.28 3.81
C SER A 73 4.38 -12.56 3.31
N GLY A 74 5.31 -11.65 3.59
CA GLY A 74 6.68 -11.83 3.16
C GLY A 74 7.56 -10.66 3.52
N TYR A 75 8.39 -10.22 2.58
CA TYR A 75 9.29 -9.10 2.80
C TYR A 75 9.24 -8.12 1.65
N ILE A 76 8.93 -6.86 1.96
CA ILE A 76 8.84 -5.82 0.95
C ILE A 76 9.87 -4.72 1.20
N PRO A 77 10.49 -4.23 0.11
CA PRO A 77 11.50 -3.17 0.19
C PRO A 77 10.90 -1.82 0.57
N SER A 78 11.35 -1.27 1.69
CA SER A 78 10.86 0.01 2.17
C SER A 78 11.21 1.13 1.19
N ASN A 79 12.02 0.80 0.20
CA ASN A 79 12.44 1.78 -0.80
C ASN A 79 11.39 1.91 -1.90
N TYR A 80 10.40 1.03 -1.87
CA TYR A 80 9.32 1.05 -2.86
C TYR A 80 7.99 1.42 -2.22
N VAL A 81 7.80 1.00 -0.97
CA VAL A 81 6.58 1.29 -0.24
C VAL A 81 6.78 2.42 0.76
N VAL A 82 5.80 3.31 0.85
CA VAL A 82 5.87 4.43 1.78
C VAL A 82 4.62 4.50 2.65
N PRO A 83 4.78 5.08 3.86
CA PRO A 83 3.68 5.22 4.80
C PRO A 83 2.65 6.26 4.35
N ALA A 84 1.37 5.87 4.41
CA ALA A 84 0.29 6.76 4.01
C ALA A 84 0.27 8.03 4.85
N ASP A 85 1.11 8.06 5.88
CA ASP A 85 1.19 9.23 6.76
C ASP A 85 2.31 10.16 6.33
N SER A 86 3.44 9.58 5.93
CA SER A 86 4.59 10.37 5.50
C SER A 86 4.84 10.18 4.01
N ILE A 87 3.77 9.93 3.27
CA ILE A 87 3.87 9.74 1.82
C ILE A 87 4.84 10.73 1.20
N GLN A 88 6.04 10.25 0.87
CA GLN A 88 7.07 11.09 0.26
C GLN A 88 6.77 11.33 -1.21
N ALA A 89 5.95 10.46 -1.80
CA ALA A 89 5.59 10.58 -3.20
C ALA A 89 4.08 10.76 -3.37
N GLU A 90 3.43 11.30 -2.34
CA GLU A 90 1.99 11.52 -2.37
C GLU A 90 1.53 11.90 -3.78
N GLU A 91 2.41 12.57 -4.51
CA GLU A 91 2.09 12.99 -5.87
C GLU A 91 1.26 11.93 -6.60
N TRP A 92 1.51 10.68 -6.27
CA TRP A 92 0.80 9.57 -6.89
C TRP A 92 -0.70 9.64 -6.57
N TYR A 93 -1.01 9.87 -5.30
CA TYR A 93 -2.40 9.96 -4.86
C TYR A 93 -2.98 11.33 -5.17
N PHE A 94 -2.13 12.35 -5.15
CA PHE A 94 -2.56 13.72 -5.44
C PHE A 94 -3.11 13.83 -6.85
N GLY A 95 -2.37 13.30 -7.82
CA GLY A 95 -2.81 13.35 -9.20
C GLY A 95 -3.75 12.22 -9.55
N LYS A 96 -3.39 11.00 -9.17
CA LYS A 96 -4.21 9.83 -9.45
C LYS A 96 -5.03 9.43 -8.22
N MET A 97 -6.26 9.00 -8.45
CA MET A 97 -7.14 8.60 -7.36
C MET A 97 -6.36 7.89 -6.27
N GLY A 98 -6.80 8.06 -5.02
CA GLY A 98 -6.12 7.44 -3.90
C GLY A 98 -6.80 7.74 -2.58
N ARG A 99 -7.28 8.98 -2.43
CA ARG A 99 -7.94 9.39 -1.20
C ARG A 99 -9.46 9.30 -1.34
N LYS A 100 -10.17 9.62 -0.27
CA LYS A 100 -11.63 9.58 -0.27
C LYS A 100 -12.19 10.19 1.00
N ASP A 101 -13.13 11.10 0.84
CA ASP A 101 -13.76 11.76 1.99
C ASP A 101 -15.28 11.77 1.84
N ALA A 102 -15.98 11.70 2.97
CA ALA A 102 -17.44 11.70 2.97
C ALA A 102 -17.98 13.07 3.38
N GLU A 103 -19.30 13.20 3.37
CA GLU A 103 -19.95 14.45 3.74
C GLU A 103 -20.81 14.27 5.00
N SER A 104 -21.88 13.50 4.87
CA SER A 104 -22.78 13.25 5.99
C SER A 104 -23.39 11.85 5.89
N GLY A 105 -24.21 11.51 6.87
CA GLY A 105 -24.85 10.21 6.89
C GLY A 105 -25.75 10.01 8.09
N PRO A 106 -26.02 8.74 8.44
CA PRO A 106 -26.87 8.39 9.58
C PRO A 106 -26.20 8.71 10.91
N SER A 107 -26.99 9.26 11.84
CA SER A 107 -26.48 9.62 13.16
C SER A 107 -27.62 9.84 14.14
N SER A 108 -27.45 9.34 15.36
CA SER A 108 -28.47 9.48 16.39
C SER A 108 -27.92 10.22 17.60
N GLY A 109 -28.53 11.35 17.93
CA GLY A 109 -28.09 12.14 19.07
C GLY A 109 -29.20 12.36 20.08
N GLY A 1 -29.73 6.71 -38.42
CA GLY A 1 -28.47 7.05 -39.03
C GLY A 1 -27.28 6.76 -38.13
N SER A 2 -27.26 5.57 -37.55
CA SER A 2 -26.17 5.17 -36.66
C SER A 2 -25.74 6.33 -35.78
N SER A 3 -26.72 7.08 -35.27
CA SER A 3 -26.45 8.22 -34.41
C SER A 3 -26.49 7.83 -32.94
N GLY A 4 -25.95 8.69 -32.08
CA GLY A 4 -25.94 8.41 -30.66
C GLY A 4 -24.62 8.78 -30.01
N SER A 5 -23.97 7.81 -29.38
CA SER A 5 -22.70 8.05 -28.71
C SER A 5 -22.76 9.30 -27.85
N SER A 6 -23.87 9.47 -27.14
CA SER A 6 -24.07 10.63 -26.27
C SER A 6 -23.01 10.66 -25.17
N GLY A 7 -22.99 9.63 -24.34
CA GLY A 7 -22.02 9.55 -23.26
C GLY A 7 -22.37 10.48 -22.11
N ALA A 8 -21.81 10.21 -20.94
CA ALA A 8 -22.06 11.04 -19.77
C ALA A 8 -21.21 10.58 -18.58
N SER A 9 -20.36 11.48 -18.10
CA SER A 9 -19.48 11.17 -16.98
C SER A 9 -19.08 12.44 -16.23
N SER A 10 -19.66 12.63 -15.05
CA SER A 10 -19.38 13.80 -14.24
C SER A 10 -19.05 13.41 -12.80
N SER A 11 -17.88 13.84 -12.33
CA SER A 11 -17.44 13.53 -10.98
C SER A 11 -16.90 14.77 -10.28
N PHE A 12 -17.39 15.03 -9.08
CA PHE A 12 -16.95 16.19 -8.30
C PHE A 12 -17.07 15.92 -6.81
N SER A 13 -16.50 16.81 -6.01
CA SER A 13 -16.54 16.68 -4.55
C SER A 13 -16.86 18.01 -3.89
N VAL A 14 -17.72 17.96 -2.88
CA VAL A 14 -18.11 19.17 -2.15
C VAL A 14 -17.57 19.15 -0.72
N VAL A 15 -16.67 18.21 -0.45
CA VAL A 15 -16.08 18.09 0.88
C VAL A 15 -14.94 17.08 0.88
N SER A 16 -13.81 17.46 1.45
CA SER A 16 -12.64 16.58 1.51
C SER A 16 -11.68 17.03 2.61
N SER A 17 -10.84 16.11 3.07
CA SER A 17 -9.87 16.41 4.11
C SER A 17 -8.68 15.47 4.03
N SER A 18 -7.55 15.91 4.58
CA SER A 18 -6.33 15.09 4.57
C SER A 18 -5.90 14.76 5.99
N TYR A 19 -6.25 13.56 6.45
CA TYR A 19 -5.90 13.12 7.79
C TYR A 19 -4.98 11.91 7.74
N PRO A 20 -4.12 11.77 8.77
CA PRO A 20 -3.18 10.66 8.86
C PRO A 20 -3.87 9.32 9.14
N THR A 21 -3.31 8.24 8.61
CA THR A 21 -3.87 6.91 8.80
C THR A 21 -2.92 6.02 9.59
N GLY A 22 -3.47 4.96 10.17
CA GLY A 22 -2.66 4.04 10.96
C GLY A 22 -1.90 4.74 12.08
N LEU A 23 -2.65 5.48 12.90
CA LEU A 23 -2.04 6.19 14.02
C LEU A 23 -1.82 5.25 15.21
N THR A 24 -2.54 4.14 15.22
CA THR A 24 -2.42 3.17 16.29
C THR A 24 -0.99 2.64 16.40
N GLY A 25 -0.52 2.50 17.63
CA GLY A 25 0.83 2.01 17.85
C GLY A 25 0.95 0.51 17.63
N GLY A 26 2.06 0.10 17.02
CA GLY A 26 2.27 -1.31 16.75
C GLY A 26 2.26 -1.62 15.27
N VAL A 27 1.19 -1.19 14.58
CA VAL A 27 1.07 -1.44 13.15
C VAL A 27 1.00 -0.12 12.38
N THR A 28 1.72 -0.06 11.26
CA THR A 28 1.73 1.14 10.44
C THR A 28 1.28 0.83 9.02
N ILE A 29 0.44 1.69 8.46
CA ILE A 29 -0.06 1.52 7.11
C ILE A 29 0.97 1.96 6.07
N PHE A 30 1.10 1.18 5.00
CA PHE A 30 2.06 1.50 3.95
C PHE A 30 1.48 1.16 2.57
N VAL A 31 1.78 1.99 1.59
CA VAL A 31 1.30 1.78 0.23
C VAL A 31 2.45 1.56 -0.74
N ALA A 32 2.20 0.74 -1.76
CA ALA A 32 3.22 0.45 -2.76
C ALA A 32 3.13 1.41 -3.94
N LEU A 33 4.17 2.22 -4.12
CA LEU A 33 4.20 3.18 -5.22
C LEU A 33 4.60 2.51 -6.53
N TYR A 34 5.48 1.53 -6.44
CA TYR A 34 5.95 0.81 -7.62
C TYR A 34 5.50 -0.65 -7.58
N ASP A 35 5.32 -1.25 -8.76
CA ASP A 35 4.91 -2.64 -8.85
C ASP A 35 6.10 -3.58 -8.75
N TYR A 36 6.00 -4.55 -7.85
CA TYR A 36 7.08 -5.52 -7.66
C TYR A 36 6.55 -6.94 -7.66
N GLU A 37 7.45 -7.91 -7.73
CA GLU A 37 7.07 -9.32 -7.75
C GLU A 37 7.96 -10.14 -6.83
N ALA A 38 7.35 -10.80 -5.85
CA ALA A 38 8.09 -11.63 -4.91
C ALA A 38 9.01 -12.61 -5.63
N ARG A 39 10.32 -12.39 -5.48
CA ARG A 39 11.30 -13.25 -6.12
C ARG A 39 11.24 -14.67 -5.56
N THR A 40 11.19 -14.77 -4.24
CA THR A 40 11.12 -16.08 -3.57
C THR A 40 9.97 -16.12 -2.58
N THR A 41 9.58 -17.33 -2.19
CA THR A 41 8.49 -17.51 -1.23
C THR A 41 8.67 -16.61 -0.02
N GLU A 42 9.92 -16.35 0.35
CA GLU A 42 10.21 -15.50 1.50
C GLU A 42 9.83 -14.05 1.20
N ASP A 43 9.96 -13.65 -0.05
CA ASP A 43 9.63 -12.29 -0.45
C ASP A 43 8.12 -12.11 -0.55
N LEU A 44 7.69 -10.85 -0.50
CA LEU A 44 6.26 -10.54 -0.58
C LEU A 44 5.94 -9.81 -1.88
N SER A 45 4.97 -10.35 -2.62
CA SER A 45 4.56 -9.75 -3.88
C SER A 45 3.51 -8.66 -3.67
N PHE A 46 3.64 -7.57 -4.41
CA PHE A 46 2.71 -6.45 -4.30
C PHE A 46 2.59 -5.70 -5.62
N LYS A 47 1.56 -4.86 -5.73
CA LYS A 47 1.34 -4.08 -6.95
C LYS A 47 1.23 -2.60 -6.62
N LYS A 48 1.49 -1.75 -7.61
CA LYS A 48 1.41 -0.31 -7.44
C LYS A 48 0.01 0.11 -6.99
N GLY A 49 -0.11 0.49 -5.72
CA GLY A 49 -1.39 0.91 -5.19
C GLY A 49 -1.99 -0.12 -4.24
N GLU A 50 -1.13 -0.87 -3.58
CA GLU A 50 -1.58 -1.90 -2.63
C GLU A 50 -1.11 -1.57 -1.22
N ARG A 51 -1.91 -1.96 -0.23
CA ARG A 51 -1.58 -1.72 1.16
C ARG A 51 -1.05 -2.98 1.82
N PHE A 52 -0.37 -2.81 2.96
CA PHE A 52 0.20 -3.94 3.68
C PHE A 52 0.51 -3.56 5.13
N GLN A 53 0.16 -4.44 6.06
CA GLN A 53 0.39 -4.20 7.47
C GLN A 53 1.83 -4.54 7.85
N ILE A 54 2.60 -3.52 8.21
CA ILE A 54 3.98 -3.71 8.61
C ILE A 54 4.10 -4.51 9.89
N ILE A 55 4.51 -5.77 9.76
CA ILE A 55 4.67 -6.64 10.92
C ILE A 55 6.00 -6.42 11.62
N ASN A 56 7.07 -6.37 10.82
CA ASN A 56 8.41 -6.16 11.35
C ASN A 56 9.22 -5.23 10.45
N ASN A 57 9.74 -4.15 11.04
CA ASN A 57 10.53 -3.18 10.29
C ASN A 57 11.89 -2.97 10.95
N THR A 58 12.54 -4.06 11.33
CA THR A 58 13.84 -4.00 11.97
C THR A 58 14.94 -3.67 10.96
N GLU A 59 14.91 -4.37 9.82
CA GLU A 59 15.90 -4.15 8.77
C GLU A 59 15.31 -3.32 7.63
N GLY A 60 15.91 -2.16 7.38
CA GLY A 60 15.44 -1.29 6.32
C GLY A 60 15.43 -1.98 4.97
N ASP A 61 16.48 -2.75 4.69
CA ASP A 61 16.59 -3.45 3.42
C ASP A 61 15.24 -4.04 3.01
N TRP A 62 14.61 -4.77 3.92
CA TRP A 62 13.32 -5.38 3.64
C TRP A 62 12.47 -5.47 4.91
N TRP A 63 11.22 -5.06 4.80
CA TRP A 63 10.30 -5.09 5.95
C TRP A 63 9.26 -6.18 5.77
N GLU A 64 8.92 -6.86 6.87
CA GLU A 64 7.92 -7.92 6.84
C GLU A 64 6.51 -7.36 7.03
N ALA A 65 5.69 -7.50 6.00
CA ALA A 65 4.32 -7.01 6.05
C ALA A 65 3.34 -8.06 5.53
N ARG A 66 2.08 -7.94 5.95
CA ARG A 66 1.05 -8.88 5.53
C ARG A 66 -0.07 -8.17 4.80
N SER A 67 -0.10 -8.30 3.47
CA SER A 67 -1.12 -7.66 2.66
C SER A 67 -2.50 -7.81 3.31
N ILE A 68 -3.27 -6.73 3.26
CA ILE A 68 -4.61 -6.73 3.84
C ILE A 68 -5.67 -7.00 2.78
N ALA A 69 -5.39 -6.58 1.54
CA ALA A 69 -6.32 -6.78 0.44
C ALA A 69 -6.41 -8.26 0.07
N THR A 70 -5.26 -8.85 -0.27
CA THR A 70 -5.21 -10.26 -0.66
C THR A 70 -4.95 -11.14 0.56
N GLY A 71 -4.01 -10.73 1.39
CA GLY A 71 -3.68 -11.49 2.58
C GLY A 71 -2.31 -12.14 2.50
N LYS A 72 -1.48 -11.64 1.58
CA LYS A 72 -0.14 -12.16 1.39
C LYS A 72 0.76 -11.79 2.57
N SER A 73 1.93 -12.41 2.65
CA SER A 73 2.88 -12.14 3.72
C SER A 73 4.30 -12.51 3.30
N GLY A 74 5.25 -11.63 3.60
CA GLY A 74 6.63 -11.89 3.25
C GLY A 74 7.53 -10.71 3.58
N TYR A 75 8.36 -10.31 2.63
CA TYR A 75 9.28 -9.20 2.82
C TYR A 75 9.22 -8.23 1.65
N ILE A 76 8.99 -6.95 1.96
CA ILE A 76 8.92 -5.92 0.93
C ILE A 76 9.94 -4.82 1.17
N PRO A 77 10.55 -4.33 0.08
CA PRO A 77 11.56 -3.27 0.15
C PRO A 77 10.97 -1.92 0.54
N SER A 78 11.43 -1.39 1.67
CA SER A 78 10.93 -0.10 2.16
C SER A 78 11.27 1.01 1.18
N ASN A 79 12.09 0.71 0.20
CA ASN A 79 12.49 1.69 -0.81
C ASN A 79 11.43 1.80 -1.90
N TYR A 80 10.40 0.96 -1.82
CA TYR A 80 9.33 0.98 -2.79
C TYR A 80 8.00 1.35 -2.14
N VAL A 81 7.84 0.96 -0.87
CA VAL A 81 6.62 1.26 -0.14
C VAL A 81 6.82 2.41 0.82
N VAL A 82 5.78 3.20 1.03
CA VAL A 82 5.83 4.35 1.93
C VAL A 82 4.57 4.45 2.77
N PRO A 83 4.70 5.06 3.96
CA PRO A 83 3.58 5.24 4.88
C PRO A 83 2.56 6.26 4.37
N ALA A 84 1.29 5.91 4.45
CA ALA A 84 0.22 6.78 4.01
C ALA A 84 0.18 8.07 4.83
N ASP A 85 1.01 8.12 5.86
CA ASP A 85 1.07 9.29 6.74
C ASP A 85 2.19 10.23 6.31
N SER A 86 3.34 9.65 5.97
CA SER A 86 4.50 10.42 5.55
C SER A 86 4.76 10.26 4.06
N ILE A 87 3.70 9.93 3.32
CA ILE A 87 3.81 9.75 1.88
C ILE A 87 4.81 10.73 1.27
N GLN A 88 6.00 10.23 0.95
CA GLN A 88 7.04 11.06 0.35
C GLN A 88 6.76 11.32 -1.12
N ALA A 89 5.94 10.46 -1.72
CA ALA A 89 5.59 10.60 -3.13
C ALA A 89 4.09 10.77 -3.31
N GLU A 90 3.43 11.31 -2.29
CA GLU A 90 2.00 11.52 -2.34
C GLU A 90 1.55 11.89 -3.75
N GLU A 91 2.43 12.56 -4.49
CA GLU A 91 2.12 12.98 -5.85
C GLU A 91 1.30 11.92 -6.57
N TRP A 92 1.56 10.65 -6.24
CA TRP A 92 0.83 9.54 -6.85
C TRP A 92 -0.65 9.61 -6.54
N TYR A 93 -0.97 9.82 -5.27
CA TYR A 93 -2.37 9.91 -4.84
C TYR A 93 -2.95 11.28 -5.17
N PHE A 94 -2.10 12.30 -5.16
CA PHE A 94 -2.54 13.66 -5.46
C PHE A 94 -3.08 13.75 -6.88
N GLY A 95 -2.38 13.14 -7.82
CA GLY A 95 -2.80 13.17 -9.21
C GLY A 95 -3.80 12.07 -9.53
N LYS A 96 -3.65 10.93 -8.86
CA LYS A 96 -4.54 9.80 -9.08
C LYS A 96 -5.95 10.27 -9.42
N MET A 97 -6.54 9.66 -10.45
CA MET A 97 -7.89 10.02 -10.87
C MET A 97 -8.87 9.95 -9.70
N GLY A 98 -8.82 8.84 -8.96
CA GLY A 98 -9.71 8.67 -7.83
C GLY A 98 -9.55 9.77 -6.80
N ARG A 99 -10.19 9.59 -5.64
CA ARG A 99 -10.12 10.59 -4.58
C ARG A 99 -10.50 9.97 -3.24
N LYS A 100 -9.71 10.26 -2.21
CA LYS A 100 -9.96 9.73 -0.88
C LYS A 100 -11.07 10.50 -0.18
N ASP A 101 -12.08 9.77 0.30
CA ASP A 101 -13.21 10.39 0.98
C ASP A 101 -13.02 10.34 2.50
N ALA A 102 -13.33 11.44 3.17
CA ALA A 102 -13.19 11.51 4.62
C ALA A 102 -14.43 12.15 5.25
N GLU A 103 -14.65 11.86 6.52
CA GLU A 103 -15.80 12.40 7.25
C GLU A 103 -15.52 13.82 7.73
N SER A 104 -14.44 13.97 8.49
CA SER A 104 -14.06 15.27 9.03
C SER A 104 -12.70 15.20 9.73
N GLY A 105 -11.78 16.06 9.30
CA GLY A 105 -10.46 16.07 9.89
C GLY A 105 -9.72 17.38 9.64
N PRO A 106 -8.91 17.80 10.62
CA PRO A 106 -8.14 19.04 10.52
C PRO A 106 -7.01 18.94 9.49
N SER A 107 -6.33 20.05 9.25
CA SER A 107 -5.24 20.10 8.29
C SER A 107 -3.97 20.63 8.93
N SER A 108 -2.84 20.45 8.25
CA SER A 108 -1.55 20.90 8.76
C SER A 108 -0.47 20.79 7.69
N GLY A 109 0.33 21.84 7.55
CA GLY A 109 1.39 21.84 6.56
C GLY A 109 1.27 22.97 5.57
N GLY A 1 -0.68 13.02 -33.08
CA GLY A 1 -1.66 12.26 -32.33
C GLY A 1 -1.18 10.86 -31.99
N SER A 2 -0.28 10.76 -31.02
CA SER A 2 0.27 9.48 -30.62
C SER A 2 -0.74 8.71 -29.76
N SER A 3 -0.76 7.39 -29.94
CA SER A 3 -1.68 6.54 -29.19
C SER A 3 -1.10 5.13 -29.02
N GLY A 4 -1.63 4.39 -28.06
CA GLY A 4 -1.16 3.04 -27.81
C GLY A 4 -2.06 2.28 -26.86
N SER A 5 -2.62 1.17 -27.33
CA SER A 5 -3.51 0.36 -26.51
C SER A 5 -2.71 -0.62 -25.65
N SER A 6 -3.42 -1.36 -24.80
CA SER A 6 -2.78 -2.32 -23.91
C SER A 6 -3.81 -3.16 -23.18
N GLY A 7 -3.69 -4.47 -23.28
CA GLY A 7 -4.63 -5.36 -22.61
C GLY A 7 -4.49 -5.33 -21.10
N ALA A 8 -5.15 -6.27 -20.42
CA ALA A 8 -5.10 -6.34 -18.97
C ALA A 8 -5.62 -7.69 -18.47
N SER A 9 -5.46 -7.92 -17.18
CA SER A 9 -5.90 -9.18 -16.57
C SER A 9 -7.13 -8.95 -15.70
N SER A 10 -7.96 -9.99 -15.57
CA SER A 10 -9.18 -9.90 -14.77
C SER A 10 -8.93 -10.43 -13.37
N SER A 11 -9.40 -9.67 -12.37
CA SER A 11 -9.23 -10.06 -10.98
C SER A 11 -10.45 -9.65 -10.16
N PHE A 12 -10.78 -10.48 -9.16
CA PHE A 12 -11.93 -10.21 -8.30
C PHE A 12 -11.53 -10.25 -6.83
N SER A 13 -12.41 -9.78 -5.96
CA SER A 13 -12.15 -9.76 -4.52
C SER A 13 -13.45 -9.78 -3.73
N VAL A 14 -13.41 -10.39 -2.55
CA VAL A 14 -14.59 -10.47 -1.70
C VAL A 14 -14.19 -10.52 -0.23
N VAL A 15 -14.81 -9.64 0.57
CA VAL A 15 -14.51 -9.57 2.00
C VAL A 15 -15.01 -10.83 2.71
N SER A 16 -14.25 -11.27 3.71
CA SER A 16 -14.60 -12.46 4.48
C SER A 16 -15.10 -12.09 5.87
N SER A 17 -14.36 -11.20 6.54
CA SER A 17 -14.74 -10.77 7.88
C SER A 17 -14.52 -9.26 8.04
N SER A 18 -15.51 -8.59 8.60
CA SER A 18 -15.43 -7.14 8.81
C SER A 18 -14.07 -6.74 9.36
N TYR A 19 -13.73 -5.46 9.23
CA TYR A 19 -12.46 -4.96 9.72
C TYR A 19 -12.66 -3.97 10.86
N PRO A 20 -11.74 -4.00 11.83
CA PRO A 20 -11.79 -3.11 13.00
C PRO A 20 -11.51 -1.66 12.64
N THR A 21 -12.02 -0.74 13.44
CA THR A 21 -11.83 0.70 13.20
C THR A 21 -10.70 1.24 14.07
N GLY A 22 -9.88 0.34 14.59
CA GLY A 22 -8.76 0.76 15.42
C GLY A 22 -7.47 0.03 15.08
N LEU A 23 -6.89 0.39 13.93
CA LEU A 23 -5.65 -0.25 13.49
C LEU A 23 -4.44 0.57 13.94
N THR A 24 -4.67 1.82 14.30
CA THR A 24 -3.61 2.71 14.75
C THR A 24 -3.16 2.35 16.16
N GLY A 25 -1.97 1.75 16.26
CA GLY A 25 -1.44 1.36 17.56
C GLY A 25 -0.63 0.09 17.50
N GLY A 26 0.59 0.19 16.97
CA GLY A 26 1.45 -0.97 16.86
C GLY A 26 1.88 -1.24 15.44
N VAL A 27 0.94 -1.14 14.51
CA VAL A 27 1.23 -1.38 13.09
C VAL A 27 1.07 -0.10 12.29
N THR A 28 1.94 0.07 11.28
CA THR A 28 1.90 1.25 10.43
C THR A 28 1.43 0.89 9.02
N ILE A 29 0.52 1.69 8.48
CA ILE A 29 -0.01 1.46 7.14
C ILE A 29 1.01 1.90 6.08
N PHE A 30 1.13 1.09 5.03
CA PHE A 30 2.05 1.40 3.94
C PHE A 30 1.44 1.04 2.58
N VAL A 31 1.75 1.84 1.57
CA VAL A 31 1.23 1.62 0.23
C VAL A 31 2.36 1.44 -0.78
N ALA A 32 2.12 0.62 -1.79
CA ALA A 32 3.11 0.36 -2.82
C ALA A 32 2.93 1.28 -4.02
N LEU A 33 3.94 2.11 -4.29
CA LEU A 33 3.87 3.05 -5.40
C LEU A 33 4.31 2.38 -6.70
N TYR A 34 5.23 1.44 -6.59
CA TYR A 34 5.74 0.72 -7.76
C TYR A 34 5.36 -0.76 -7.70
N ASP A 35 5.27 -1.39 -8.86
CA ASP A 35 4.92 -2.80 -8.94
C ASP A 35 6.16 -3.68 -8.73
N TYR A 36 6.12 -4.51 -7.70
CA TYR A 36 7.24 -5.40 -7.39
C TYR A 36 6.80 -6.86 -7.43
N GLU A 37 7.77 -7.76 -7.56
CA GLU A 37 7.48 -9.18 -7.61
C GLU A 37 8.39 -9.95 -6.65
N ALA A 38 7.76 -10.66 -5.71
CA ALA A 38 8.50 -11.44 -4.72
C ALA A 38 9.46 -12.41 -5.40
N ARG A 39 10.75 -12.16 -5.23
CA ARG A 39 11.78 -13.01 -5.83
C ARG A 39 11.62 -14.46 -5.37
N THR A 40 10.94 -14.64 -4.24
CA THR A 40 10.72 -15.97 -3.69
C THR A 40 9.75 -15.93 -2.51
N THR A 41 9.22 -17.09 -2.14
CA THR A 41 8.27 -17.18 -1.04
C THR A 41 8.67 -16.25 0.10
N GLU A 42 9.95 -16.27 0.46
CA GLU A 42 10.46 -15.43 1.54
C GLU A 42 10.03 -13.97 1.33
N ASP A 43 10.13 -13.50 0.09
CA ASP A 43 9.75 -12.13 -0.23
C ASP A 43 8.25 -12.00 -0.40
N LEU A 44 7.72 -10.80 -0.17
CA LEU A 44 6.30 -10.55 -0.30
C LEU A 44 5.96 -9.96 -1.67
N SER A 45 5.00 -10.57 -2.35
CA SER A 45 4.59 -10.10 -3.67
C SER A 45 3.54 -9.01 -3.56
N PHE A 46 3.91 -7.79 -3.94
CA PHE A 46 2.99 -6.66 -3.87
C PHE A 46 2.96 -5.92 -5.21
N LYS A 47 1.85 -5.23 -5.47
CA LYS A 47 1.69 -4.47 -6.70
C LYS A 47 1.45 -3.00 -6.41
N LYS A 48 1.65 -2.17 -7.42
CA LYS A 48 1.44 -0.73 -7.28
C LYS A 48 0.00 -0.41 -6.90
N GLY A 49 -0.19 0.00 -5.64
CA GLY A 49 -1.53 0.33 -5.18
C GLY A 49 -2.09 -0.72 -4.25
N GLU A 50 -1.22 -1.32 -3.44
CA GLU A 50 -1.64 -2.36 -2.50
C GLU A 50 -1.16 -2.03 -1.08
N ARG A 51 -2.04 -2.20 -0.11
CA ARG A 51 -1.70 -1.93 1.28
C ARG A 51 -1.20 -3.20 1.98
N PHE A 52 -0.41 -3.01 3.04
CA PHE A 52 0.13 -4.13 3.78
C PHE A 52 0.39 -3.74 5.23
N GLN A 53 0.18 -4.70 6.15
CA GLN A 53 0.38 -4.45 7.57
C GLN A 53 1.83 -4.71 7.96
N ILE A 54 2.56 -3.64 8.25
CA ILE A 54 3.96 -3.75 8.65
C ILE A 54 4.10 -4.50 9.96
N ILE A 55 4.53 -5.76 9.88
CA ILE A 55 4.72 -6.59 11.07
C ILE A 55 6.05 -6.29 11.75
N ASN A 56 7.12 -6.24 10.95
CA ASN A 56 8.44 -5.95 11.47
C ASN A 56 9.17 -4.94 10.60
N ASN A 57 9.62 -3.85 11.21
CA ASN A 57 10.33 -2.80 10.49
C ASN A 57 11.75 -2.65 11.01
N THR A 58 12.38 -3.77 11.33
CA THR A 58 13.75 -3.76 11.84
C THR A 58 14.76 -3.72 10.71
N GLU A 59 14.49 -4.47 9.64
CA GLU A 59 15.37 -4.53 8.49
C GLU A 59 14.93 -3.54 7.42
N GLY A 60 15.59 -2.38 7.39
CA GLY A 60 15.26 -1.36 6.41
C GLY A 60 15.19 -1.92 5.00
N ASP A 61 16.26 -2.56 4.56
CA ASP A 61 16.32 -3.14 3.23
C ASP A 61 15.00 -3.80 2.87
N TRP A 62 14.48 -4.62 3.78
CA TRP A 62 13.23 -5.32 3.56
C TRP A 62 12.43 -5.44 4.85
N TRP A 63 11.15 -5.08 4.79
CA TRP A 63 10.29 -5.15 5.97
C TRP A 63 9.27 -6.29 5.83
N GLU A 64 8.88 -6.86 6.97
CA GLU A 64 7.92 -7.96 6.97
C GLU A 64 6.51 -7.44 7.17
N ALA A 65 5.69 -7.54 6.12
CA ALA A 65 4.31 -7.08 6.18
C ALA A 65 3.36 -8.15 5.67
N ARG A 66 2.12 -8.12 6.15
CA ARG A 66 1.11 -9.09 5.74
C ARG A 66 -0.06 -8.39 5.04
N SER A 67 -0.15 -8.58 3.73
CA SER A 67 -1.21 -7.97 2.95
C SER A 67 -2.55 -8.06 3.69
N ILE A 68 -3.30 -6.96 3.68
CA ILE A 68 -4.60 -6.92 4.35
C ILE A 68 -5.72 -7.28 3.38
N ALA A 69 -5.48 -7.05 2.09
CA ALA A 69 -6.47 -7.36 1.06
C ALA A 69 -6.45 -8.85 0.71
N THR A 70 -5.32 -9.33 0.22
CA THR A 70 -5.18 -10.73 -0.16
C THR A 70 -4.92 -11.60 1.06
N GLY A 71 -3.91 -11.22 1.85
CA GLY A 71 -3.58 -11.98 3.04
C GLY A 71 -2.20 -12.61 2.96
N LYS A 72 -1.43 -12.21 1.94
CA LYS A 72 -0.09 -12.74 1.75
C LYS A 72 0.86 -12.21 2.83
N SER A 73 2.07 -12.76 2.86
CA SER A 73 3.08 -12.36 3.82
C SER A 73 4.48 -12.61 3.30
N GLY A 74 5.41 -11.71 3.64
CA GLY A 74 6.78 -11.86 3.20
C GLY A 74 7.63 -10.66 3.55
N TYR A 75 8.48 -10.24 2.62
CA TYR A 75 9.36 -9.11 2.84
C TYR A 75 9.32 -8.14 1.65
N ILE A 76 9.05 -6.87 1.94
CA ILE A 76 8.99 -5.85 0.90
C ILE A 76 10.01 -4.75 1.13
N PRO A 77 10.61 -4.24 0.05
CA PRO A 77 11.62 -3.18 0.11
C PRO A 77 11.02 -1.85 0.52
N SER A 78 11.53 -1.28 1.60
CA SER A 78 11.04 0.00 2.11
C SER A 78 11.37 1.13 1.12
N ASN A 79 12.10 0.78 0.07
CA ASN A 79 12.49 1.77 -0.93
C ASN A 79 11.43 1.87 -2.03
N TYR A 80 10.40 1.04 -1.93
CA TYR A 80 9.32 1.04 -2.91
C TYR A 80 7.99 1.39 -2.25
N VAL A 81 7.84 0.99 -1.00
CA VAL A 81 6.61 1.26 -0.25
C VAL A 81 6.80 2.42 0.71
N VAL A 82 5.73 3.18 0.93
CA VAL A 82 5.78 4.32 1.84
C VAL A 82 4.51 4.40 2.69
N PRO A 83 4.65 4.99 3.89
CA PRO A 83 3.53 5.15 4.82
C PRO A 83 2.49 6.16 4.32
N ALA A 84 1.22 5.77 4.40
CA ALA A 84 0.13 6.64 3.96
C ALA A 84 0.08 7.92 4.79
N ASP A 85 0.92 7.98 5.83
CA ASP A 85 0.97 9.15 6.70
C ASP A 85 2.08 10.10 6.25
N SER A 86 3.23 9.53 5.90
CA SER A 86 4.37 10.33 5.47
C SER A 86 4.63 10.14 3.98
N ILE A 87 3.57 9.85 3.24
CA ILE A 87 3.67 9.65 1.80
C ILE A 87 4.64 10.64 1.17
N GLN A 88 5.84 10.16 0.83
CA GLN A 88 6.86 11.01 0.23
C GLN A 88 6.54 11.28 -1.24
N ALA A 89 5.88 10.33 -1.88
CA ALA A 89 5.51 10.47 -3.29
C ALA A 89 4.02 10.72 -3.44
N GLU A 90 3.41 11.28 -2.40
CA GLU A 90 1.98 11.58 -2.42
C GLU A 90 1.54 12.04 -3.81
N GLU A 91 2.47 12.64 -4.55
CA GLU A 91 2.17 13.12 -5.89
C GLU A 91 1.32 12.12 -6.65
N TRP A 92 1.51 10.84 -6.36
CA TRP A 92 0.75 9.78 -7.02
C TRP A 92 -0.74 9.92 -6.74
N TYR A 93 -1.07 10.17 -5.48
CA TYR A 93 -2.46 10.31 -5.07
C TYR A 93 -2.98 11.72 -5.40
N PHE A 94 -2.08 12.70 -5.34
CA PHE A 94 -2.45 14.08 -5.63
C PHE A 94 -2.97 14.22 -7.05
N GLY A 95 -2.23 13.65 -8.00
CA GLY A 95 -2.64 13.72 -9.39
C GLY A 95 -3.63 12.64 -9.76
N LYS A 96 -3.43 11.44 -9.24
CA LYS A 96 -4.32 10.32 -9.51
C LYS A 96 -5.77 10.79 -9.67
N MET A 97 -6.53 10.09 -10.50
CA MET A 97 -7.92 10.43 -10.74
C MET A 97 -8.60 10.88 -9.45
N GLY A 98 -8.82 12.19 -9.32
CA GLY A 98 -9.45 12.72 -8.14
C GLY A 98 -8.61 13.77 -7.45
N ARG A 99 -8.13 14.74 -8.22
CA ARG A 99 -7.30 15.82 -7.68
C ARG A 99 -7.93 16.41 -6.42
N LYS A 100 -9.15 16.91 -6.56
CA LYS A 100 -9.86 17.51 -5.43
C LYS A 100 -10.59 16.44 -4.63
N ASP A 101 -10.10 16.16 -3.43
CA ASP A 101 -10.71 15.17 -2.55
C ASP A 101 -11.56 15.83 -1.47
N ALA A 102 -12.81 15.40 -1.35
CA ALA A 102 -13.71 15.95 -0.35
C ALA A 102 -15.02 15.18 -0.31
N GLU A 103 -15.85 15.45 0.69
CA GLU A 103 -17.13 14.78 0.84
C GLU A 103 -18.15 15.33 -0.14
N SER A 104 -19.34 14.75 -0.14
CA SER A 104 -20.41 15.17 -1.03
C SER A 104 -21.78 14.76 -0.49
N GLY A 105 -22.83 15.27 -1.11
CA GLY A 105 -24.18 14.95 -0.67
C GLY A 105 -24.44 13.46 -0.64
N PRO A 106 -25.43 13.05 0.16
CA PRO A 106 -25.80 11.63 0.30
C PRO A 106 -26.44 11.07 -0.97
N SER A 107 -27.23 11.90 -1.65
CA SER A 107 -27.90 11.50 -2.88
C SER A 107 -26.89 11.03 -3.92
N SER A 108 -25.89 11.87 -4.16
CA SER A 108 -24.85 11.55 -5.15
C SER A 108 -24.11 10.27 -4.76
N GLY A 109 -23.56 9.58 -5.77
CA GLY A 109 -22.84 8.36 -5.51
C GLY A 109 -23.71 7.27 -4.91
N GLY A 1 -28.76 26.66 19.04
CA GLY A 1 -27.58 27.50 19.24
C GLY A 1 -26.30 26.81 18.86
N SER A 2 -25.38 27.56 18.24
CA SER A 2 -24.10 27.00 17.82
C SER A 2 -23.19 28.09 17.26
N SER A 3 -21.95 27.73 16.98
CA SER A 3 -20.98 28.67 16.45
C SER A 3 -19.72 27.96 15.97
N GLY A 4 -19.08 28.50 14.94
CA GLY A 4 -17.88 27.90 14.41
C GLY A 4 -18.01 27.51 12.95
N SER A 5 -17.03 27.88 12.14
CA SER A 5 -17.05 27.58 10.72
C SER A 5 -15.75 28.01 10.05
N SER A 6 -15.46 27.42 8.89
CA SER A 6 -14.24 27.74 8.16
C SER A 6 -14.38 27.39 6.69
N GLY A 7 -13.81 28.22 5.82
CA GLY A 7 -13.90 27.97 4.39
C GLY A 7 -13.47 29.18 3.58
N ALA A 8 -14.44 29.94 3.09
CA ALA A 8 -14.17 31.12 2.29
C ALA A 8 -13.30 30.78 1.08
N SER A 9 -13.64 29.68 0.41
CA SER A 9 -12.89 29.24 -0.75
C SER A 9 -13.74 28.33 -1.63
N SER A 10 -13.99 28.77 -2.86
CA SER A 10 -14.81 28.00 -3.80
C SER A 10 -13.93 27.12 -4.67
N SER A 11 -14.06 25.81 -4.50
CA SER A 11 -13.27 24.85 -5.27
C SER A 11 -14.10 23.62 -5.61
N PHE A 12 -13.85 23.05 -6.79
CA PHE A 12 -14.57 21.87 -7.24
C PHE A 12 -14.75 20.86 -6.10
N SER A 13 -13.63 20.44 -5.53
CA SER A 13 -13.65 19.48 -4.43
C SER A 13 -12.65 19.86 -3.35
N VAL A 14 -12.98 19.52 -2.11
CA VAL A 14 -12.10 19.84 -0.98
C VAL A 14 -11.40 18.58 -0.47
N VAL A 15 -12.11 17.47 -0.44
CA VAL A 15 -11.54 16.21 0.00
C VAL A 15 -10.73 16.39 1.28
N SER A 16 -11.25 17.21 2.19
CA SER A 16 -10.57 17.48 3.45
C SER A 16 -11.56 17.43 4.62
N SER A 17 -11.35 16.48 5.52
CA SER A 17 -12.22 16.32 6.68
C SER A 17 -11.40 16.23 7.97
N SER A 18 -12.09 16.31 9.10
CA SER A 18 -11.42 16.25 10.40
C SER A 18 -10.45 15.07 10.45
N TYR A 19 -9.25 15.32 10.98
CA TYR A 19 -8.23 14.29 11.08
C TYR A 19 -8.78 13.05 11.81
N PRO A 20 -8.30 11.88 11.39
CA PRO A 20 -8.71 10.60 11.98
C PRO A 20 -8.19 10.42 13.40
N THR A 21 -8.51 9.28 14.00
CA THR A 21 -8.08 8.99 15.37
C THR A 21 -7.30 7.68 15.42
N GLY A 22 -6.81 7.34 16.60
CA GLY A 22 -6.06 6.10 16.77
C GLY A 22 -4.89 6.01 15.81
N LEU A 23 -4.06 7.04 15.78
CA LEU A 23 -2.91 7.06 14.89
C LEU A 23 -1.69 6.45 15.57
N THR A 24 -1.71 6.41 16.89
CA THR A 24 -0.61 5.84 17.66
C THR A 24 -0.99 4.49 18.26
N GLY A 25 -0.79 3.43 17.48
CA GLY A 25 -1.12 2.10 17.95
C GLY A 25 0.08 1.17 17.94
N GLY A 26 0.15 0.31 16.92
CA GLY A 26 1.26 -0.62 16.81
C GLY A 26 1.67 -0.87 15.38
N VAL A 27 0.69 -1.11 14.51
CA VAL A 27 0.95 -1.36 13.10
C VAL A 27 0.87 -0.07 12.29
N THR A 28 1.80 0.09 11.35
CA THR A 28 1.83 1.28 10.50
C THR A 28 1.38 0.95 9.08
N ILE A 29 0.45 1.75 8.55
CA ILE A 29 -0.05 1.56 7.20
C ILE A 29 0.96 1.99 6.16
N PHE A 30 1.09 1.20 5.10
CA PHE A 30 2.04 1.51 4.03
C PHE A 30 1.43 1.19 2.67
N VAL A 31 1.78 1.99 1.67
CA VAL A 31 1.26 1.80 0.32
C VAL A 31 2.40 1.59 -0.67
N ALA A 32 2.15 0.78 -1.69
CA ALA A 32 3.16 0.49 -2.71
C ALA A 32 3.05 1.48 -3.87
N LEU A 33 4.09 2.29 -4.03
CA LEU A 33 4.11 3.28 -5.10
C LEU A 33 4.49 2.63 -6.44
N TYR A 34 5.38 1.65 -6.38
CA TYR A 34 5.83 0.95 -7.58
C TYR A 34 5.40 -0.52 -7.54
N ASP A 35 5.30 -1.12 -8.72
CA ASP A 35 4.90 -2.52 -8.83
C ASP A 35 6.12 -3.44 -8.72
N TYR A 36 6.07 -4.37 -7.77
CA TYR A 36 7.16 -5.31 -7.56
C TYR A 36 6.67 -6.75 -7.62
N GLU A 37 7.61 -7.69 -7.67
CA GLU A 37 7.27 -9.10 -7.73
C GLU A 37 8.18 -9.92 -6.83
N ALA A 38 7.57 -10.62 -5.86
CA ALA A 38 8.34 -11.44 -4.94
C ALA A 38 9.27 -12.39 -5.67
N ARG A 39 10.57 -12.12 -5.57
CA ARG A 39 11.58 -12.95 -6.23
C ARG A 39 11.50 -14.39 -5.74
N THR A 40 11.44 -14.57 -4.42
CA THR A 40 11.37 -15.89 -3.82
C THR A 40 10.17 -16.02 -2.89
N THR A 41 9.79 -17.25 -2.58
CA THR A 41 8.65 -17.50 -1.70
C THR A 41 8.77 -16.70 -0.41
N GLU A 42 10.00 -16.33 -0.05
CA GLU A 42 10.25 -15.56 1.16
C GLU A 42 9.86 -14.09 0.96
N ASP A 43 10.01 -13.60 -0.26
CA ASP A 43 9.68 -12.22 -0.59
C ASP A 43 8.16 -12.04 -0.74
N LEU A 44 7.68 -10.85 -0.42
CA LEU A 44 6.26 -10.55 -0.52
C LEU A 44 5.93 -9.90 -1.86
N SER A 45 4.95 -10.46 -2.55
CA SER A 45 4.53 -9.94 -3.85
C SER A 45 3.47 -8.85 -3.69
N PHE A 46 3.80 -7.64 -4.13
CA PHE A 46 2.88 -6.52 -4.03
C PHE A 46 2.79 -5.76 -5.36
N LYS A 47 1.78 -4.92 -5.48
CA LYS A 47 1.58 -4.13 -6.69
C LYS A 47 1.35 -2.66 -6.36
N LYS A 48 1.61 -1.79 -7.33
CA LYS A 48 1.43 -0.35 -7.13
C LYS A 48 -0.02 -0.04 -6.77
N GLY A 49 -0.22 0.44 -5.55
CA GLY A 49 -1.56 0.78 -5.09
C GLY A 49 -2.13 -0.26 -4.15
N GLU A 50 -1.25 -0.99 -3.47
CA GLU A 50 -1.67 -2.03 -2.53
C GLU A 50 -1.16 -1.73 -1.12
N ARG A 51 -2.02 -1.96 -0.13
CA ARG A 51 -1.65 -1.71 1.26
C ARG A 51 -1.11 -2.97 1.91
N PHE A 52 -0.36 -2.80 3.00
CA PHE A 52 0.22 -3.93 3.72
C PHE A 52 0.51 -3.55 5.16
N GLN A 53 0.16 -4.45 6.09
CA GLN A 53 0.39 -4.20 7.51
C GLN A 53 1.82 -4.56 7.89
N ILE A 54 2.59 -3.54 8.27
CA ILE A 54 3.97 -3.75 8.67
C ILE A 54 4.08 -4.59 9.94
N ILE A 55 4.60 -5.80 9.80
CA ILE A 55 4.75 -6.71 10.94
C ILE A 55 6.07 -6.48 11.66
N ASN A 56 7.15 -6.43 10.89
CA ASN A 56 8.48 -6.22 11.45
C ASN A 56 9.29 -5.26 10.58
N ASN A 57 9.76 -4.17 11.19
CA ASN A 57 10.54 -3.18 10.48
C ASN A 57 11.93 -3.02 11.11
N THR A 58 12.56 -4.15 11.41
CA THR A 58 13.89 -4.13 12.02
C THR A 58 14.98 -4.12 10.96
N GLU A 59 14.79 -4.90 9.90
CA GLU A 59 15.75 -4.98 8.82
C GLU A 59 15.42 -3.97 7.72
N GLY A 60 16.09 -2.81 7.77
CA GLY A 60 15.86 -1.78 6.78
C GLY A 60 15.78 -2.34 5.37
N ASP A 61 16.75 -3.17 5.00
CA ASP A 61 16.79 -3.77 3.68
C ASP A 61 15.39 -4.15 3.22
N TRP A 62 14.74 -5.03 3.98
CA TRP A 62 13.40 -5.49 3.64
C TRP A 62 12.53 -5.57 4.90
N TRP A 63 11.28 -5.14 4.78
CA TRP A 63 10.35 -5.17 5.90
C TRP A 63 9.33 -6.29 5.73
N GLU A 64 8.95 -6.91 6.84
CA GLU A 64 7.97 -8.00 6.82
C GLU A 64 6.56 -7.47 7.05
N ALA A 65 5.73 -7.53 6.01
CA ALA A 65 4.36 -7.05 6.11
C ALA A 65 3.38 -8.12 5.62
N ARG A 66 2.11 -7.95 5.98
CA ARG A 66 1.07 -8.90 5.58
C ARG A 66 -0.06 -8.19 4.85
N SER A 67 -0.14 -8.39 3.54
CA SER A 67 -1.18 -7.77 2.73
C SER A 67 -2.53 -7.83 3.44
N ILE A 68 -3.30 -6.76 3.32
CA ILE A 68 -4.63 -6.71 3.94
C ILE A 68 -5.71 -7.10 2.95
N ALA A 69 -5.49 -6.79 1.68
CA ALA A 69 -6.45 -7.11 0.64
C ALA A 69 -6.42 -8.59 0.28
N THR A 70 -5.26 -9.05 -0.18
CA THR A 70 -5.09 -10.46 -0.56
C THR A 70 -4.86 -11.33 0.68
N GLY A 71 -3.99 -10.87 1.58
CA GLY A 71 -3.71 -11.62 2.78
C GLY A 71 -2.37 -12.33 2.72
N LYS A 72 -1.54 -11.94 1.75
CA LYS A 72 -0.23 -12.54 1.58
C LYS A 72 0.74 -12.06 2.67
N SER A 73 1.94 -12.62 2.68
CA SER A 73 2.95 -12.26 3.67
C SER A 73 4.35 -12.54 3.14
N GLY A 74 5.29 -11.67 3.50
CA GLY A 74 6.66 -11.84 3.06
C GLY A 74 7.54 -10.67 3.41
N TYR A 75 8.43 -10.28 2.49
CA TYR A 75 9.33 -9.17 2.72
C TYR A 75 9.26 -8.17 1.56
N ILE A 76 8.96 -6.92 1.88
CA ILE A 76 8.86 -5.87 0.87
C ILE A 76 9.89 -4.78 1.12
N PRO A 77 10.48 -4.26 0.03
CA PRO A 77 11.48 -3.19 0.10
C PRO A 77 10.89 -1.86 0.52
N SER A 78 11.42 -1.29 1.60
CA SER A 78 10.93 -0.01 2.11
C SER A 78 11.23 1.12 1.13
N ASN A 79 12.15 0.86 0.19
CA ASN A 79 12.52 1.85 -0.81
C ASN A 79 11.46 1.96 -1.89
N TYR A 80 10.43 1.14 -1.78
CA TYR A 80 9.34 1.14 -2.76
C TYR A 80 8.01 1.48 -2.09
N VAL A 81 7.87 1.08 -0.83
CA VAL A 81 6.65 1.35 -0.08
C VAL A 81 6.83 2.51 0.89
N VAL A 82 5.76 3.25 1.13
CA VAL A 82 5.81 4.40 2.03
C VAL A 82 4.54 4.48 2.88
N PRO A 83 4.66 5.08 4.07
CA PRO A 83 3.54 5.24 5.00
C PRO A 83 2.51 6.25 4.49
N ALA A 84 1.24 5.88 4.58
CA ALA A 84 0.15 6.75 4.12
C ALA A 84 0.10 8.02 4.96
N ASP A 85 0.93 8.09 5.99
CA ASP A 85 0.97 9.26 6.87
C ASP A 85 2.09 10.20 6.46
N SER A 86 3.22 9.64 6.07
CA SER A 86 4.37 10.45 5.66
C SER A 86 4.63 10.28 4.16
N ILE A 87 3.59 9.97 3.42
CA ILE A 87 3.70 9.79 1.97
C ILE A 87 4.66 10.80 1.37
N GLN A 88 5.88 10.34 1.05
CA GLN A 88 6.89 11.22 0.46
C GLN A 88 6.61 11.45 -1.02
N ALA A 89 5.85 10.54 -1.62
CA ALA A 89 5.51 10.64 -3.04
C ALA A 89 4.01 10.79 -3.23
N GLU A 90 3.33 11.33 -2.22
CA GLU A 90 1.89 11.53 -2.29
C GLU A 90 1.45 11.91 -3.70
N GLU A 91 2.36 12.57 -4.43
CA GLU A 91 2.07 12.99 -5.79
C GLU A 91 1.28 11.93 -6.55
N TRP A 92 1.54 10.67 -6.21
CA TRP A 92 0.85 9.55 -6.86
C TRP A 92 -0.65 9.62 -6.62
N TYR A 93 -1.03 9.91 -5.37
CA TYR A 93 -2.44 10.00 -5.01
C TYR A 93 -3.01 11.37 -5.39
N PHE A 94 -2.17 12.39 -5.33
CA PHE A 94 -2.60 13.75 -5.67
C PHE A 94 -3.08 13.81 -7.11
N GLY A 95 -2.32 13.20 -8.02
CA GLY A 95 -2.70 13.21 -9.42
C GLY A 95 -3.40 11.94 -9.84
N LYS A 96 -2.82 10.80 -9.49
CA LYS A 96 -3.39 9.51 -9.84
C LYS A 96 -4.25 8.96 -8.69
N MET A 97 -5.54 8.79 -8.96
CA MET A 97 -6.46 8.28 -7.94
C MET A 97 -5.84 7.10 -7.19
N GLY A 98 -5.29 6.15 -7.95
CA GLY A 98 -4.67 4.99 -7.33
C GLY A 98 -5.68 3.89 -7.04
N ARG A 99 -6.18 3.85 -5.80
CA ARG A 99 -7.15 2.84 -5.40
C ARG A 99 -8.41 3.49 -4.86
N LYS A 100 -8.25 4.27 -3.78
CA LYS A 100 -9.38 4.94 -3.16
C LYS A 100 -8.89 6.07 -2.25
N ASP A 101 -9.76 7.06 -2.04
CA ASP A 101 -9.42 8.21 -1.19
C ASP A 101 -10.16 8.13 0.14
N ALA A 102 -9.84 9.04 1.04
CA ALA A 102 -10.47 9.09 2.35
C ALA A 102 -11.43 10.27 2.46
N GLU A 103 -12.72 9.98 2.44
CA GLU A 103 -13.74 11.02 2.53
C GLU A 103 -14.89 10.58 3.43
N SER A 104 -15.00 11.22 4.59
CA SER A 104 -16.06 10.89 5.55
C SER A 104 -17.40 11.46 5.10
N GLY A 105 -17.45 12.78 4.95
CA GLY A 105 -18.68 13.44 4.53
C GLY A 105 -18.93 14.73 5.28
N PRO A 106 -19.70 14.65 6.37
CA PRO A 106 -20.04 15.82 7.18
C PRO A 106 -18.85 16.35 7.97
N SER A 107 -19.05 17.42 8.72
CA SER A 107 -17.98 18.01 9.51
C SER A 107 -18.55 18.68 10.77
N SER A 108 -17.99 18.34 11.92
CA SER A 108 -18.45 18.89 13.19
C SER A 108 -17.75 20.23 13.47
N GLY A 109 -17.65 21.06 12.43
CA GLY A 109 -17.02 22.35 12.57
C GLY A 109 -18.02 23.45 12.86
N GLY A 1 -1.97 5.05 -39.69
CA GLY A 1 -2.22 5.65 -38.39
C GLY A 1 -2.37 4.61 -37.29
N SER A 2 -1.93 4.95 -36.08
CA SER A 2 -2.02 4.04 -34.95
C SER A 2 -2.42 4.79 -33.68
N SER A 3 -3.46 4.31 -33.02
CA SER A 3 -3.95 4.94 -31.80
C SER A 3 -4.91 4.01 -31.06
N GLY A 4 -5.17 4.33 -29.79
CA GLY A 4 -6.06 3.51 -29.00
C GLY A 4 -5.95 3.80 -27.51
N SER A 5 -7.04 3.60 -26.78
CA SER A 5 -7.06 3.84 -25.34
C SER A 5 -7.98 2.85 -24.63
N SER A 6 -8.02 2.95 -23.31
CA SER A 6 -8.85 2.05 -22.50
C SER A 6 -9.24 2.72 -21.19
N GLY A 7 -10.54 2.71 -20.89
CA GLY A 7 -11.02 3.32 -19.66
C GLY A 7 -12.49 3.02 -19.40
N ALA A 8 -12.90 3.16 -18.15
CA ALA A 8 -14.28 2.90 -17.77
C ALA A 8 -14.54 3.27 -16.31
N SER A 9 -15.24 4.37 -16.09
CA SER A 9 -15.54 4.82 -14.73
C SER A 9 -16.65 3.97 -14.12
N SER A 10 -16.26 2.95 -13.35
CA SER A 10 -17.22 2.06 -12.71
C SER A 10 -16.68 1.59 -11.35
N SER A 11 -17.60 1.36 -10.42
CA SER A 11 -17.23 0.90 -9.09
C SER A 11 -18.02 -0.34 -8.70
N PHE A 12 -17.82 -0.81 -7.47
CA PHE A 12 -18.51 -1.98 -6.97
C PHE A 12 -19.83 -1.60 -6.32
N SER A 13 -19.77 -0.71 -5.34
CA SER A 13 -20.96 -0.26 -4.62
C SER A 13 -20.62 0.85 -3.64
N VAL A 14 -21.29 1.99 -3.78
CA VAL A 14 -21.05 3.13 -2.90
C VAL A 14 -22.29 3.45 -2.07
N VAL A 15 -22.17 3.28 -0.75
CA VAL A 15 -23.27 3.54 0.15
C VAL A 15 -22.85 4.48 1.28
N SER A 16 -21.99 3.98 2.17
CA SER A 16 -21.50 4.77 3.30
C SER A 16 -20.09 5.28 3.04
N SER A 17 -19.13 4.37 3.06
CA SER A 17 -17.73 4.73 2.83
C SER A 17 -17.23 5.68 3.91
N SER A 18 -17.65 5.43 5.15
CA SER A 18 -17.25 6.28 6.27
C SER A 18 -16.60 5.45 7.37
N TYR A 19 -15.37 5.81 7.72
CA TYR A 19 -14.62 5.09 8.76
C TYR A 19 -14.79 5.79 10.11
N PRO A 20 -14.84 4.98 11.17
CA PRO A 20 -14.98 5.48 12.55
C PRO A 20 -13.74 6.21 13.03
N THR A 21 -13.65 6.43 14.34
CA THR A 21 -12.51 7.10 14.94
C THR A 21 -12.17 6.52 16.30
N GLY A 22 -10.88 6.50 16.63
CA GLY A 22 -10.44 5.96 17.90
C GLY A 22 -9.54 4.75 17.74
N LEU A 23 -9.94 3.83 16.89
CA LEU A 23 -9.17 2.61 16.64
C LEU A 23 -7.67 2.89 16.78
N THR A 24 -6.92 1.89 17.21
CA THR A 24 -5.48 2.03 17.38
C THR A 24 -4.77 0.70 17.14
N GLY A 25 -3.45 0.70 17.32
CA GLY A 25 -2.68 -0.51 17.12
C GLY A 25 -1.22 -0.23 16.84
N GLY A 26 -0.35 -1.18 17.18
CA GLY A 26 1.07 -1.00 16.95
C GLY A 26 1.48 -1.32 15.53
N VAL A 27 0.59 -1.04 14.58
CA VAL A 27 0.86 -1.31 13.18
C VAL A 27 0.75 -0.03 12.35
N THR A 28 1.65 0.12 11.38
CA THR A 28 1.65 1.30 10.52
C THR A 28 1.22 0.94 9.10
N ILE A 29 0.38 1.79 8.51
CA ILE A 29 -0.10 1.56 7.15
C ILE A 29 0.94 1.97 6.12
N PHE A 30 1.05 1.18 5.06
CA PHE A 30 2.01 1.46 4.00
C PHE A 30 1.42 1.14 2.63
N VAL A 31 1.77 1.94 1.63
CA VAL A 31 1.27 1.73 0.28
C VAL A 31 2.43 1.53 -0.71
N ALA A 32 2.19 0.71 -1.72
CA ALA A 32 3.20 0.43 -2.73
C ALA A 32 3.10 1.41 -3.90
N LEU A 33 4.12 2.24 -4.06
CA LEU A 33 4.15 3.23 -5.13
C LEU A 33 4.56 2.59 -6.45
N TYR A 34 5.47 1.62 -6.37
CA TYR A 34 5.94 0.92 -7.56
C TYR A 34 5.57 -0.56 -7.52
N ASP A 35 5.25 -1.12 -8.67
CA ASP A 35 4.87 -2.52 -8.77
C ASP A 35 6.10 -3.42 -8.61
N TYR A 36 5.98 -4.41 -7.74
CA TYR A 36 7.08 -5.35 -7.50
C TYR A 36 6.61 -6.79 -7.62
N GLU A 37 7.56 -7.72 -7.66
CA GLU A 37 7.24 -9.14 -7.78
C GLU A 37 8.08 -9.97 -6.81
N ALA A 38 7.42 -10.68 -5.92
CA ALA A 38 8.11 -11.52 -4.95
C ALA A 38 9.07 -12.49 -5.63
N ARG A 39 10.36 -12.22 -5.48
CA ARG A 39 11.38 -13.07 -6.09
C ARG A 39 11.34 -14.48 -5.52
N THR A 40 11.27 -14.58 -4.20
CA THR A 40 11.22 -15.87 -3.52
C THR A 40 10.03 -15.95 -2.56
N THR A 41 9.61 -17.16 -2.24
CA THR A 41 8.50 -17.37 -1.33
C THR A 41 8.63 -16.49 -0.09
N GLU A 42 9.86 -16.17 0.28
CA GLU A 42 10.11 -15.34 1.45
C GLU A 42 9.69 -13.89 1.19
N ASP A 43 9.90 -13.43 -0.04
CA ASP A 43 9.54 -12.08 -0.43
C ASP A 43 8.03 -11.95 -0.60
N LEU A 44 7.50 -10.78 -0.25
CA LEU A 44 6.06 -10.53 -0.36
C LEU A 44 5.73 -9.92 -1.72
N SER A 45 4.72 -10.49 -2.38
CA SER A 45 4.30 -10.01 -3.69
C SER A 45 3.28 -8.89 -3.55
N PHE A 46 3.67 -7.68 -3.97
CA PHE A 46 2.78 -6.52 -3.89
C PHE A 46 2.72 -5.80 -5.23
N LYS A 47 1.74 -4.91 -5.36
CA LYS A 47 1.57 -4.14 -6.59
C LYS A 47 1.37 -2.67 -6.29
N LYS A 48 1.57 -1.83 -7.30
CA LYS A 48 1.41 -0.38 -7.14
C LYS A 48 -0.02 -0.04 -6.76
N GLY A 49 -0.21 0.44 -5.54
CA GLY A 49 -1.54 0.81 -5.08
C GLY A 49 -2.11 -0.21 -4.11
N GLU A 50 -1.26 -1.07 -3.59
CA GLU A 50 -1.69 -2.10 -2.65
C GLU A 50 -1.18 -1.80 -1.23
N ARG A 51 -2.06 -1.95 -0.25
CA ARG A 51 -1.70 -1.70 1.14
C ARG A 51 -1.11 -2.94 1.79
N PHE A 52 -0.41 -2.76 2.90
CA PHE A 52 0.21 -3.87 3.61
C PHE A 52 0.50 -3.49 5.07
N GLN A 53 0.18 -4.40 5.99
CA GLN A 53 0.40 -4.15 7.41
C GLN A 53 1.84 -4.48 7.79
N ILE A 54 2.60 -3.46 8.17
CA ILE A 54 3.99 -3.65 8.56
C ILE A 54 4.09 -4.45 9.86
N ILE A 55 4.61 -5.67 9.75
CA ILE A 55 4.77 -6.54 10.91
C ILE A 55 6.11 -6.30 11.60
N ASN A 56 7.18 -6.34 10.82
CA ASN A 56 8.52 -6.13 11.36
C ASN A 56 9.30 -5.13 10.50
N ASN A 57 9.80 -4.08 11.15
CA ASN A 57 10.57 -3.05 10.45
C ASN A 57 11.99 -2.95 11.00
N THR A 58 12.57 -4.10 11.32
CA THR A 58 13.94 -4.15 11.85
C THR A 58 14.97 -4.15 10.73
N GLU A 59 14.71 -4.91 9.68
CA GLU A 59 15.62 -4.99 8.55
C GLU A 59 15.38 -3.84 7.58
N GLY A 60 16.20 -2.79 7.69
CA GLY A 60 16.06 -1.64 6.83
C GLY A 60 15.98 -2.02 5.36
N ASP A 61 16.70 -3.07 4.99
CA ASP A 61 16.71 -3.54 3.61
C ASP A 61 15.31 -3.98 3.17
N TRP A 62 14.72 -4.88 3.95
CA TRP A 62 13.38 -5.37 3.65
C TRP A 62 12.52 -5.43 4.91
N TRP A 63 11.26 -5.03 4.77
CA TRP A 63 10.33 -5.03 5.90
C TRP A 63 9.28 -6.11 5.73
N GLU A 64 9.01 -6.83 6.81
CA GLU A 64 8.01 -7.90 6.78
C GLU A 64 6.60 -7.34 6.96
N ALA A 65 5.76 -7.53 5.95
CA ALA A 65 4.39 -7.04 6.00
C ALA A 65 3.41 -8.13 5.58
N ARG A 66 2.15 -7.98 5.99
CA ARG A 66 1.12 -8.94 5.66
C ARG A 66 -0.01 -8.29 4.85
N SER A 67 -0.09 -8.64 3.57
CA SER A 67 -1.10 -8.08 2.69
C SER A 67 -2.48 -8.19 3.33
N ILE A 68 -3.28 -7.13 3.18
CA ILE A 68 -4.62 -7.10 3.74
C ILE A 68 -5.65 -7.56 2.72
N ALA A 69 -5.52 -7.08 1.50
CA ALA A 69 -6.44 -7.44 0.43
C ALA A 69 -6.43 -8.95 0.18
N THR A 70 -5.27 -9.48 -0.21
CA THR A 70 -5.13 -10.90 -0.47
C THR A 70 -4.94 -11.69 0.82
N GLY A 71 -4.00 -11.24 1.64
CA GLY A 71 -3.75 -11.92 2.91
C GLY A 71 -2.40 -12.63 2.92
N LYS A 72 -1.54 -12.28 1.97
CA LYS A 72 -0.22 -12.90 1.87
C LYS A 72 0.72 -12.33 2.93
N SER A 73 1.94 -12.86 2.98
CA SER A 73 2.93 -12.42 3.94
C SER A 73 4.34 -12.67 3.42
N GLY A 74 5.24 -11.71 3.65
CA GLY A 74 6.60 -11.85 3.20
C GLY A 74 7.46 -10.64 3.55
N TYR A 75 8.33 -10.25 2.63
CA TYR A 75 9.21 -9.11 2.84
C TYR A 75 9.16 -8.15 1.65
N ILE A 76 8.91 -6.88 1.94
CA ILE A 76 8.84 -5.86 0.90
C ILE A 76 9.86 -4.75 1.14
N PRO A 77 10.49 -4.29 0.05
CA PRO A 77 11.50 -3.22 0.11
C PRO A 77 10.89 -1.87 0.46
N SER A 78 11.27 -1.33 1.61
CA SER A 78 10.76 -0.04 2.06
C SER A 78 11.05 1.05 1.02
N ASN A 79 12.10 0.85 0.23
CA ASN A 79 12.47 1.81 -0.79
C ASN A 79 11.40 1.89 -1.87
N TYR A 80 10.40 1.02 -1.77
CA TYR A 80 9.32 0.99 -2.75
C TYR A 80 7.98 1.33 -2.08
N VAL A 81 7.83 0.93 -0.83
CA VAL A 81 6.61 1.20 -0.08
C VAL A 81 6.80 2.36 0.89
N VAL A 82 5.78 3.19 1.02
CA VAL A 82 5.83 4.35 1.91
C VAL A 82 4.56 4.44 2.76
N PRO A 83 4.69 5.05 3.95
CA PRO A 83 3.56 5.22 4.87
C PRO A 83 2.54 6.23 4.36
N ALA A 84 1.26 5.88 4.46
CA ALA A 84 0.18 6.75 4.02
C ALA A 84 0.14 8.03 4.84
N ASP A 85 0.99 8.10 5.86
CA ASP A 85 1.04 9.27 6.72
C ASP A 85 2.16 10.21 6.31
N SER A 86 3.30 9.64 5.93
CA SER A 86 4.46 10.41 5.52
C SER A 86 4.72 10.24 4.02
N ILE A 87 3.67 9.88 3.28
CA ILE A 87 3.79 9.69 1.84
C ILE A 87 4.80 10.65 1.24
N GLN A 88 5.99 10.14 0.92
CA GLN A 88 7.03 10.96 0.33
C GLN A 88 6.77 11.21 -1.15
N ALA A 89 5.89 10.40 -1.74
CA ALA A 89 5.55 10.53 -3.15
C ALA A 89 4.05 10.72 -3.33
N GLU A 90 3.40 11.27 -2.30
CA GLU A 90 1.97 11.52 -2.35
C GLU A 90 1.53 11.90 -3.76
N GLU A 91 2.42 12.56 -4.49
CA GLU A 91 2.12 13.00 -5.85
C GLU A 91 1.28 11.94 -6.58
N TRP A 92 1.53 10.68 -6.28
CA TRP A 92 0.80 9.58 -6.90
C TRP A 92 -0.68 9.68 -6.60
N TYR A 93 -1.01 9.93 -5.33
CA TYR A 93 -2.40 10.04 -4.91
C TYR A 93 -2.96 11.43 -5.22
N PHE A 94 -2.08 12.43 -5.18
CA PHE A 94 -2.48 13.80 -5.45
C PHE A 94 -3.02 13.94 -6.88
N GLY A 95 -2.34 13.28 -7.82
CA GLY A 95 -2.76 13.34 -9.21
C GLY A 95 -3.41 12.05 -9.67
N LYS A 96 -2.73 10.93 -9.45
CA LYS A 96 -3.25 9.63 -9.86
C LYS A 96 -4.09 9.01 -8.74
N MET A 97 -5.37 9.38 -8.70
CA MET A 97 -6.28 8.86 -7.69
C MET A 97 -6.33 7.34 -7.73
N GLY A 98 -6.62 6.73 -6.60
CA GLY A 98 -6.70 5.28 -6.52
C GLY A 98 -6.56 4.77 -5.10
N ARG A 99 -7.40 5.27 -4.20
CA ARG A 99 -7.37 4.87 -2.81
C ARG A 99 -8.78 4.56 -2.30
N LYS A 100 -9.07 3.29 -2.11
CA LYS A 100 -10.39 2.87 -1.63
C LYS A 100 -10.29 2.33 -0.20
N ASP A 101 -11.42 2.31 0.49
CA ASP A 101 -11.46 1.82 1.87
C ASP A 101 -12.90 1.50 2.28
N ALA A 102 -13.05 0.67 3.31
CA ALA A 102 -14.36 0.29 3.81
C ALA A 102 -14.25 -0.40 5.17
N GLU A 103 -14.72 0.28 6.21
CA GLU A 103 -14.68 -0.26 7.55
C GLU A 103 -15.81 0.30 8.41
N SER A 104 -16.35 -0.53 9.30
CA SER A 104 -17.44 -0.10 10.17
C SER A 104 -17.13 -0.44 11.62
N GLY A 105 -17.73 0.32 12.55
CA GLY A 105 -17.50 0.08 13.96
C GLY A 105 -17.40 1.36 14.76
N PRO A 106 -18.56 1.91 15.15
CA PRO A 106 -18.62 3.16 15.92
C PRO A 106 -18.10 2.99 17.35
N SER A 107 -17.46 4.02 17.87
CA SER A 107 -16.92 3.99 19.22
C SER A 107 -16.64 5.40 19.74
N SER A 108 -16.53 5.52 21.06
CA SER A 108 -16.27 6.81 21.68
C SER A 108 -15.04 6.75 22.58
N GLY A 109 -13.90 7.12 22.04
CA GLY A 109 -12.67 7.10 22.81
C GLY A 109 -12.28 8.47 23.34
N GLY A 1 30.15 -7.11 -6.35
CA GLY A 1 30.06 -6.50 -7.66
C GLY A 1 28.76 -6.85 -8.37
N SER A 2 27.64 -6.47 -7.78
CA SER A 2 26.33 -6.77 -8.36
C SER A 2 26.04 -5.81 -9.52
N SER A 3 25.61 -6.38 -10.65
CA SER A 3 25.31 -5.59 -11.83
C SER A 3 24.02 -6.08 -12.49
N GLY A 4 23.31 -5.17 -13.16
CA GLY A 4 22.08 -5.53 -13.83
C GLY A 4 21.36 -4.33 -14.41
N SER A 5 20.58 -4.55 -15.45
CA SER A 5 19.84 -3.48 -16.11
C SER A 5 18.74 -4.04 -16.99
N SER A 6 17.49 -3.74 -16.64
CA SER A 6 16.34 -4.22 -17.42
C SER A 6 15.53 -3.05 -17.96
N GLY A 7 14.71 -3.33 -18.97
CA GLY A 7 13.89 -2.29 -19.57
C GLY A 7 12.69 -2.85 -20.31
N ALA A 8 11.69 -3.32 -19.57
CA ALA A 8 10.50 -3.88 -20.17
C ALA A 8 9.25 -3.19 -19.64
N SER A 9 8.11 -3.50 -20.26
CA SER A 9 6.84 -2.90 -19.85
C SER A 9 6.49 -3.27 -18.41
N SER A 10 5.58 -2.51 -17.82
CA SER A 10 5.18 -2.76 -16.44
C SER A 10 3.76 -3.33 -16.39
N SER A 11 3.43 -3.99 -15.28
CA SER A 11 2.12 -4.58 -15.11
C SER A 11 1.17 -3.61 -14.41
N PHE A 12 -0.13 -3.81 -14.61
CA PHE A 12 -1.14 -2.95 -13.99
C PHE A 12 -2.47 -3.67 -13.88
N SER A 13 -2.91 -3.91 -12.65
CA SER A 13 -4.16 -4.61 -12.40
C SER A 13 -4.95 -3.92 -11.29
N VAL A 14 -6.02 -3.23 -11.67
CA VAL A 14 -6.86 -2.53 -10.71
C VAL A 14 -7.48 -3.49 -9.70
N VAL A 15 -7.40 -3.13 -8.42
CA VAL A 15 -7.95 -3.98 -7.36
C VAL A 15 -8.56 -3.12 -6.26
N SER A 16 -9.77 -3.48 -5.84
CA SER A 16 -10.47 -2.75 -4.79
C SER A 16 -9.78 -2.95 -3.44
N SER A 17 -9.21 -1.87 -2.91
CA SER A 17 -8.51 -1.93 -1.63
C SER A 17 -9.24 -1.08 -0.59
N SER A 18 -10.18 -1.71 0.12
CA SER A 18 -10.95 -1.02 1.16
C SER A 18 -10.04 -0.59 2.30
N TYR A 19 -10.32 0.59 2.85
CA TYR A 19 -9.53 1.12 3.96
C TYR A 19 -9.53 0.15 5.14
N PRO A 20 -8.45 0.18 5.94
CA PRO A 20 -8.30 -0.68 7.11
C PRO A 20 -9.26 -0.31 8.23
N THR A 21 -9.83 -1.32 8.89
CA THR A 21 -10.76 -1.10 9.98
C THR A 21 -10.16 -1.51 11.32
N GLY A 22 -10.73 -0.99 12.40
CA GLY A 22 -10.23 -1.32 13.73
C GLY A 22 -8.75 -1.06 13.87
N LEU A 23 -8.34 0.19 13.63
CA LEU A 23 -6.94 0.57 13.73
C LEU A 23 -6.53 0.76 15.19
N THR A 24 -5.96 -0.29 15.77
CA THR A 24 -5.52 -0.25 17.16
C THR A 24 -4.38 -1.24 17.41
N GLY A 25 -3.21 -0.71 17.77
CA GLY A 25 -2.07 -1.56 18.03
C GLY A 25 -0.75 -0.88 17.68
N GLY A 26 0.16 -1.64 17.07
CA GLY A 26 1.45 -1.08 16.69
C GLY A 26 1.80 -1.36 15.24
N VAL A 27 0.85 -1.13 14.35
CA VAL A 27 1.07 -1.36 12.93
C VAL A 27 0.93 -0.06 12.13
N THR A 28 1.82 0.11 11.15
CA THR A 28 1.81 1.31 10.33
C THR A 28 1.38 0.98 8.91
N ILE A 29 0.46 1.78 8.37
CA ILE A 29 -0.04 1.58 7.01
C ILE A 29 1.00 2.00 5.98
N PHE A 30 1.16 1.18 4.94
CA PHE A 30 2.12 1.46 3.88
C PHE A 30 1.53 1.14 2.51
N VAL A 31 1.85 1.97 1.53
CA VAL A 31 1.36 1.77 0.17
C VAL A 31 2.50 1.54 -0.80
N ALA A 32 2.28 0.68 -1.80
CA ALA A 32 3.28 0.39 -2.80
C ALA A 32 3.19 1.34 -3.99
N LEU A 33 4.22 2.14 -4.19
CA LEU A 33 4.25 3.10 -5.29
C LEU A 33 4.66 2.42 -6.59
N TYR A 34 5.53 1.42 -6.49
CA TYR A 34 6.01 0.69 -7.65
C TYR A 34 5.64 -0.78 -7.56
N ASP A 35 5.22 -1.36 -8.69
CA ASP A 35 4.84 -2.77 -8.73
C ASP A 35 6.06 -3.67 -8.61
N TYR A 36 5.98 -4.64 -7.71
CA TYR A 36 7.09 -5.57 -7.49
C TYR A 36 6.60 -7.01 -7.52
N GLU A 37 7.54 -7.95 -7.57
CA GLU A 37 7.21 -9.36 -7.61
C GLU A 37 8.10 -10.16 -6.67
N ALA A 38 7.49 -10.83 -5.70
CA ALA A 38 8.23 -11.63 -4.73
C ALA A 38 9.17 -12.60 -5.43
N ARG A 39 10.47 -12.30 -5.37
CA ARG A 39 11.48 -13.15 -6.00
C ARG A 39 11.44 -14.57 -5.42
N THR A 40 11.41 -14.65 -4.09
CA THR A 40 11.38 -15.94 -3.42
C THR A 40 10.22 -16.01 -2.42
N THR A 41 9.76 -17.22 -2.14
CA THR A 41 8.66 -17.42 -1.20
C THR A 41 8.84 -16.57 0.05
N GLU A 42 10.09 -16.21 0.34
CA GLU A 42 10.41 -15.39 1.50
C GLU A 42 9.92 -13.95 1.31
N ASP A 43 10.10 -13.44 0.10
CA ASP A 43 9.68 -12.08 -0.22
C ASP A 43 8.16 -12.00 -0.35
N LEU A 44 7.63 -10.79 -0.21
CA LEU A 44 6.18 -10.57 -0.32
C LEU A 44 5.82 -9.98 -1.68
N SER A 45 4.83 -10.57 -2.34
CA SER A 45 4.40 -10.10 -3.64
C SER A 45 3.40 -8.95 -3.50
N PHE A 46 3.76 -7.79 -4.02
CA PHE A 46 2.90 -6.62 -3.96
C PHE A 46 2.89 -5.88 -5.29
N LYS A 47 1.89 -5.02 -5.48
CA LYS A 47 1.76 -4.24 -6.70
C LYS A 47 1.53 -2.77 -6.40
N LYS A 48 1.62 -1.93 -7.42
CA LYS A 48 1.42 -0.50 -7.26
C LYS A 48 -0.02 -0.20 -6.86
N GLY A 49 -0.19 0.37 -5.67
CA GLY A 49 -1.52 0.71 -5.18
C GLY A 49 -2.07 -0.34 -4.23
N GLU A 50 -1.17 -1.08 -3.60
CA GLU A 50 -1.57 -2.13 -2.65
C GLU A 50 -1.05 -1.82 -1.25
N ARG A 51 -1.91 -2.01 -0.26
CA ARG A 51 -1.55 -1.76 1.13
C ARG A 51 -1.02 -3.02 1.79
N PHE A 52 -0.34 -2.86 2.93
CA PHE A 52 0.21 -3.98 3.66
C PHE A 52 0.49 -3.61 5.11
N GLN A 53 0.15 -4.49 6.03
CA GLN A 53 0.38 -4.25 7.45
C GLN A 53 1.81 -4.58 7.85
N ILE A 54 2.57 -3.55 8.20
CA ILE A 54 3.96 -3.73 8.60
C ILE A 54 4.06 -4.49 9.92
N ILE A 55 4.51 -5.74 9.83
CA ILE A 55 4.65 -6.58 11.02
C ILE A 55 5.97 -6.30 11.73
N ASN A 56 7.07 -6.36 10.98
CA ASN A 56 8.39 -6.12 11.53
C ASN A 56 9.16 -5.11 10.68
N ASN A 57 9.71 -4.09 11.32
CA ASN A 57 10.48 -3.06 10.63
C ASN A 57 11.89 -2.95 11.19
N THR A 58 12.52 -4.10 11.44
CA THR A 58 13.87 -4.14 11.98
C THR A 58 14.91 -4.01 10.87
N GLU A 59 14.70 -4.76 9.79
CA GLU A 59 15.63 -4.74 8.66
C GLU A 59 15.24 -3.65 7.67
N GLY A 60 15.99 -2.55 7.70
CA GLY A 60 15.71 -1.44 6.80
C GLY A 60 15.64 -1.88 5.35
N ASP A 61 16.51 -2.81 4.97
CA ASP A 61 16.55 -3.32 3.60
C ASP A 61 15.19 -3.86 3.18
N TRP A 62 14.63 -4.74 4.00
CA TRP A 62 13.33 -5.34 3.71
C TRP A 62 12.49 -5.44 4.98
N TRP A 63 11.22 -5.09 4.87
CA TRP A 63 10.30 -5.14 6.02
C TRP A 63 9.28 -6.25 5.84
N GLU A 64 8.90 -6.89 6.94
CA GLU A 64 7.93 -7.97 6.90
C GLU A 64 6.50 -7.43 7.11
N ALA A 65 5.67 -7.59 6.09
CA ALA A 65 4.29 -7.12 6.15
C ALA A 65 3.32 -8.21 5.70
N ARG A 66 2.05 -8.05 6.07
CA ARG A 66 1.03 -9.02 5.70
C ARG A 66 -0.10 -8.35 4.94
N SER A 67 -0.12 -8.55 3.62
CA SER A 67 -1.14 -7.96 2.77
C SER A 67 -2.51 -8.03 3.44
N ILE A 68 -3.30 -6.98 3.26
CA ILE A 68 -4.64 -6.92 3.85
C ILE A 68 -5.69 -7.42 2.87
N ALA A 69 -5.64 -6.91 1.65
CA ALA A 69 -6.58 -7.31 0.61
C ALA A 69 -6.52 -8.81 0.35
N THR A 70 -5.36 -9.27 -0.10
CA THR A 70 -5.16 -10.68 -0.39
C THR A 70 -4.96 -11.48 0.89
N GLY A 71 -3.95 -11.12 1.66
CA GLY A 71 -3.66 -11.82 2.90
C GLY A 71 -2.32 -12.50 2.89
N LYS A 72 -1.50 -12.18 1.89
CA LYS A 72 -0.18 -12.77 1.77
C LYS A 72 0.76 -12.25 2.86
N SER A 73 1.98 -12.79 2.90
CA SER A 73 2.97 -12.38 3.89
C SER A 73 4.38 -12.67 3.40
N GLY A 74 5.29 -11.75 3.68
CA GLY A 74 6.67 -11.92 3.26
C GLY A 74 7.53 -10.72 3.59
N TYR A 75 8.41 -10.35 2.67
CA TYR A 75 9.30 -9.20 2.87
C TYR A 75 9.22 -8.24 1.69
N ILE A 76 9.01 -6.97 1.99
CA ILE A 76 8.92 -5.94 0.96
C ILE A 76 9.95 -4.84 1.19
N PRO A 77 10.53 -4.34 0.10
CA PRO A 77 11.54 -3.27 0.14
C PRO A 77 10.94 -1.93 0.56
N SER A 78 11.44 -1.37 1.64
CA SER A 78 10.96 -0.09 2.15
C SER A 78 11.30 1.04 1.18
N ASN A 79 12.03 0.70 0.12
CA ASN A 79 12.42 1.68 -0.89
C ASN A 79 11.36 1.80 -1.97
N TYR A 80 10.36 0.94 -1.91
CA TYR A 80 9.28 0.95 -2.89
C TYR A 80 7.95 1.33 -2.24
N VAL A 81 7.77 0.91 -0.99
CA VAL A 81 6.54 1.21 -0.26
C VAL A 81 6.76 2.34 0.75
N VAL A 82 5.79 3.24 0.83
CA VAL A 82 5.88 4.36 1.75
C VAL A 82 4.63 4.47 2.62
N PRO A 83 4.79 5.05 3.82
CA PRO A 83 3.68 5.22 4.76
C PRO A 83 2.67 6.25 4.28
N ALA A 84 1.39 5.90 4.36
CA ALA A 84 0.32 6.80 3.94
C ALA A 84 0.31 8.07 4.78
N ASP A 85 1.13 8.09 5.81
CA ASP A 85 1.22 9.25 6.69
C ASP A 85 2.35 10.19 6.27
N SER A 86 3.49 9.59 5.90
CA SER A 86 4.64 10.37 5.47
C SER A 86 4.88 10.21 3.97
N ILE A 87 3.80 9.96 3.24
CA ILE A 87 3.90 9.79 1.79
C ILE A 87 4.86 10.79 1.17
N GLN A 88 6.06 10.32 0.83
CA GLN A 88 7.07 11.18 0.23
C GLN A 88 6.78 11.44 -1.24
N ALA A 89 5.91 10.61 -1.81
CA ALA A 89 5.53 10.75 -3.22
C ALA A 89 4.02 10.92 -3.37
N GLU A 90 3.38 11.43 -2.32
CA GLU A 90 1.94 11.64 -2.34
C GLU A 90 1.47 12.07 -3.73
N GLU A 91 2.35 12.75 -4.47
CA GLU A 91 2.01 13.20 -5.81
C GLU A 91 1.19 12.15 -6.56
N TRP A 92 1.49 10.88 -6.30
CA TRP A 92 0.78 9.78 -6.95
C TRP A 92 -0.71 9.84 -6.64
N TYR A 93 -1.04 10.07 -5.36
CA TYR A 93 -2.42 10.15 -4.94
C TYR A 93 -3.02 11.51 -5.25
N PHE A 94 -2.18 12.54 -5.18
CA PHE A 94 -2.62 13.91 -5.46
C PHE A 94 -3.19 14.02 -6.88
N GLY A 95 -2.48 13.42 -7.84
CA GLY A 95 -2.93 13.47 -9.21
C GLY A 95 -3.60 12.19 -9.65
N LYS A 96 -2.93 11.06 -9.41
CA LYS A 96 -3.48 9.75 -9.79
C LYS A 96 -4.21 9.11 -8.61
N MET A 97 -5.53 9.31 -8.57
CA MET A 97 -6.34 8.75 -7.51
C MET A 97 -7.81 8.67 -7.92
N GLY A 98 -8.64 8.06 -7.07
CA GLY A 98 -10.04 7.94 -7.37
C GLY A 98 -10.81 9.24 -7.15
N ARG A 99 -11.80 9.19 -6.28
CA ARG A 99 -12.60 10.37 -5.99
C ARG A 99 -11.79 11.43 -5.23
N LYS A 100 -11.39 12.47 -5.95
CA LYS A 100 -10.60 13.54 -5.36
C LYS A 100 -11.36 14.21 -4.22
N ASP A 101 -10.72 14.30 -3.05
CA ASP A 101 -11.34 14.92 -1.89
C ASP A 101 -10.32 15.06 -0.76
N ALA A 102 -10.01 16.31 -0.40
CA ALA A 102 -9.06 16.58 0.66
C ALA A 102 -9.33 17.94 1.30
N GLU A 103 -9.72 17.92 2.58
CA GLU A 103 -10.01 19.15 3.31
C GLU A 103 -8.73 19.92 3.59
N SER A 104 -8.67 21.15 3.09
CA SER A 104 -7.49 22.00 3.28
C SER A 104 -7.74 23.03 4.38
N GLY A 105 -6.68 23.42 5.07
CA GLY A 105 -6.80 24.39 6.14
C GLY A 105 -5.71 25.44 6.11
N PRO A 106 -6.01 26.64 6.64
CA PRO A 106 -5.05 27.75 6.68
C PRO A 106 -3.90 27.49 7.65
N SER A 107 -2.77 27.05 7.11
CA SER A 107 -1.60 26.76 7.93
C SER A 107 -0.32 27.13 7.19
N SER A 108 0.81 27.06 7.89
CA SER A 108 2.11 27.39 7.31
C SER A 108 2.55 26.29 6.34
N GLY A 109 2.60 26.61 5.06
CA GLY A 109 3.01 25.65 4.07
C GLY A 109 2.10 25.63 2.85
N GLY A 1 -1.04 -44.28 -12.50
CA GLY A 1 -2.32 -43.61 -12.36
C GLY A 1 -2.40 -42.80 -11.08
N SER A 2 -3.13 -41.68 -11.13
CA SER A 2 -3.29 -40.82 -9.97
C SER A 2 -4.54 -39.96 -10.09
N SER A 3 -5.13 -39.61 -8.95
CA SER A 3 -6.34 -38.81 -8.93
C SER A 3 -6.50 -38.10 -7.59
N GLY A 4 -6.84 -36.82 -7.63
CA GLY A 4 -7.03 -36.06 -6.41
C GLY A 4 -8.27 -35.20 -6.45
N SER A 5 -8.59 -34.59 -5.31
CA SER A 5 -9.78 -33.74 -5.20
C SER A 5 -9.57 -32.64 -4.17
N SER A 6 -10.25 -31.52 -4.36
CA SER A 6 -10.14 -30.40 -3.44
C SER A 6 -10.29 -30.85 -1.99
N GLY A 7 -9.35 -30.44 -1.15
CA GLY A 7 -9.39 -30.83 0.25
C GLY A 7 -10.09 -29.79 1.11
N ALA A 8 -9.97 -29.94 2.43
CA ALA A 8 -10.58 -29.00 3.36
C ALA A 8 -9.62 -27.89 3.77
N SER A 9 -9.51 -26.87 2.91
CA SER A 9 -8.62 -25.75 3.18
C SER A 9 -9.33 -24.66 3.97
N SER A 10 -8.81 -24.36 5.16
CA SER A 10 -9.41 -23.35 6.01
C SER A 10 -8.62 -22.05 5.93
N SER A 11 -8.23 -21.67 4.72
CA SER A 11 -7.46 -20.45 4.51
C SER A 11 -7.44 -20.07 3.02
N PHE A 12 -7.00 -18.85 2.74
CA PHE A 12 -6.93 -18.36 1.37
C PHE A 12 -5.48 -18.15 0.94
N SER A 13 -4.74 -17.39 1.74
CA SER A 13 -3.34 -17.10 1.44
C SER A 13 -2.44 -17.51 2.60
N VAL A 14 -2.73 -18.67 3.20
CA VAL A 14 -1.95 -19.18 4.31
C VAL A 14 -2.10 -18.27 5.54
N VAL A 15 -3.34 -17.96 5.89
CA VAL A 15 -3.61 -17.10 7.04
C VAL A 15 -5.05 -17.30 7.53
N SER A 16 -5.20 -17.35 8.86
CA SER A 16 -6.51 -17.53 9.46
C SER A 16 -7.50 -16.50 8.94
N SER A 17 -8.77 -16.88 8.85
CA SER A 17 -9.81 -15.98 8.37
C SER A 17 -10.09 -14.87 9.38
N SER A 18 -10.16 -15.25 10.65
CA SER A 18 -10.42 -14.29 11.71
C SER A 18 -9.69 -12.97 11.46
N TYR A 19 -10.39 -11.86 11.67
CA TYR A 19 -9.81 -10.54 11.46
C TYR A 19 -8.41 -10.46 12.07
N PRO A 20 -7.53 -9.67 11.43
CA PRO A 20 -6.15 -9.49 11.89
C PRO A 20 -6.08 -8.69 13.18
N THR A 21 -4.89 -8.66 13.79
CA THR A 21 -4.68 -7.93 15.03
C THR A 21 -3.83 -6.68 14.81
N GLY A 22 -3.89 -5.76 15.77
CA GLY A 22 -3.13 -4.53 15.65
C GLY A 22 -3.76 -3.54 14.70
N LEU A 23 -5.03 -3.24 14.92
CA LEU A 23 -5.76 -2.30 14.07
C LEU A 23 -5.50 -0.86 14.51
N THR A 24 -5.09 -0.69 15.76
CA THR A 24 -4.81 0.63 16.30
C THR A 24 -3.61 0.59 17.26
N GLY A 25 -2.63 1.44 16.99
CA GLY A 25 -1.44 1.49 17.83
C GLY A 25 -0.60 0.23 17.73
N GLY A 26 0.57 0.34 17.14
CA GLY A 26 1.44 -0.80 16.99
C GLY A 26 1.83 -1.06 15.55
N VAL A 27 0.84 -1.04 14.66
CA VAL A 27 1.08 -1.28 13.24
C VAL A 27 0.98 0.02 12.44
N THR A 28 1.75 0.10 11.36
CA THR A 28 1.75 1.28 10.52
C THR A 28 1.32 0.95 9.09
N ILE A 29 0.44 1.77 8.52
CA ILE A 29 -0.05 1.55 7.17
C ILE A 29 0.99 1.97 6.15
N PHE A 30 1.10 1.21 5.07
CA PHE A 30 2.06 1.49 4.01
C PHE A 30 1.47 1.18 2.63
N VAL A 31 1.81 1.99 1.64
CA VAL A 31 1.32 1.78 0.28
C VAL A 31 2.47 1.59 -0.69
N ALA A 32 2.27 0.73 -1.69
CA ALA A 32 3.28 0.48 -2.69
C ALA A 32 3.21 1.48 -3.84
N LEU A 33 4.24 2.30 -3.97
CA LEU A 33 4.28 3.31 -5.03
C LEU A 33 4.64 2.68 -6.37
N TYR A 34 5.54 1.69 -6.33
CA TYR A 34 5.97 1.01 -7.54
C TYR A 34 5.62 -0.47 -7.48
N ASP A 35 5.26 -1.04 -8.63
CA ASP A 35 4.91 -2.45 -8.71
C ASP A 35 6.14 -3.33 -8.57
N TYR A 36 6.02 -4.38 -7.76
CA TYR A 36 7.13 -5.30 -7.53
C TYR A 36 6.65 -6.75 -7.57
N GLU A 37 7.59 -7.67 -7.82
CA GLU A 37 7.25 -9.09 -7.90
C GLU A 37 8.12 -9.88 -6.92
N ALA A 38 7.45 -10.58 -5.99
CA ALA A 38 8.15 -11.38 -4.99
C ALA A 38 9.12 -12.35 -5.66
N ARG A 39 10.42 -12.09 -5.49
CA ARG A 39 11.44 -12.95 -6.08
C ARG A 39 11.24 -14.41 -5.66
N THR A 40 10.66 -14.61 -4.48
CA THR A 40 10.42 -15.95 -3.97
C THR A 40 9.40 -15.92 -2.83
N THR A 41 8.92 -17.10 -2.45
CA THR A 41 7.95 -17.21 -1.37
C THR A 41 8.34 -16.34 -0.18
N GLU A 42 9.64 -16.28 0.11
CA GLU A 42 10.14 -15.48 1.21
C GLU A 42 9.75 -14.02 1.05
N ASP A 43 9.84 -13.51 -0.18
CA ASP A 43 9.49 -12.13 -0.47
C ASP A 43 7.98 -11.97 -0.63
N LEU A 44 7.50 -10.75 -0.41
CA LEU A 44 6.08 -10.46 -0.53
C LEU A 44 5.76 -9.80 -1.87
N SER A 45 4.80 -10.38 -2.60
CA SER A 45 4.40 -9.86 -3.90
C SER A 45 3.37 -8.74 -3.74
N PHE A 46 3.76 -7.54 -4.14
CA PHE A 46 2.86 -6.39 -4.04
C PHE A 46 2.82 -5.62 -5.35
N LYS A 47 1.84 -4.73 -5.48
CA LYS A 47 1.69 -3.92 -6.70
C LYS A 47 1.48 -2.45 -6.35
N LYS A 48 1.62 -1.59 -7.35
CA LYS A 48 1.44 -0.15 -7.14
C LYS A 48 0.00 0.16 -6.75
N GLY A 49 -0.19 0.64 -5.53
CA GLY A 49 -1.52 0.97 -5.05
C GLY A 49 -2.08 -0.08 -4.13
N GLU A 50 -1.21 -0.84 -3.48
CA GLU A 50 -1.63 -1.89 -2.56
C GLU A 50 -1.11 -1.62 -1.15
N ARG A 51 -1.97 -1.82 -0.16
CA ARG A 51 -1.61 -1.60 1.23
C ARG A 51 -1.11 -2.89 1.88
N PHE A 52 -0.43 -2.76 3.01
CA PHE A 52 0.11 -3.91 3.73
C PHE A 52 0.38 -3.57 5.19
N GLN A 53 0.13 -4.52 6.07
CA GLN A 53 0.35 -4.32 7.50
C GLN A 53 1.79 -4.65 7.88
N ILE A 54 2.56 -3.60 8.19
CA ILE A 54 3.96 -3.78 8.57
C ILE A 54 4.09 -4.56 9.88
N ILE A 55 4.53 -5.81 9.77
CA ILE A 55 4.70 -6.65 10.94
C ILE A 55 6.03 -6.39 11.63
N ASN A 56 7.10 -6.42 10.85
CA ASN A 56 8.44 -6.18 11.38
C ASN A 56 9.19 -5.14 10.55
N ASN A 57 9.62 -4.07 11.22
CA ASN A 57 10.34 -3.00 10.54
C ASN A 57 11.75 -2.83 11.12
N THR A 58 12.35 -3.94 11.52
CA THR A 58 13.69 -3.92 12.09
C THR A 58 14.76 -3.92 11.00
N GLU A 59 14.57 -4.78 10.00
CA GLU A 59 15.52 -4.89 8.90
C GLU A 59 15.27 -3.79 7.86
N GLY A 60 16.02 -2.71 7.95
CA GLY A 60 15.86 -1.60 7.02
C GLY A 60 15.82 -2.07 5.58
N ASP A 61 16.71 -2.99 5.22
CA ASP A 61 16.77 -3.53 3.87
C ASP A 61 15.39 -3.98 3.40
N TRP A 62 14.82 -4.94 4.11
CA TRP A 62 13.50 -5.47 3.78
C TRP A 62 12.59 -5.48 4.99
N TRP A 63 11.33 -5.09 4.78
CA TRP A 63 10.36 -5.04 5.86
C TRP A 63 9.29 -6.12 5.68
N GLU A 64 8.96 -6.81 6.77
CA GLU A 64 7.96 -7.86 6.72
C GLU A 64 6.56 -7.30 6.94
N ALA A 65 5.67 -7.56 5.99
CA ALA A 65 4.29 -7.08 6.08
C ALA A 65 3.31 -8.12 5.55
N ARG A 66 2.05 -7.99 5.95
CA ARG A 66 1.02 -8.93 5.51
C ARG A 66 -0.11 -8.19 4.80
N SER A 67 -0.16 -8.32 3.49
CA SER A 67 -1.19 -7.66 2.69
C SER A 67 -2.57 -7.85 3.31
N ILE A 68 -3.40 -6.83 3.22
CA ILE A 68 -4.75 -6.89 3.77
C ILE A 68 -5.77 -7.26 2.70
N ALA A 69 -5.55 -6.77 1.47
CA ALA A 69 -6.45 -7.05 0.36
C ALA A 69 -6.26 -8.48 -0.14
N THR A 70 -5.03 -8.81 -0.53
CA THR A 70 -4.73 -10.14 -1.04
C THR A 70 -4.56 -11.13 0.10
N GLY A 71 -3.95 -10.68 1.20
CA GLY A 71 -3.74 -11.55 2.35
C GLY A 71 -2.41 -12.25 2.30
N LYS A 72 -1.47 -11.71 1.53
CA LYS A 72 -0.14 -12.29 1.40
C LYS A 72 0.76 -11.85 2.56
N SER A 73 1.93 -12.45 2.65
CA SER A 73 2.88 -12.12 3.72
C SER A 73 4.30 -12.49 3.30
N GLY A 74 5.22 -11.55 3.49
CA GLY A 74 6.61 -11.79 3.13
C GLY A 74 7.51 -10.63 3.49
N TYR A 75 8.36 -10.23 2.55
CA TYR A 75 9.29 -9.12 2.77
C TYR A 75 9.26 -8.14 1.59
N ILE A 76 8.91 -6.89 1.88
CA ILE A 76 8.86 -5.86 0.86
C ILE A 76 9.91 -4.78 1.09
N PRO A 77 10.51 -4.30 0.00
CA PRO A 77 11.54 -3.26 0.06
C PRO A 77 10.98 -1.90 0.47
N SER A 78 11.43 -1.39 1.61
CA SER A 78 10.97 -0.11 2.12
C SER A 78 11.29 1.01 1.14
N ASN A 79 12.09 0.69 0.13
CA ASN A 79 12.48 1.66 -0.88
C ASN A 79 11.41 1.81 -1.95
N TYR A 80 10.37 0.98 -1.85
CA TYR A 80 9.27 1.02 -2.80
C TYR A 80 7.95 1.36 -2.12
N VAL A 81 7.83 0.98 -0.85
CA VAL A 81 6.63 1.25 -0.07
C VAL A 81 6.84 2.42 0.87
N VAL A 82 5.78 3.20 1.08
CA VAL A 82 5.84 4.35 1.98
C VAL A 82 4.58 4.47 2.82
N PRO A 83 4.72 5.07 4.01
CA PRO A 83 3.60 5.27 4.94
C PRO A 83 2.59 6.27 4.43
N ALA A 84 1.31 5.92 4.51
CA ALA A 84 0.24 6.80 4.05
C ALA A 84 0.19 8.08 4.88
N ASP A 85 1.03 8.15 5.92
CA ASP A 85 1.08 9.32 6.78
C ASP A 85 2.20 10.25 6.35
N SER A 86 3.35 9.68 6.01
CA SER A 86 4.50 10.47 5.59
C SER A 86 4.74 10.32 4.08
N ILE A 87 3.68 9.97 3.36
CA ILE A 87 3.78 9.79 1.91
C ILE A 87 4.77 10.78 1.30
N GLN A 88 5.95 10.27 0.96
CA GLN A 88 6.99 11.12 0.37
C GLN A 88 6.70 11.37 -1.11
N ALA A 89 5.92 10.49 -1.72
CA ALA A 89 5.56 10.62 -3.13
C ALA A 89 4.06 10.77 -3.30
N GLU A 90 3.39 11.31 -2.28
CA GLU A 90 1.96 11.50 -2.33
C GLU A 90 1.50 11.86 -3.74
N GLU A 91 2.38 12.52 -4.49
CA GLU A 91 2.06 12.93 -5.86
C GLU A 91 1.26 11.83 -6.58
N TRP A 92 1.53 10.59 -6.22
CA TRP A 92 0.83 9.46 -6.84
C TRP A 92 -0.66 9.52 -6.54
N TYR A 93 -1.00 9.80 -5.30
CA TYR A 93 -2.40 9.89 -4.88
C TYR A 93 -2.98 11.25 -5.23
N PHE A 94 -2.14 12.28 -5.21
CA PHE A 94 -2.58 13.63 -5.52
C PHE A 94 -3.11 13.72 -6.94
N GLY A 95 -2.36 13.17 -7.89
CA GLY A 95 -2.76 13.20 -9.28
C GLY A 95 -3.49 11.93 -9.70
N LYS A 96 -2.96 10.78 -9.27
CA LYS A 96 -3.56 9.49 -9.60
C LYS A 96 -4.28 8.90 -8.39
N MET A 97 -5.59 9.10 -8.32
CA MET A 97 -6.38 8.58 -7.22
C MET A 97 -6.52 7.06 -7.31
N GLY A 98 -7.00 6.58 -8.46
CA GLY A 98 -7.15 5.15 -8.64
C GLY A 98 -8.59 4.70 -8.50
N ARG A 99 -9.45 5.16 -9.40
CA ARG A 99 -10.86 4.82 -9.37
C ARG A 99 -11.05 3.34 -8.99
N LYS A 100 -12.02 3.09 -8.12
CA LYS A 100 -12.30 1.73 -7.67
C LYS A 100 -13.79 1.54 -7.39
N ASP A 101 -14.29 0.34 -7.64
CA ASP A 101 -15.69 0.03 -7.40
C ASP A 101 -15.84 -1.12 -6.43
N ALA A 102 -16.96 -1.14 -5.70
CA ALA A 102 -17.22 -2.20 -4.72
C ALA A 102 -18.69 -2.61 -4.74
N GLU A 103 -18.98 -3.78 -4.21
CA GLU A 103 -20.35 -4.29 -4.17
C GLU A 103 -20.79 -4.55 -2.73
N SER A 104 -20.08 -5.44 -2.05
CA SER A 104 -20.39 -5.77 -0.67
C SER A 104 -21.79 -6.38 -0.57
N GLY A 105 -22.04 -7.42 -1.36
CA GLY A 105 -23.34 -8.07 -1.34
C GLY A 105 -23.22 -9.58 -1.40
N PRO A 106 -24.16 -10.27 -0.72
CA PRO A 106 -24.19 -11.73 -0.68
C PRO A 106 -24.56 -12.34 -2.03
N SER A 107 -23.69 -13.21 -2.54
CA SER A 107 -23.94 -13.86 -3.83
C SER A 107 -23.99 -15.38 -3.66
N SER A 108 -23.03 -15.93 -2.92
CA SER A 108 -22.98 -17.36 -2.68
C SER A 108 -24.37 -17.93 -2.37
N GLY A 109 -25.08 -17.26 -1.47
CA GLY A 109 -26.42 -17.70 -1.10
C GLY A 109 -27.47 -17.18 -2.05
N GLY A 1 -11.05 44.97 24.30
CA GLY A 1 -11.58 44.61 22.99
C GLY A 1 -11.56 43.12 22.73
N SER A 2 -12.47 42.66 21.90
CA SER A 2 -12.55 41.23 21.57
C SER A 2 -13.28 41.02 20.25
N SER A 3 -12.70 40.18 19.39
CA SER A 3 -13.30 39.90 18.08
C SER A 3 -12.91 38.49 17.61
N GLY A 4 -13.70 37.95 16.69
CA GLY A 4 -13.43 36.62 16.17
C GLY A 4 -14.34 36.25 15.02
N SER A 5 -13.97 35.20 14.29
CA SER A 5 -14.77 34.74 13.16
C SER A 5 -14.69 33.23 13.01
N SER A 6 -15.48 32.69 12.09
CA SER A 6 -15.50 31.25 11.86
C SER A 6 -16.00 30.94 10.45
N GLY A 7 -15.86 29.68 10.04
CA GLY A 7 -16.30 29.27 8.72
C GLY A 7 -15.29 28.38 8.03
N ALA A 8 -15.64 27.89 6.85
CA ALA A 8 -14.76 27.02 6.07
C ALA A 8 -14.03 27.81 5.00
N SER A 9 -13.12 27.13 4.28
CA SER A 9 -12.35 27.77 3.22
C SER A 9 -12.78 27.25 1.86
N SER A 10 -12.65 25.94 1.65
CA SER A 10 -13.01 25.32 0.39
C SER A 10 -12.93 23.80 0.48
N SER A 11 -14.07 23.14 0.32
CA SER A 11 -14.13 21.69 0.39
C SER A 11 -15.13 21.13 -0.63
N PHE A 12 -15.02 19.84 -0.90
CA PHE A 12 -15.91 19.18 -1.86
C PHE A 12 -16.75 18.11 -1.16
N SER A 13 -16.08 17.28 -0.36
CA SER A 13 -16.76 16.19 0.34
C SER A 13 -16.31 16.13 1.79
N VAL A 14 -17.17 15.61 2.67
CA VAL A 14 -16.86 15.49 4.08
C VAL A 14 -15.74 14.47 4.32
N VAL A 15 -15.98 13.24 3.88
CA VAL A 15 -15.00 12.17 4.04
C VAL A 15 -14.30 11.86 2.73
N SER A 16 -12.98 12.00 2.71
CA SER A 16 -12.19 11.74 1.52
C SER A 16 -11.95 10.24 1.34
N SER A 17 -11.40 9.62 2.38
CA SER A 17 -11.11 8.19 2.33
C SER A 17 -11.80 7.46 3.47
N SER A 18 -12.69 6.53 3.13
CA SER A 18 -13.43 5.77 4.12
C SER A 18 -12.47 5.10 5.11
N TYR A 19 -12.70 5.34 6.40
CA TYR A 19 -11.86 4.77 7.44
C TYR A 19 -12.68 3.89 8.38
N PRO A 20 -12.07 2.79 8.84
CA PRO A 20 -12.72 1.84 9.75
C PRO A 20 -12.94 2.43 11.14
N THR A 21 -14.11 2.17 11.70
CA THR A 21 -14.44 2.67 13.04
C THR A 21 -13.74 1.87 14.12
N GLY A 22 -12.45 1.65 13.94
CA GLY A 22 -11.68 0.89 14.92
C GLY A 22 -10.20 1.21 14.88
N LEU A 23 -9.84 2.37 15.41
CA LEU A 23 -8.44 2.80 15.42
C LEU A 23 -7.88 2.77 16.85
N THR A 24 -7.06 1.76 17.13
CA THR A 24 -6.46 1.61 18.45
C THR A 24 -5.03 2.13 18.46
N GLY A 25 -4.26 1.76 17.44
CA GLY A 25 -2.88 2.20 17.35
C GLY A 25 -1.90 1.08 17.64
N GLY A 26 -1.24 0.58 16.60
CA GLY A 26 -0.27 -0.48 16.77
C GLY A 26 0.55 -0.72 15.52
N VAL A 27 -0.12 -1.04 14.41
CA VAL A 27 0.56 -1.28 13.15
C VAL A 27 0.56 -0.05 12.27
N THR A 28 1.63 0.11 11.49
CA THR A 28 1.75 1.27 10.60
C THR A 28 1.32 0.92 9.18
N ILE A 29 0.45 1.74 8.61
CA ILE A 29 -0.04 1.51 7.26
C ILE A 29 1.00 1.92 6.22
N PHE A 30 1.11 1.15 5.15
CA PHE A 30 2.06 1.43 4.08
C PHE A 30 1.46 1.11 2.71
N VAL A 31 1.81 1.92 1.71
CA VAL A 31 1.30 1.72 0.36
C VAL A 31 2.44 1.51 -0.63
N ALA A 32 2.19 0.73 -1.67
CA ALA A 32 3.19 0.45 -2.68
C ALA A 32 3.09 1.43 -3.83
N LEU A 33 4.10 2.29 -3.97
CA LEU A 33 4.12 3.29 -5.04
C LEU A 33 4.50 2.65 -6.36
N TYR A 34 5.40 1.68 -6.31
CA TYR A 34 5.85 0.99 -7.51
C TYR A 34 5.44 -0.48 -7.48
N ASP A 35 5.23 -1.06 -8.66
CA ASP A 35 4.85 -2.46 -8.77
C ASP A 35 6.04 -3.38 -8.64
N TYR A 36 5.93 -4.39 -7.78
CA TYR A 36 7.01 -5.34 -7.57
C TYR A 36 6.51 -6.78 -7.71
N GLU A 37 7.45 -7.71 -7.76
CA GLU A 37 7.11 -9.13 -7.90
C GLU A 37 7.96 -9.98 -6.95
N ALA A 38 7.28 -10.70 -6.06
CA ALA A 38 7.97 -11.56 -5.11
C ALA A 38 8.94 -12.50 -5.81
N ARG A 39 10.23 -12.26 -5.60
CA ARG A 39 11.27 -13.09 -6.22
C ARG A 39 11.22 -14.52 -5.69
N THR A 40 11.13 -14.65 -4.37
CA THR A 40 11.08 -15.96 -3.72
C THR A 40 9.92 -16.04 -2.74
N THR A 41 9.56 -17.26 -2.35
CA THR A 41 8.47 -17.48 -1.42
C THR A 41 8.66 -16.65 -0.16
N GLU A 42 9.91 -16.28 0.13
CA GLU A 42 10.23 -15.48 1.31
C GLU A 42 9.85 -14.02 1.10
N ASP A 43 9.86 -13.59 -0.16
CA ASP A 43 9.52 -12.21 -0.49
C ASP A 43 8.02 -12.04 -0.64
N LEU A 44 7.53 -10.84 -0.34
CA LEU A 44 6.11 -10.54 -0.44
C LEU A 44 5.77 -9.86 -1.76
N SER A 45 4.78 -10.41 -2.47
CA SER A 45 4.37 -9.86 -3.75
C SER A 45 3.36 -8.73 -3.56
N PHE A 46 3.54 -7.65 -4.31
CA PHE A 46 2.65 -6.50 -4.23
C PHE A 46 2.63 -5.74 -5.54
N LYS A 47 1.68 -4.80 -5.67
CA LYS A 47 1.55 -4.00 -6.87
C LYS A 47 1.39 -2.52 -6.52
N LYS A 48 1.44 -1.67 -7.54
CA LYS A 48 1.30 -0.23 -7.34
C LYS A 48 -0.13 0.12 -6.93
N GLY A 49 -0.31 0.44 -5.65
CA GLY A 49 -1.63 0.79 -5.15
C GLY A 49 -2.19 -0.25 -4.22
N GLU A 50 -1.31 -0.92 -3.47
CA GLU A 50 -1.73 -1.95 -2.53
C GLU A 50 -1.18 -1.67 -1.13
N ARG A 51 -2.02 -1.86 -0.12
CA ARG A 51 -1.63 -1.62 1.26
C ARG A 51 -1.06 -2.89 1.89
N PHE A 52 -0.37 -2.73 3.00
CA PHE A 52 0.23 -3.86 3.71
C PHE A 52 0.53 -3.51 5.16
N GLN A 53 0.16 -4.40 6.07
CA GLN A 53 0.40 -4.18 7.49
C GLN A 53 1.83 -4.55 7.87
N ILE A 54 2.60 -3.53 8.28
CA ILE A 54 3.99 -3.75 8.66
C ILE A 54 4.08 -4.57 9.94
N ILE A 55 4.53 -5.82 9.81
CA ILE A 55 4.67 -6.71 10.95
C ILE A 55 6.00 -6.50 11.65
N ASN A 56 7.08 -6.47 10.88
CA ASN A 56 8.42 -6.28 11.43
C ASN A 56 9.23 -5.31 10.57
N ASN A 57 9.80 -4.30 11.21
CA ASN A 57 10.59 -3.29 10.51
C ASN A 57 12.01 -3.25 11.06
N THR A 58 12.58 -4.41 11.33
CA THR A 58 13.94 -4.51 11.86
C THR A 58 14.98 -4.44 10.75
N GLU A 59 14.73 -5.17 9.66
CA GLU A 59 15.63 -5.20 8.52
C GLU A 59 15.39 -4.02 7.61
N GLY A 60 16.20 -2.98 7.76
CA GLY A 60 16.06 -1.78 6.93
C GLY A 60 15.95 -2.11 5.46
N ASP A 61 16.71 -3.11 5.02
CA ASP A 61 16.70 -3.53 3.62
C ASP A 61 15.31 -3.96 3.19
N TRP A 62 14.72 -4.90 3.93
CA TRP A 62 13.39 -5.40 3.62
C TRP A 62 12.53 -5.47 4.88
N TRP A 63 11.27 -5.10 4.75
CA TRP A 63 10.34 -5.12 5.88
C TRP A 63 9.28 -6.21 5.70
N GLU A 64 8.91 -6.85 6.80
CA GLU A 64 7.92 -7.91 6.77
C GLU A 64 6.52 -7.36 7.00
N ALA A 65 5.65 -7.52 6.00
CA ALA A 65 4.27 -7.03 6.09
C ALA A 65 3.30 -8.07 5.57
N ARG A 66 2.03 -7.93 5.97
CA ARG A 66 0.99 -8.86 5.54
C ARG A 66 -0.08 -8.14 4.74
N SER A 67 -0.12 -8.41 3.44
CA SER A 67 -1.10 -7.77 2.56
C SER A 67 -2.51 -7.91 3.11
N ILE A 68 -3.25 -6.81 3.12
CA ILE A 68 -4.61 -6.81 3.64
C ILE A 68 -5.61 -7.14 2.54
N ALA A 69 -5.27 -6.78 1.30
CA ALA A 69 -6.14 -7.05 0.16
C ALA A 69 -6.22 -8.54 -0.14
N THR A 70 -5.06 -9.18 -0.30
CA THR A 70 -5.00 -10.60 -0.58
C THR A 70 -4.87 -11.41 0.71
N GLY A 71 -3.87 -11.09 1.51
CA GLY A 71 -3.65 -11.80 2.76
C GLY A 71 -2.31 -12.49 2.80
N LYS A 72 -1.48 -12.26 1.79
CA LYS A 72 -0.16 -12.87 1.72
C LYS A 72 0.77 -12.26 2.77
N SER A 73 1.99 -12.79 2.84
CA SER A 73 2.98 -12.29 3.80
C SER A 73 4.39 -12.60 3.32
N GLY A 74 5.30 -11.65 3.51
CA GLY A 74 6.68 -11.84 3.10
C GLY A 74 7.56 -10.66 3.45
N TYR A 75 8.39 -10.24 2.50
CA TYR A 75 9.29 -9.11 2.72
C TYR A 75 9.23 -8.13 1.56
N ILE A 76 8.94 -6.87 1.86
CA ILE A 76 8.85 -5.84 0.83
C ILE A 76 9.84 -4.71 1.11
N PRO A 77 10.49 -4.22 0.04
CA PRO A 77 11.48 -3.14 0.14
C PRO A 77 10.83 -1.80 0.47
N SER A 78 11.15 -1.27 1.65
CA SER A 78 10.59 0.01 2.07
C SER A 78 10.80 1.09 1.00
N ASN A 79 11.99 1.10 0.41
CA ASN A 79 12.31 2.07 -0.62
C ASN A 79 11.21 2.12 -1.69
N TYR A 80 10.37 1.09 -1.71
CA TYR A 80 9.28 1.03 -2.68
C TYR A 80 7.95 1.37 -2.02
N VAL A 81 7.80 0.94 -0.76
CA VAL A 81 6.57 1.20 -0.02
C VAL A 81 6.76 2.34 0.97
N VAL A 82 5.77 3.23 1.05
CA VAL A 82 5.84 4.36 1.96
C VAL A 82 4.58 4.45 2.81
N PRO A 83 4.71 5.04 4.00
CA PRO A 83 3.60 5.21 4.94
C PRO A 83 2.56 6.22 4.46
N ALA A 84 1.29 5.84 4.54
CA ALA A 84 0.21 6.72 4.11
C ALA A 84 0.16 7.99 4.95
N ASP A 85 1.01 8.04 5.98
CA ASP A 85 1.06 9.21 6.86
C ASP A 85 2.17 10.16 6.44
N SER A 86 3.32 9.60 6.08
CA SER A 86 4.46 10.39 5.66
C SER A 86 4.70 10.26 4.16
N ILE A 87 3.64 9.93 3.43
CA ILE A 87 3.74 9.76 1.98
C ILE A 87 4.71 10.77 1.38
N GLN A 88 5.90 10.30 1.03
CA GLN A 88 6.93 11.15 0.45
C GLN A 88 6.64 11.41 -1.03
N ALA A 89 5.94 10.46 -1.66
CA ALA A 89 5.59 10.58 -3.07
C ALA A 89 4.09 10.75 -3.27
N GLU A 90 3.42 11.28 -2.25
CA GLU A 90 1.98 11.48 -2.31
C GLU A 90 1.54 11.87 -3.72
N GLU A 91 2.44 12.52 -4.45
CA GLU A 91 2.14 12.95 -5.81
C GLU A 91 1.33 11.89 -6.55
N TRP A 92 1.55 10.63 -6.20
CA TRP A 92 0.84 9.53 -6.83
C TRP A 92 -0.66 9.62 -6.57
N TYR A 93 -1.02 9.87 -5.32
CA TYR A 93 -2.43 9.98 -4.94
C TYR A 93 -2.99 11.35 -5.33
N PHE A 94 -2.13 12.37 -5.31
CA PHE A 94 -2.53 13.72 -5.66
C PHE A 94 -3.04 13.77 -7.11
N GLY A 95 -2.28 13.16 -8.01
CA GLY A 95 -2.67 13.15 -9.41
C GLY A 95 -3.72 12.10 -9.71
N LYS A 96 -3.59 10.94 -9.08
CA LYS A 96 -4.53 9.86 -9.29
C LYS A 96 -5.94 10.39 -9.56
N MET A 97 -6.49 11.09 -8.57
CA MET A 97 -7.83 11.67 -8.69
C MET A 97 -7.99 12.37 -10.03
N GLY A 98 -9.23 12.46 -10.50
CA GLY A 98 -9.51 13.12 -11.76
C GLY A 98 -8.70 14.39 -11.94
N ARG A 99 -8.67 15.22 -10.91
CA ARG A 99 -7.93 16.47 -10.97
C ARG A 99 -6.49 16.24 -11.44
N LYS A 100 -6.24 16.55 -12.70
CA LYS A 100 -4.91 16.37 -13.28
C LYS A 100 -3.90 17.32 -12.64
N ASP A 101 -2.86 16.76 -12.05
CA ASP A 101 -1.82 17.56 -11.40
C ASP A 101 -0.56 17.61 -12.25
N ALA A 102 -0.15 16.46 -12.76
CA ALA A 102 1.05 16.37 -13.59
C ALA A 102 0.91 15.28 -14.64
N GLU A 103 1.67 15.40 -15.73
CA GLU A 103 1.63 14.43 -16.81
C GLU A 103 2.87 13.52 -16.77
N SER A 104 2.76 12.37 -17.43
CA SER A 104 3.86 11.42 -17.47
C SER A 104 4.37 11.21 -18.90
N GLY A 105 5.65 11.46 -19.11
CA GLY A 105 6.23 11.30 -20.42
C GLY A 105 5.86 9.98 -21.08
N PRO A 106 6.28 9.80 -22.34
CA PRO A 106 5.99 8.58 -23.10
C PRO A 106 6.77 7.37 -22.57
N SER A 107 6.13 6.61 -21.68
CA SER A 107 6.76 5.44 -21.10
C SER A 107 5.76 4.61 -20.30
N SER A 108 6.13 3.38 -19.97
CA SER A 108 5.27 2.49 -19.22
C SER A 108 5.93 2.05 -17.92
N GLY A 109 5.10 1.75 -16.91
CA GLY A 109 5.63 1.31 -15.63
C GLY A 109 5.68 2.44 -14.62
N GLY A 1 27.88 -20.29 1.56
CA GLY A 1 27.24 -21.35 0.80
C GLY A 1 27.08 -21.01 -0.66
N SER A 2 25.88 -21.20 -1.20
CA SER A 2 25.60 -20.90 -2.59
C SER A 2 24.10 -20.83 -2.85
N SER A 3 23.71 -20.02 -3.83
CA SER A 3 22.29 -19.87 -4.16
C SER A 3 21.68 -21.21 -4.56
N GLY A 4 20.54 -21.53 -3.97
CA GLY A 4 19.87 -22.78 -4.27
C GLY A 4 18.42 -22.58 -4.71
N SER A 5 17.92 -23.48 -5.54
CA SER A 5 16.56 -23.39 -6.03
C SER A 5 15.62 -22.87 -4.95
N SER A 6 14.56 -22.19 -5.36
CA SER A 6 13.59 -21.63 -4.42
C SER A 6 12.61 -22.72 -3.96
N GLY A 7 12.00 -23.40 -4.92
CA GLY A 7 11.05 -24.45 -4.59
C GLY A 7 9.91 -23.95 -3.71
N ALA A 8 8.77 -23.67 -4.32
CA ALA A 8 7.62 -23.19 -3.59
C ALA A 8 6.39 -24.07 -3.84
N SER A 9 6.20 -25.04 -2.95
CA SER A 9 5.07 -25.97 -3.07
C SER A 9 4.28 -26.03 -1.77
N SER A 10 2.97 -25.81 -1.87
CA SER A 10 2.10 -25.84 -0.70
C SER A 10 0.97 -26.86 -0.89
N SER A 11 0.53 -27.44 0.22
CA SER A 11 -0.53 -28.44 0.18
C SER A 11 -1.77 -27.94 0.94
N PHE A 12 -1.54 -27.42 2.14
CA PHE A 12 -2.63 -26.90 2.97
C PHE A 12 -2.53 -25.39 3.12
N SER A 13 -3.53 -24.80 3.77
CA SER A 13 -3.56 -23.36 3.98
C SER A 13 -4.71 -22.97 4.90
N VAL A 14 -4.38 -22.26 5.97
CA VAL A 14 -5.38 -21.82 6.94
C VAL A 14 -6.04 -20.51 6.49
N VAL A 15 -7.21 -20.23 7.04
CA VAL A 15 -7.94 -19.01 6.71
C VAL A 15 -8.02 -18.07 7.90
N SER A 16 -7.90 -16.77 7.64
CA SER A 16 -7.94 -15.77 8.70
C SER A 16 -9.17 -14.86 8.53
N SER A 17 -9.95 -14.74 9.59
CA SER A 17 -11.15 -13.91 9.57
C SER A 17 -10.81 -12.48 9.17
N SER A 18 -11.84 -11.64 9.08
CA SER A 18 -11.64 -10.24 8.71
C SER A 18 -11.21 -9.41 9.92
N TYR A 19 -10.17 -9.87 10.60
CA TYR A 19 -9.66 -9.17 11.77
C TYR A 19 -8.17 -8.87 11.63
N PRO A 20 -7.72 -7.78 12.25
CA PRO A 20 -6.32 -7.36 12.21
C PRO A 20 -5.40 -8.31 12.98
N THR A 21 -4.22 -8.56 12.43
CA THR A 21 -3.25 -9.44 13.07
C THR A 21 -2.11 -8.65 13.70
N GLY A 22 -1.74 -9.02 14.92
CA GLY A 22 -0.66 -8.34 15.61
C GLY A 22 -1.05 -6.93 16.04
N LEU A 23 -2.10 -6.83 16.83
CA LEU A 23 -2.58 -5.53 17.31
C LEU A 23 -1.63 -4.96 18.36
N THR A 24 -0.81 -5.83 18.94
CA THR A 24 0.16 -5.41 19.96
C THR A 24 1.19 -4.45 19.36
N GLY A 25 1.79 -3.64 20.23
CA GLY A 25 2.80 -2.69 19.78
C GLY A 25 2.21 -1.58 18.94
N GLY A 26 2.04 -1.84 17.65
CA GLY A 26 1.49 -0.83 16.75
C GLY A 26 1.89 -1.05 15.31
N VAL A 27 0.90 -1.16 14.43
CA VAL A 27 1.17 -1.38 13.01
C VAL A 27 1.02 -0.09 12.22
N THR A 28 1.86 0.09 11.21
CA THR A 28 1.83 1.28 10.38
C THR A 28 1.38 0.96 8.96
N ILE A 29 0.47 1.76 8.43
CA ILE A 29 -0.04 1.55 7.08
C ILE A 29 0.97 1.98 6.04
N PHE A 30 1.12 1.18 5.00
CA PHE A 30 2.07 1.48 3.93
C PHE A 30 1.47 1.16 2.56
N VAL A 31 1.77 1.99 1.57
CA VAL A 31 1.26 1.80 0.22
C VAL A 31 2.40 1.58 -0.77
N ALA A 32 2.13 0.77 -1.79
CA ALA A 32 3.13 0.48 -2.81
C ALA A 32 3.02 1.45 -3.99
N LEU A 33 4.04 2.28 -4.17
CA LEU A 33 4.06 3.25 -5.25
C LEU A 33 4.46 2.60 -6.56
N TYR A 34 5.36 1.62 -6.48
CA TYR A 34 5.83 0.91 -7.67
C TYR A 34 5.44 -0.56 -7.61
N ASP A 35 5.19 -1.15 -8.78
CA ASP A 35 4.81 -2.55 -8.88
C ASP A 35 6.02 -3.46 -8.70
N TYR A 36 5.94 -4.36 -7.74
CA TYR A 36 7.04 -5.28 -7.47
C TYR A 36 6.55 -6.74 -7.49
N GLU A 37 7.49 -7.67 -7.58
CA GLU A 37 7.15 -9.09 -7.60
C GLU A 37 8.08 -9.88 -6.69
N ALA A 38 7.50 -10.57 -5.72
CA ALA A 38 8.26 -11.38 -4.78
C ALA A 38 9.20 -12.34 -5.51
N ARG A 39 10.49 -12.02 -5.50
CA ARG A 39 11.49 -12.85 -6.17
C ARG A 39 11.51 -14.26 -5.58
N THR A 40 11.49 -14.34 -4.25
CA THR A 40 11.51 -15.63 -3.57
C THR A 40 10.38 -15.72 -2.55
N THR A 41 9.95 -16.94 -2.25
CA THR A 41 8.89 -17.17 -1.28
C THR A 41 9.07 -16.30 -0.04
N GLU A 42 10.31 -15.93 0.24
CA GLU A 42 10.62 -15.09 1.39
C GLU A 42 10.10 -13.68 1.18
N ASP A 43 10.23 -13.17 -0.03
CA ASP A 43 9.78 -11.82 -0.37
C ASP A 43 8.26 -11.78 -0.51
N LEU A 44 7.69 -10.61 -0.29
CA LEU A 44 6.24 -10.43 -0.39
C LEU A 44 5.86 -9.83 -1.74
N SER A 45 4.88 -10.43 -2.39
CA SER A 45 4.43 -9.95 -3.70
C SER A 45 3.39 -8.85 -3.54
N PHE A 46 3.74 -7.66 -4.00
CA PHE A 46 2.85 -6.51 -3.91
C PHE A 46 2.79 -5.75 -5.23
N LYS A 47 1.71 -4.99 -5.43
CA LYS A 47 1.55 -4.22 -6.65
C LYS A 47 1.31 -2.74 -6.34
N LYS A 48 1.53 -1.89 -7.33
CA LYS A 48 1.35 -0.46 -7.16
C LYS A 48 -0.10 -0.14 -6.77
N GLY A 49 -0.27 0.37 -5.55
CA GLY A 49 -1.60 0.71 -5.07
C GLY A 49 -2.16 -0.34 -4.11
N GLU A 50 -1.27 -1.10 -3.50
CA GLU A 50 -1.67 -2.14 -2.56
C GLU A 50 -1.16 -1.84 -1.16
N ARG A 51 -2.02 -2.02 -0.17
CA ARG A 51 -1.65 -1.77 1.22
C ARG A 51 -1.09 -3.04 1.88
N PHE A 52 -0.35 -2.85 2.96
CA PHE A 52 0.25 -3.97 3.67
C PHE A 52 0.54 -3.60 5.12
N GLN A 53 0.19 -4.50 6.04
CA GLN A 53 0.41 -4.27 7.46
C GLN A 53 1.85 -4.59 7.85
N ILE A 54 2.61 -3.56 8.21
CA ILE A 54 3.99 -3.74 8.61
C ILE A 54 4.10 -4.54 9.90
N ILE A 55 4.58 -5.77 9.79
CA ILE A 55 4.74 -6.64 10.95
C ILE A 55 6.05 -6.36 11.66
N ASN A 56 7.16 -6.48 10.93
CA ASN A 56 8.48 -6.24 11.49
C ASN A 56 9.25 -5.21 10.67
N ASN A 57 9.74 -4.18 11.35
CA ASN A 57 10.50 -3.12 10.67
C ASN A 57 11.92 -3.04 11.22
N THR A 58 12.53 -4.20 11.44
CA THR A 58 13.89 -4.26 11.96
C THR A 58 14.92 -4.13 10.84
N GLU A 59 14.67 -4.82 9.73
CA GLU A 59 15.56 -4.78 8.59
C GLU A 59 15.19 -3.65 7.64
N GLY A 60 15.93 -2.56 7.71
CA GLY A 60 15.66 -1.41 6.85
C GLY A 60 15.60 -1.80 5.38
N ASP A 61 16.44 -2.75 4.99
CA ASP A 61 16.48 -3.21 3.60
C ASP A 61 15.14 -3.77 3.18
N TRP A 62 14.59 -4.66 3.98
CA TRP A 62 13.29 -5.27 3.69
C TRP A 62 12.45 -5.41 4.95
N TRP A 63 11.19 -5.01 4.85
CA TRP A 63 10.28 -5.08 5.99
C TRP A 63 9.25 -6.20 5.80
N GLU A 64 8.92 -6.88 6.89
CA GLU A 64 7.96 -7.98 6.84
C GLU A 64 6.54 -7.47 7.09
N ALA A 65 5.68 -7.58 6.09
CA ALA A 65 4.30 -7.14 6.20
C ALA A 65 3.33 -8.21 5.72
N ARG A 66 2.05 -8.05 6.06
CA ARG A 66 1.03 -9.01 5.67
C ARG A 66 -0.09 -8.32 4.90
N SER A 67 -0.13 -8.54 3.59
CA SER A 67 -1.16 -7.95 2.74
C SER A 67 -2.53 -8.01 3.41
N ILE A 68 -3.30 -6.94 3.27
CA ILE A 68 -4.62 -6.87 3.87
C ILE A 68 -5.69 -7.28 2.86
N ALA A 69 -5.38 -7.13 1.57
CA ALA A 69 -6.30 -7.49 0.51
C ALA A 69 -6.22 -8.98 0.19
N THR A 70 -5.05 -9.43 -0.22
CA THR A 70 -4.84 -10.83 -0.56
C THR A 70 -4.60 -11.67 0.69
N GLY A 71 -3.89 -11.09 1.66
CA GLY A 71 -3.60 -11.80 2.89
C GLY A 71 -2.25 -12.49 2.87
N LYS A 72 -1.43 -12.15 1.88
CA LYS A 72 -0.11 -12.73 1.74
C LYS A 72 0.83 -12.20 2.81
N SER A 73 2.04 -12.76 2.87
CA SER A 73 3.03 -12.34 3.85
C SER A 73 4.44 -12.64 3.35
N GLY A 74 5.36 -11.71 3.61
CA GLY A 74 6.73 -11.89 3.18
C GLY A 74 7.61 -10.71 3.53
N TYR A 75 8.43 -10.28 2.58
CA TYR A 75 9.33 -9.15 2.79
C TYR A 75 9.24 -8.16 1.64
N ILE A 76 8.94 -6.90 1.96
CA ILE A 76 8.82 -5.86 0.95
C ILE A 76 9.87 -4.77 1.18
N PRO A 77 10.46 -4.27 0.08
CA PRO A 77 11.47 -3.22 0.12
C PRO A 77 10.90 -1.87 0.54
N SER A 78 11.44 -1.32 1.62
CA SER A 78 10.97 -0.03 2.13
C SER A 78 11.33 1.10 1.16
N ASN A 79 12.02 0.75 0.09
CA ASN A 79 12.43 1.72 -0.91
C ASN A 79 11.39 1.84 -2.01
N TYR A 80 10.33 1.04 -1.91
CA TYR A 80 9.26 1.05 -2.90
C TYR A 80 7.93 1.43 -2.26
N VAL A 81 7.74 1.00 -1.01
CA VAL A 81 6.52 1.28 -0.28
C VAL A 81 6.72 2.42 0.73
N VAL A 82 5.73 3.29 0.85
CA VAL A 82 5.81 4.41 1.77
C VAL A 82 4.56 4.49 2.64
N PRO A 83 4.71 5.07 3.84
CA PRO A 83 3.60 5.22 4.79
C PRO A 83 2.58 6.26 4.32
N ALA A 84 1.30 5.89 4.42
CA ALA A 84 0.22 6.79 4.01
C ALA A 84 0.20 8.05 4.86
N ASP A 85 1.05 8.08 5.89
CA ASP A 85 1.13 9.24 6.77
C ASP A 85 2.25 10.18 6.35
N SER A 86 3.39 9.61 5.97
CA SER A 86 4.54 10.39 5.55
C SER A 86 4.77 10.25 4.05
N ILE A 87 3.71 9.90 3.33
CA ILE A 87 3.80 9.74 1.88
C ILE A 87 4.82 10.70 1.27
N GLN A 88 5.99 10.18 0.93
CA GLN A 88 7.05 11.00 0.34
C GLN A 88 6.76 11.27 -1.13
N ALA A 89 5.97 10.41 -1.74
CA ALA A 89 5.62 10.54 -3.15
C ALA A 89 4.11 10.74 -3.33
N GLU A 90 3.47 11.29 -2.32
CA GLU A 90 2.03 11.53 -2.36
C GLU A 90 1.58 11.91 -3.77
N GLU A 91 2.48 12.56 -4.50
CA GLU A 91 2.18 12.98 -5.87
C GLU A 91 1.33 11.93 -6.59
N TRP A 92 1.56 10.67 -6.24
CA TRP A 92 0.81 9.57 -6.85
C TRP A 92 -0.67 9.68 -6.55
N TYR A 93 -1.01 9.94 -5.29
CA TYR A 93 -2.39 10.06 -4.87
C TYR A 93 -2.93 11.45 -5.20
N PHE A 94 -2.06 12.45 -5.19
CA PHE A 94 -2.45 13.82 -5.49
C PHE A 94 -2.99 13.93 -6.91
N GLY A 95 -2.27 13.34 -7.86
CA GLY A 95 -2.68 13.39 -9.25
C GLY A 95 -3.67 12.29 -9.60
N LYS A 96 -3.44 11.09 -9.06
CA LYS A 96 -4.31 9.95 -9.32
C LYS A 96 -5.76 10.41 -9.44
N MET A 97 -6.26 11.04 -8.38
CA MET A 97 -7.64 11.52 -8.36
C MET A 97 -7.85 12.61 -9.41
N GLY A 98 -8.92 12.46 -10.21
CA GLY A 98 -9.20 13.45 -11.23
C GLY A 98 -9.18 14.87 -10.72
N ARG A 99 -8.23 15.65 -11.19
CA ARG A 99 -8.10 17.05 -10.76
C ARG A 99 -8.04 17.98 -11.97
N LYS A 100 -8.35 19.26 -11.73
CA LYS A 100 -8.33 20.25 -12.80
C LYS A 100 -7.23 19.95 -13.81
N ASP A 101 -6.05 19.63 -13.31
CA ASP A 101 -4.92 19.33 -14.18
C ASP A 101 -4.43 17.89 -13.95
N ALA A 102 -5.00 16.96 -14.72
CA ALA A 102 -4.63 15.55 -14.60
C ALA A 102 -4.17 14.99 -15.95
N GLU A 103 -2.86 15.04 -16.19
CA GLU A 103 -2.29 14.55 -17.44
C GLU A 103 -2.52 13.05 -17.57
N SER A 104 -3.59 12.68 -18.27
CA SER A 104 -3.93 11.27 -18.47
C SER A 104 -2.79 10.55 -19.20
N GLY A 105 -2.51 9.32 -18.76
CA GLY A 105 -1.45 8.54 -19.38
C GLY A 105 -1.95 7.21 -19.91
N PRO A 106 -1.36 6.75 -21.02
CA PRO A 106 -1.72 5.48 -21.65
C PRO A 106 -1.32 4.28 -20.81
N SER A 107 -1.91 3.12 -21.13
CA SER A 107 -1.62 1.90 -20.40
C SER A 107 -2.04 0.67 -21.21
N SER A 108 -1.52 -0.49 -20.83
CA SER A 108 -1.83 -1.73 -21.51
C SER A 108 -1.28 -2.94 -20.76
N GLY A 109 -2.02 -4.04 -20.78
CA GLY A 109 -1.59 -5.23 -20.09
C GLY A 109 -0.26 -5.75 -20.60
N GLY A 1 -11.41 27.78 -17.99
CA GLY A 1 -11.24 26.51 -18.67
C GLY A 1 -9.80 26.04 -18.67
N SER A 2 -9.10 26.28 -19.77
CA SER A 2 -7.71 25.88 -19.89
C SER A 2 -7.45 24.56 -19.17
N SER A 3 -8.28 23.56 -19.48
CA SER A 3 -8.15 22.24 -18.84
C SER A 3 -7.61 21.23 -19.84
N GLY A 4 -7.26 20.05 -19.33
CA GLY A 4 -6.72 19.00 -20.18
C GLY A 4 -6.04 17.90 -19.39
N SER A 5 -5.97 16.71 -19.98
CA SER A 5 -5.34 15.57 -19.33
C SER A 5 -5.25 14.38 -20.28
N SER A 6 -4.37 13.45 -19.96
CA SER A 6 -4.17 12.26 -20.79
C SER A 6 -4.09 11.00 -19.93
N GLY A 7 -3.93 9.85 -20.58
CA GLY A 7 -3.84 8.60 -19.87
C GLY A 7 -5.19 8.10 -19.37
N ALA A 8 -5.37 6.79 -19.34
CA ALA A 8 -6.61 6.20 -18.90
C ALA A 8 -6.45 4.71 -18.61
N SER A 9 -6.95 4.26 -17.46
CA SER A 9 -6.84 2.86 -17.07
C SER A 9 -7.93 2.50 -16.08
N SER A 10 -8.75 1.51 -16.44
CA SER A 10 -9.84 1.06 -15.58
C SER A 10 -9.47 -0.21 -14.84
N SER A 11 -8.93 -0.06 -13.64
CA SER A 11 -8.52 -1.19 -12.83
C SER A 11 -8.67 -0.88 -11.34
N PHE A 12 -9.66 -1.50 -10.70
CA PHE A 12 -9.91 -1.29 -9.29
C PHE A 12 -10.70 -2.45 -8.69
N SER A 13 -10.30 -2.87 -7.49
CA SER A 13 -10.97 -3.99 -6.82
C SER A 13 -10.69 -3.95 -5.32
N VAL A 14 -11.76 -3.85 -4.54
CA VAL A 14 -11.65 -3.81 -3.08
C VAL A 14 -12.51 -4.87 -2.42
N VAL A 15 -11.89 -5.68 -1.56
CA VAL A 15 -12.61 -6.74 -0.87
C VAL A 15 -13.77 -6.18 -0.05
N SER A 16 -13.52 -5.10 0.68
CA SER A 16 -14.54 -4.48 1.50
C SER A 16 -14.08 -3.09 1.98
N SER A 17 -15.05 -2.23 2.28
CA SER A 17 -14.75 -0.88 2.74
C SER A 17 -14.82 -0.80 4.26
N SER A 18 -13.69 -1.05 4.92
CA SER A 18 -13.64 -1.01 6.37
C SER A 18 -12.56 -0.02 6.85
N TYR A 19 -12.96 1.24 6.98
CA TYR A 19 -12.03 2.28 7.42
C TYR A 19 -11.09 1.75 8.49
N PRO A 20 -9.81 2.16 8.41
CA PRO A 20 -8.78 1.73 9.37
C PRO A 20 -8.99 2.34 10.75
N THR A 21 -8.35 1.74 11.75
CA THR A 21 -8.46 2.22 13.12
C THR A 21 -7.09 2.43 13.75
N GLY A 22 -6.10 1.69 13.26
CA GLY A 22 -4.75 1.81 13.79
C GLY A 22 -3.98 2.95 13.15
N LEU A 23 -4.62 4.13 13.08
CA LEU A 23 -3.98 5.30 12.50
C LEU A 23 -2.71 5.67 13.25
N THR A 24 -2.62 5.22 14.49
CA THR A 24 -1.45 5.49 15.32
C THR A 24 -1.30 4.45 16.44
N GLY A 25 -0.10 3.89 16.55
CA GLY A 25 0.15 2.90 17.57
C GLY A 25 1.33 2.00 17.22
N GLY A 26 1.09 0.70 17.21
CA GLY A 26 2.15 -0.25 16.89
C GLY A 26 2.20 -0.60 15.42
N VAL A 27 1.02 -0.74 14.81
CA VAL A 27 0.94 -1.08 13.39
C VAL A 27 0.93 0.18 12.53
N THR A 28 1.65 0.13 11.42
CA THR A 28 1.73 1.27 10.50
C THR A 28 1.31 0.87 9.09
N ILE A 29 0.40 1.65 8.50
CA ILE A 29 -0.08 1.38 7.15
C ILE A 29 0.95 1.80 6.12
N PHE A 30 1.02 1.05 5.02
CA PHE A 30 1.97 1.35 3.95
C PHE A 30 1.36 1.01 2.59
N VAL A 31 1.64 1.86 1.60
CA VAL A 31 1.13 1.65 0.25
C VAL A 31 2.26 1.46 -0.75
N ALA A 32 2.02 0.65 -1.77
CA ALA A 32 3.02 0.38 -2.80
C ALA A 32 2.85 1.32 -4.00
N LEU A 33 3.84 2.17 -4.21
CA LEU A 33 3.79 3.12 -5.32
C LEU A 33 4.21 2.46 -6.62
N TYR A 34 5.11 1.48 -6.52
CA TYR A 34 5.60 0.77 -7.70
C TYR A 34 5.25 -0.71 -7.61
N ASP A 35 4.99 -1.31 -8.76
CA ASP A 35 4.64 -2.73 -8.82
C ASP A 35 5.88 -3.60 -8.71
N TYR A 36 5.85 -4.56 -7.79
CA TYR A 36 6.98 -5.45 -7.58
C TYR A 36 6.55 -6.91 -7.65
N GLU A 37 7.52 -7.81 -7.72
CA GLU A 37 7.23 -9.24 -7.80
C GLU A 37 8.13 -10.03 -6.85
N ALA A 38 7.51 -10.72 -5.89
CA ALA A 38 8.25 -11.51 -4.93
C ALA A 38 9.23 -12.46 -5.62
N ARG A 39 10.52 -12.17 -5.47
CA ARG A 39 11.55 -12.99 -6.10
C ARG A 39 11.55 -14.40 -5.50
N THR A 40 11.49 -14.49 -4.17
CA THR A 40 11.48 -15.77 -3.49
C THR A 40 10.32 -15.85 -2.50
N THR A 41 9.90 -17.08 -2.20
CA THR A 41 8.80 -17.30 -1.27
C THR A 41 8.94 -16.41 -0.03
N GLU A 42 10.18 -16.09 0.32
CA GLU A 42 10.45 -15.25 1.48
C GLU A 42 9.97 -13.82 1.24
N ASP A 43 10.16 -13.34 0.02
CA ASP A 43 9.76 -11.98 -0.34
C ASP A 43 8.25 -11.90 -0.51
N LEU A 44 7.68 -10.74 -0.20
CA LEU A 44 6.24 -10.52 -0.31
C LEU A 44 5.89 -9.94 -1.68
N SER A 45 4.90 -10.55 -2.34
CA SER A 45 4.47 -10.09 -3.64
C SER A 45 3.39 -9.02 -3.52
N PHE A 46 3.74 -7.80 -3.92
CA PHE A 46 2.80 -6.68 -3.85
C PHE A 46 2.67 -6.00 -5.20
N LYS A 47 1.62 -5.19 -5.35
CA LYS A 47 1.38 -4.47 -6.60
C LYS A 47 1.24 -2.97 -6.35
N LYS A 48 1.31 -2.19 -7.42
CA LYS A 48 1.18 -0.74 -7.31
C LYS A 48 -0.22 -0.35 -6.87
N GLY A 49 -0.34 0.12 -5.63
CA GLY A 49 -1.63 0.52 -5.11
C GLY A 49 -2.20 -0.48 -4.12
N GLU A 50 -1.32 -1.29 -3.54
CA GLU A 50 -1.74 -2.29 -2.57
C GLU A 50 -1.23 -1.95 -1.17
N ARG A 51 -2.06 -2.21 -0.16
CA ARG A 51 -1.69 -1.93 1.22
C ARG A 51 -1.09 -3.17 1.89
N PHE A 52 -0.36 -2.96 2.97
CA PHE A 52 0.26 -4.06 3.70
C PHE A 52 0.56 -3.65 5.14
N GLN A 53 0.25 -4.54 6.08
CA GLN A 53 0.49 -4.27 7.49
C GLN A 53 1.94 -4.57 7.87
N ILE A 54 2.69 -3.51 8.19
CA ILE A 54 4.09 -3.66 8.56
C ILE A 54 4.22 -4.41 9.89
N ILE A 55 4.66 -5.66 9.81
CA ILE A 55 4.83 -6.48 11.00
C ILE A 55 6.18 -6.20 11.67
N ASN A 56 7.24 -6.24 10.88
CA ASN A 56 8.58 -5.99 11.38
C ASN A 56 9.35 -5.07 10.45
N ASN A 57 9.86 -3.97 11.01
CA ASN A 57 10.62 -3.00 10.23
C ASN A 57 12.00 -2.76 10.84
N THR A 58 12.64 -3.83 11.30
CA THR A 58 13.96 -3.74 11.92
C THR A 58 15.01 -3.36 10.88
N GLU A 59 14.97 -4.02 9.72
CA GLU A 59 15.93 -3.75 8.66
C GLU A 59 15.27 -2.99 7.51
N GLY A 60 15.81 -1.82 7.20
CA GLY A 60 15.25 -1.02 6.12
C GLY A 60 15.26 -1.75 4.79
N ASP A 61 16.35 -2.45 4.51
CA ASP A 61 16.48 -3.20 3.27
C ASP A 61 15.14 -3.84 2.89
N TRP A 62 14.57 -4.60 3.82
CA TRP A 62 13.30 -5.27 3.58
C TRP A 62 12.48 -5.35 4.87
N TRP A 63 11.20 -5.02 4.76
CA TRP A 63 10.31 -5.05 5.92
C TRP A 63 9.27 -6.15 5.77
N GLU A 64 8.97 -6.83 6.87
CA GLU A 64 7.99 -7.91 6.87
C GLU A 64 6.58 -7.38 7.09
N ALA A 65 5.73 -7.53 6.08
CA ALA A 65 4.36 -7.07 6.16
C ALA A 65 3.38 -8.14 5.70
N ARG A 66 2.12 -8.02 6.11
CA ARG A 66 1.10 -8.98 5.74
C ARG A 66 -0.04 -8.30 4.97
N SER A 67 -0.08 -8.52 3.66
CA SER A 67 -1.11 -7.92 2.81
C SER A 67 -2.47 -8.02 3.47
N ILE A 68 -3.26 -6.96 3.36
CA ILE A 68 -4.60 -6.93 3.94
C ILE A 68 -5.65 -7.33 2.92
N ALA A 69 -5.32 -7.18 1.64
CA ALA A 69 -6.24 -7.53 0.57
C ALA A 69 -6.19 -9.03 0.28
N THR A 70 -5.03 -9.50 -0.17
CA THR A 70 -4.85 -10.90 -0.49
C THR A 70 -4.59 -11.73 0.77
N GLY A 71 -3.89 -11.14 1.73
CA GLY A 71 -3.60 -11.83 2.97
C GLY A 71 -2.26 -12.52 2.94
N LYS A 72 -1.41 -12.14 1.98
CA LYS A 72 -0.09 -12.73 1.85
C LYS A 72 0.85 -12.19 2.92
N SER A 73 2.06 -12.74 2.98
CA SER A 73 3.05 -12.31 3.96
C SER A 73 4.46 -12.63 3.47
N GLY A 74 5.38 -11.70 3.68
CA GLY A 74 6.76 -11.90 3.26
C GLY A 74 7.63 -10.70 3.58
N TYR A 75 8.44 -10.28 2.60
CA TYR A 75 9.33 -9.15 2.79
C TYR A 75 9.23 -8.17 1.62
N ILE A 76 8.99 -6.90 1.94
CA ILE A 76 8.87 -5.87 0.92
C ILE A 76 9.90 -4.76 1.13
N PRO A 77 10.48 -4.26 0.03
CA PRO A 77 11.49 -3.21 0.06
C PRO A 77 10.89 -1.86 0.47
N SER A 78 11.42 -1.29 1.55
CA SER A 78 10.94 0.01 2.04
C SER A 78 11.25 1.12 1.05
N ASN A 79 11.97 0.77 -0.01
CA ASN A 79 12.34 1.75 -1.04
C ASN A 79 11.26 1.83 -2.11
N TYR A 80 10.22 1.01 -1.99
CA TYR A 80 9.13 0.99 -2.94
C TYR A 80 7.82 1.35 -2.27
N VAL A 81 7.67 0.93 -1.02
CA VAL A 81 6.45 1.20 -0.25
C VAL A 81 6.66 2.35 0.73
N VAL A 82 5.61 3.12 0.95
CA VAL A 82 5.68 4.25 1.88
C VAL A 82 4.42 4.34 2.74
N PRO A 83 4.56 4.92 3.94
CA PRO A 83 3.45 5.08 4.88
C PRO A 83 2.43 6.10 4.39
N ALA A 84 1.16 5.74 4.48
CA ALA A 84 0.08 6.63 4.06
C ALA A 84 0.03 7.89 4.91
N ASP A 85 0.87 7.93 5.93
CA ASP A 85 0.94 9.08 6.83
C ASP A 85 2.06 10.03 6.41
N SER A 86 3.21 9.47 6.06
CA SER A 86 4.35 10.25 5.65
C SER A 86 4.60 10.14 4.15
N ILE A 87 3.55 9.79 3.42
CA ILE A 87 3.64 9.64 1.97
C ILE A 87 4.64 10.63 1.38
N GLN A 88 5.82 10.13 1.04
CA GLN A 88 6.86 10.97 0.45
C GLN A 88 6.59 11.25 -1.02
N ALA A 89 5.90 10.32 -1.67
CA ALA A 89 5.57 10.46 -3.08
C ALA A 89 4.07 10.69 -3.28
N GLU A 90 3.42 11.23 -2.25
CA GLU A 90 1.99 11.50 -2.31
C GLU A 90 1.58 11.93 -3.71
N GLU A 91 2.50 12.56 -4.43
CA GLU A 91 2.22 13.02 -5.78
C GLU A 91 1.37 12.01 -6.54
N TRP A 92 1.54 10.74 -6.22
CA TRP A 92 0.79 9.66 -6.87
C TRP A 92 -0.70 9.83 -6.63
N TYR A 93 -1.07 10.10 -5.37
CA TYR A 93 -2.47 10.27 -5.00
C TYR A 93 -2.96 11.67 -5.38
N PHE A 94 -2.06 12.64 -5.30
CA PHE A 94 -2.40 14.02 -5.63
C PHE A 94 -2.89 14.14 -7.07
N GLY A 95 -2.09 13.62 -8.00
CA GLY A 95 -2.47 13.68 -9.40
C GLY A 95 -3.39 12.55 -9.81
N LYS A 96 -3.13 11.36 -9.27
CA LYS A 96 -3.95 10.19 -9.58
C LYS A 96 -5.05 10.01 -8.54
N MET A 97 -6.28 10.20 -8.96
CA MET A 97 -7.43 10.05 -8.06
C MET A 97 -7.28 8.80 -7.19
N GLY A 98 -7.28 9.00 -5.87
CA GLY A 98 -7.13 7.88 -4.97
C GLY A 98 -7.76 8.16 -3.62
N ARG A 99 -7.35 9.26 -2.98
CA ARG A 99 -7.87 9.64 -1.68
C ARG A 99 -7.34 11.00 -1.25
N LYS A 100 -8.21 11.80 -0.63
CA LYS A 100 -7.83 13.13 -0.17
C LYS A 100 -7.96 13.24 1.35
N ASP A 101 -6.95 13.82 1.98
CA ASP A 101 -6.95 13.99 3.43
C ASP A 101 -6.32 15.32 3.83
N ALA A 102 -7.16 16.26 4.25
CA ALA A 102 -6.68 17.58 4.65
C ALA A 102 -5.35 17.48 5.41
N GLU A 103 -4.29 17.98 4.80
CA GLU A 103 -2.96 17.94 5.41
C GLU A 103 -2.06 19.00 4.80
N SER A 104 -1.60 19.92 5.64
CA SER A 104 -0.73 21.00 5.19
C SER A 104 0.69 20.48 4.94
N GLY A 105 0.98 20.17 3.68
CA GLY A 105 2.30 19.65 3.33
C GLY A 105 3.24 20.76 2.90
N PRO A 106 4.54 20.60 3.23
CA PRO A 106 5.58 21.57 2.88
C PRO A 106 5.86 21.61 1.38
N SER A 107 5.77 20.44 0.75
CA SER A 107 6.03 20.34 -0.69
C SER A 107 4.89 20.97 -1.49
N SER A 108 5.25 21.78 -2.48
CA SER A 108 4.27 22.45 -3.31
C SER A 108 4.35 21.96 -4.76
N GLY A 109 3.69 20.85 -5.03
CA GLY A 109 3.71 20.28 -6.37
C GLY A 109 3.02 18.94 -6.45
N GLY A 1 9.78 4.41 -25.31
CA GLY A 1 8.52 3.70 -25.12
C GLY A 1 8.33 3.27 -23.68
N SER A 2 8.47 1.96 -23.44
CA SER A 2 8.30 1.41 -22.10
C SER A 2 9.25 0.25 -21.87
N SER A 3 9.65 0.05 -20.61
CA SER A 3 10.56 -1.02 -20.25
C SER A 3 9.83 -2.36 -20.18
N GLY A 4 8.69 -2.36 -19.49
CA GLY A 4 7.92 -3.58 -19.36
C GLY A 4 7.09 -3.61 -18.09
N SER A 5 5.81 -3.92 -18.21
CA SER A 5 4.92 -3.98 -17.07
C SER A 5 3.76 -4.94 -17.32
N SER A 6 3.43 -5.74 -16.31
CA SER A 6 2.35 -6.71 -16.42
C SER A 6 1.66 -6.91 -15.07
N GLY A 7 0.46 -7.49 -15.12
CA GLY A 7 -0.29 -7.73 -13.89
C GLY A 7 -1.75 -8.04 -14.17
N ALA A 8 -2.60 -7.72 -13.20
CA ALA A 8 -4.03 -7.98 -13.33
C ALA A 8 -4.79 -6.68 -13.65
N SER A 9 -6.09 -6.81 -13.85
CA SER A 9 -6.93 -5.65 -14.17
C SER A 9 -7.78 -5.25 -12.97
N SER A 10 -8.38 -6.25 -12.32
CA SER A 10 -9.23 -6.01 -11.16
C SER A 10 -9.18 -7.18 -10.19
N SER A 11 -9.03 -6.87 -8.90
CA SER A 11 -8.95 -7.91 -7.87
C SER A 11 -10.16 -7.84 -6.94
N PHE A 12 -11.03 -8.83 -7.05
CA PHE A 12 -12.24 -8.88 -6.22
C PHE A 12 -11.95 -8.31 -4.82
N SER A 13 -12.85 -7.48 -4.33
CA SER A 13 -12.71 -6.87 -3.02
C SER A 13 -13.97 -7.06 -2.18
N VAL A 14 -13.80 -7.11 -0.86
CA VAL A 14 -14.92 -7.29 0.05
C VAL A 14 -14.96 -6.18 1.09
N VAL A 15 -16.15 -5.61 1.28
CA VAL A 15 -16.33 -4.53 2.24
C VAL A 15 -17.05 -5.02 3.50
N SER A 16 -16.29 -5.51 4.46
CA SER A 16 -16.86 -6.02 5.70
C SER A 16 -16.01 -5.62 6.90
N SER A 17 -16.67 -5.29 8.01
CA SER A 17 -15.97 -4.88 9.22
C SER A 17 -14.78 -3.99 8.89
N SER A 18 -14.99 -3.02 8.01
CA SER A 18 -13.93 -2.10 7.61
C SER A 18 -13.42 -1.30 8.81
N TYR A 19 -12.11 -1.17 8.90
CA TYR A 19 -11.48 -0.44 10.00
C TYR A 19 -11.34 1.04 9.64
N PRO A 20 -11.36 1.89 10.68
CA PRO A 20 -11.23 3.35 10.50
C PRO A 20 -9.83 3.75 10.06
N THR A 21 -9.73 4.90 9.37
CA THR A 21 -8.45 5.39 8.90
C THR A 21 -7.66 6.05 10.03
N GLY A 22 -6.49 6.60 9.69
CA GLY A 22 -5.67 7.25 10.69
C GLY A 22 -5.27 6.32 11.81
N LEU A 23 -4.90 5.09 11.47
CA LEU A 23 -4.49 4.10 12.46
C LEU A 23 -3.09 4.38 12.97
N THR A 24 -2.98 4.65 14.27
CA THR A 24 -1.69 4.93 14.89
C THR A 24 -1.46 4.06 16.11
N GLY A 25 -0.61 3.04 15.95
CA GLY A 25 -0.31 2.14 17.06
C GLY A 25 0.92 1.30 16.79
N GLY A 26 0.76 -0.02 16.89
CA GLY A 26 1.88 -0.91 16.67
C GLY A 26 2.18 -1.12 15.20
N VAL A 27 1.13 -1.29 14.40
CA VAL A 27 1.28 -1.50 12.96
C VAL A 27 1.10 -0.19 12.20
N THR A 28 1.95 0.03 11.21
CA THR A 28 1.90 1.24 10.40
C THR A 28 1.42 0.94 8.98
N ILE A 29 0.53 1.77 8.47
CA ILE A 29 0.00 1.59 7.12
C ILE A 29 1.02 2.03 6.06
N PHE A 30 1.16 1.22 5.03
CA PHE A 30 2.10 1.53 3.95
C PHE A 30 1.48 1.21 2.59
N VAL A 31 1.81 2.03 1.59
CA VAL A 31 1.29 1.84 0.24
C VAL A 31 2.42 1.60 -0.75
N ALA A 32 2.15 0.80 -1.77
CA ALA A 32 3.14 0.50 -2.79
C ALA A 32 3.07 1.48 -3.95
N LEU A 33 4.09 2.32 -4.08
CA LEU A 33 4.13 3.31 -5.14
C LEU A 33 4.49 2.67 -6.48
N TYR A 34 5.33 1.64 -6.43
CA TYR A 34 5.75 0.94 -7.63
C TYR A 34 5.31 -0.53 -7.58
N ASP A 35 5.16 -1.12 -8.76
CA ASP A 35 4.76 -2.52 -8.86
C ASP A 35 5.96 -3.45 -8.77
N TYR A 36 5.92 -4.37 -7.81
CA TYR A 36 7.02 -5.32 -7.61
C TYR A 36 6.51 -6.74 -7.70
N GLU A 37 7.45 -7.69 -7.78
CA GLU A 37 7.11 -9.10 -7.87
C GLU A 37 7.97 -9.94 -6.93
N ALA A 38 7.33 -10.66 -6.03
CA ALA A 38 8.04 -11.50 -5.07
C ALA A 38 9.03 -12.42 -5.78
N ARG A 39 10.31 -12.18 -5.56
CA ARG A 39 11.36 -12.99 -6.18
C ARG A 39 11.34 -14.41 -5.64
N THR A 40 11.26 -14.53 -4.31
CA THR A 40 11.24 -15.83 -3.66
C THR A 40 10.11 -15.93 -2.66
N THR A 41 9.70 -17.15 -2.34
CA THR A 41 8.62 -17.38 -1.39
C THR A 41 8.77 -16.49 -0.16
N GLU A 42 10.02 -16.19 0.21
CA GLU A 42 10.29 -15.35 1.36
C GLU A 42 9.88 -13.90 1.09
N ASP A 43 10.08 -13.46 -0.15
CA ASP A 43 9.73 -12.10 -0.54
C ASP A 43 8.23 -11.95 -0.68
N LEU A 44 7.72 -10.76 -0.37
CA LEU A 44 6.29 -10.49 -0.47
C LEU A 44 5.97 -9.75 -1.77
N SER A 45 5.03 -10.31 -2.53
CA SER A 45 4.63 -9.70 -3.80
C SER A 45 3.56 -8.63 -3.58
N PHE A 46 3.63 -7.57 -4.37
CA PHE A 46 2.67 -6.48 -4.26
C PHE A 46 2.56 -5.72 -5.58
N LYS A 47 1.53 -4.89 -5.69
CA LYS A 47 1.30 -4.11 -6.90
C LYS A 47 1.16 -2.62 -6.57
N LYS A 48 1.36 -1.78 -7.58
CA LYS A 48 1.27 -0.34 -7.40
C LYS A 48 -0.14 0.06 -6.94
N GLY A 49 -0.23 0.55 -5.72
CA GLY A 49 -1.52 0.96 -5.19
C GLY A 49 -2.10 -0.07 -4.23
N GLU A 50 -1.23 -0.82 -3.56
CA GLU A 50 -1.67 -1.83 -2.61
C GLU A 50 -1.15 -1.52 -1.21
N ARG A 51 -1.94 -1.88 -0.20
CA ARG A 51 -1.58 -1.64 1.18
C ARG A 51 -1.05 -2.91 1.83
N PHE A 52 -0.35 -2.76 2.95
CA PHE A 52 0.22 -3.89 3.67
C PHE A 52 0.55 -3.52 5.11
N GLN A 53 0.19 -4.39 6.04
CA GLN A 53 0.43 -4.15 7.45
C GLN A 53 1.87 -4.52 7.82
N ILE A 54 2.65 -3.52 8.21
CA ILE A 54 4.04 -3.74 8.58
C ILE A 54 4.14 -4.54 9.88
N ILE A 55 4.51 -5.81 9.77
CA ILE A 55 4.64 -6.68 10.93
C ILE A 55 5.99 -6.46 11.62
N ASN A 56 7.06 -6.49 10.84
CA ASN A 56 8.40 -6.29 11.38
C ASN A 56 9.16 -5.22 10.59
N ASN A 57 9.80 -4.30 11.31
CA ASN A 57 10.55 -3.23 10.67
C ASN A 57 11.97 -3.16 11.24
N THR A 58 12.55 -4.33 11.53
CA THR A 58 13.89 -4.40 12.08
C THR A 58 14.94 -4.37 10.97
N GLU A 59 14.61 -4.98 9.84
CA GLU A 59 15.51 -5.02 8.69
C GLU A 59 15.22 -3.87 7.72
N GLY A 60 15.97 -2.79 7.85
CA GLY A 60 15.76 -1.65 6.98
C GLY A 60 15.70 -2.04 5.51
N ASP A 61 16.56 -2.96 5.12
CA ASP A 61 16.61 -3.43 3.73
C ASP A 61 15.23 -3.92 3.28
N TRP A 62 14.66 -4.84 4.04
CA TRP A 62 13.35 -5.39 3.72
C TRP A 62 12.48 -5.49 4.96
N TRP A 63 11.23 -5.05 4.84
CA TRP A 63 10.29 -5.09 5.96
C TRP A 63 9.27 -6.20 5.78
N GLU A 64 8.89 -6.84 6.88
CA GLU A 64 7.92 -7.93 6.83
C GLU A 64 6.50 -7.40 7.03
N ALA A 65 5.68 -7.49 6.00
CA ALA A 65 4.30 -7.02 6.07
C ALA A 65 3.33 -8.08 5.56
N ARG A 66 2.06 -7.94 5.93
CA ARG A 66 1.04 -8.90 5.51
C ARG A 66 -0.05 -8.20 4.70
N SER A 67 -0.05 -8.43 3.40
CA SER A 67 -1.04 -7.82 2.51
C SER A 67 -2.45 -7.93 3.10
N ILE A 68 -3.19 -6.83 3.07
CA ILE A 68 -4.55 -6.81 3.59
C ILE A 68 -5.57 -7.16 2.52
N ALA A 69 -5.31 -6.68 1.30
CA ALA A 69 -6.21 -6.96 0.18
C ALA A 69 -6.42 -8.46 -0.01
N THR A 70 -5.33 -9.17 -0.32
CA THR A 70 -5.39 -10.60 -0.53
C THR A 70 -5.17 -11.36 0.78
N GLY A 71 -4.04 -11.10 1.42
CA GLY A 71 -3.72 -11.77 2.67
C GLY A 71 -2.38 -12.45 2.63
N LYS A 72 -1.51 -12.03 1.72
CA LYS A 72 -0.19 -12.62 1.58
C LYS A 72 0.75 -12.13 2.68
N SER A 73 1.96 -12.68 2.72
CA SER A 73 2.94 -12.28 3.73
C SER A 73 4.35 -12.57 3.24
N GLY A 74 5.29 -11.68 3.59
CA GLY A 74 6.66 -11.86 3.18
C GLY A 74 7.54 -10.68 3.57
N TYR A 75 8.42 -10.28 2.65
CA TYR A 75 9.32 -9.16 2.92
C TYR A 75 9.30 -8.17 1.75
N ILE A 76 8.80 -6.96 2.02
CA ILE A 76 8.73 -5.93 1.00
C ILE A 76 9.78 -4.85 1.23
N PRO A 77 10.38 -4.36 0.14
CA PRO A 77 11.41 -3.32 0.20
C PRO A 77 10.84 -1.97 0.62
N SER A 78 11.35 -1.43 1.73
CA SER A 78 10.89 -0.15 2.23
C SER A 78 11.27 0.98 1.28
N ASN A 79 12.04 0.64 0.24
CA ASN A 79 12.47 1.62 -0.75
C ASN A 79 11.43 1.76 -1.86
N TYR A 80 10.37 0.98 -1.78
CA TYR A 80 9.31 1.01 -2.78
C TYR A 80 7.98 1.40 -2.15
N VAL A 81 7.78 0.99 -0.91
CA VAL A 81 6.54 1.30 -0.20
C VAL A 81 6.76 2.44 0.80
N VAL A 82 5.76 3.30 0.91
CA VAL A 82 5.84 4.44 1.83
C VAL A 82 4.59 4.53 2.69
N PRO A 83 4.73 5.11 3.89
CA PRO A 83 3.63 5.28 4.84
C PRO A 83 2.61 6.30 4.36
N ALA A 84 1.33 5.94 4.46
CA ALA A 84 0.25 6.83 4.04
C ALA A 84 0.23 8.10 4.87
N ASP A 85 1.08 8.15 5.90
CA ASP A 85 1.15 9.31 6.77
C ASP A 85 2.27 10.24 6.34
N SER A 86 3.41 9.66 5.97
CA SER A 86 4.56 10.44 5.55
C SER A 86 4.80 10.27 4.04
N ILE A 87 3.74 9.95 3.32
CA ILE A 87 3.83 9.76 1.87
C ILE A 87 4.84 10.72 1.25
N GLN A 88 6.02 10.21 0.92
CA GLN A 88 7.08 11.03 0.33
C GLN A 88 6.79 11.28 -1.15
N ALA A 89 5.98 10.43 -1.75
CA ALA A 89 5.62 10.55 -3.15
C ALA A 89 4.11 10.73 -3.33
N GLU A 90 3.47 11.29 -2.31
CA GLU A 90 2.03 11.52 -2.34
C GLU A 90 1.57 11.87 -3.76
N GLU A 91 2.45 12.53 -4.52
CA GLU A 91 2.14 12.93 -5.88
C GLU A 91 1.30 11.86 -6.58
N TRP A 92 1.56 10.61 -6.24
CA TRP A 92 0.82 9.49 -6.84
C TRP A 92 -0.66 9.57 -6.51
N TYR A 93 -0.97 9.80 -5.23
CA TYR A 93 -2.35 9.90 -4.79
C TYR A 93 -2.94 11.26 -5.13
N PHE A 94 -2.08 12.27 -5.13
CA PHE A 94 -2.51 13.64 -5.43
C PHE A 94 -3.07 13.73 -6.85
N GLY A 95 -2.36 13.11 -7.80
CA GLY A 95 -2.80 13.13 -9.18
C GLY A 95 -3.84 12.07 -9.47
N LYS A 96 -3.68 10.91 -8.86
CA LYS A 96 -4.62 9.81 -9.06
C LYS A 96 -6.03 10.32 -9.29
N MET A 97 -6.64 10.87 -8.23
CA MET A 97 -7.99 11.41 -8.31
C MET A 97 -7.96 12.91 -8.58
N GLY A 98 -9.04 13.42 -9.18
CA GLY A 98 -9.12 14.84 -9.48
C GLY A 98 -8.81 15.14 -10.93
N ARG A 99 -7.76 15.92 -11.16
CA ARG A 99 -7.36 16.29 -12.51
C ARG A 99 -5.90 15.92 -12.77
N LYS A 100 -5.49 15.99 -14.03
CA LYS A 100 -4.12 15.66 -14.41
C LYS A 100 -3.70 16.43 -15.65
N ASP A 101 -2.40 16.45 -15.93
CA ASP A 101 -1.86 17.14 -17.09
C ASP A 101 -2.22 16.41 -18.38
N ALA A 102 -1.75 15.17 -18.50
CA ALA A 102 -2.01 14.36 -19.68
C ALA A 102 -1.61 12.91 -19.44
N GLU A 103 -2.38 11.99 -20.03
CA GLU A 103 -2.10 10.57 -19.90
C GLU A 103 -2.29 9.84 -21.22
N SER A 104 -1.52 8.77 -21.42
CA SER A 104 -1.59 7.99 -22.65
C SER A 104 -1.92 6.54 -22.35
N GLY A 105 -2.79 5.95 -23.16
CA GLY A 105 -3.17 4.56 -22.97
C GLY A 105 -3.90 3.98 -24.17
N PRO A 106 -3.38 2.86 -24.68
CA PRO A 106 -3.98 2.18 -25.84
C PRO A 106 -5.32 1.54 -25.53
N SER A 107 -5.38 0.80 -24.43
CA SER A 107 -6.61 0.13 -24.02
C SER A 107 -7.64 1.15 -23.54
N SER A 108 -8.67 1.35 -24.36
CA SER A 108 -9.74 2.30 -24.03
C SER A 108 -10.45 1.89 -22.74
N GLY A 109 -10.76 0.59 -22.63
CA GLY A 109 -11.43 0.10 -21.44
C GLY A 109 -12.83 -0.41 -21.75
N GLY A 1 10.20 13.51 -11.93
CA GLY A 1 10.55 12.16 -12.36
C GLY A 1 9.87 11.77 -13.66
N SER A 2 10.51 10.90 -14.42
CA SER A 2 9.96 10.45 -15.69
C SER A 2 9.50 8.99 -15.60
N SER A 3 8.72 8.56 -16.59
CA SER A 3 8.20 7.20 -16.61
C SER A 3 8.07 6.70 -18.05
N GLY A 4 7.99 5.38 -18.21
CA GLY A 4 7.87 4.79 -19.53
C GLY A 4 6.73 3.80 -19.61
N SER A 5 5.60 4.13 -18.99
CA SER A 5 4.44 3.25 -18.99
C SER A 5 3.15 4.06 -18.95
N SER A 6 2.13 3.57 -19.65
CA SER A 6 0.84 4.25 -19.69
C SER A 6 -0.30 3.24 -19.80
N GLY A 7 -1.44 3.56 -19.18
CA GLY A 7 -2.58 2.67 -19.21
C GLY A 7 -2.53 1.61 -18.14
N ALA A 8 -3.69 1.30 -17.56
CA ALA A 8 -3.78 0.29 -16.51
C ALA A 8 -4.43 -0.98 -17.03
N SER A 9 -4.31 -2.06 -16.25
CA SER A 9 -4.89 -3.34 -16.64
C SER A 9 -6.28 -3.50 -16.05
N SER A 10 -6.39 -3.32 -14.74
CA SER A 10 -7.68 -3.44 -14.07
C SER A 10 -8.24 -2.07 -13.71
N SER A 11 -9.22 -1.62 -14.49
CA SER A 11 -9.85 -0.33 -14.26
C SER A 11 -10.75 -0.37 -13.04
N PHE A 12 -10.96 0.79 -12.41
CA PHE A 12 -11.81 0.88 -11.23
C PHE A 12 -13.03 1.74 -11.52
N SER A 13 -14.19 1.28 -11.06
CA SER A 13 -15.44 2.00 -11.27
C SER A 13 -15.47 3.28 -10.44
N VAL A 14 -15.56 3.14 -9.13
CA VAL A 14 -15.59 4.30 -8.24
C VAL A 14 -14.56 4.16 -7.13
N VAL A 15 -13.80 5.23 -6.89
CA VAL A 15 -12.78 5.23 -5.85
C VAL A 15 -12.90 6.46 -4.97
N SER A 16 -14.14 6.87 -4.68
CA SER A 16 -14.39 8.04 -3.85
C SER A 16 -14.64 7.63 -2.41
N SER A 17 -13.79 8.10 -1.50
CA SER A 17 -13.93 7.79 -0.08
C SER A 17 -12.98 8.64 0.76
N SER A 18 -13.06 8.48 2.07
CA SER A 18 -12.21 9.24 2.98
C SER A 18 -12.28 8.65 4.39
N TYR A 19 -11.13 8.19 4.88
CA TYR A 19 -11.04 7.61 6.21
C TYR A 19 -10.05 8.37 7.08
N PRO A 20 -10.29 8.34 8.40
CA PRO A 20 -9.43 9.03 9.38
C PRO A 20 -8.06 8.37 9.51
N THR A 21 -7.28 8.83 10.48
CA THR A 21 -5.96 8.28 10.71
C THR A 21 -5.81 7.78 12.14
N GLY A 22 -4.61 7.29 12.48
CA GLY A 22 -4.37 6.78 13.80
C GLY A 22 -5.51 5.93 14.33
N LEU A 23 -5.84 4.86 13.60
CA LEU A 23 -6.92 3.98 13.99
C LEU A 23 -6.40 2.85 14.89
N THR A 24 -5.10 2.59 14.81
CA THR A 24 -4.49 1.54 15.61
C THR A 24 -3.10 1.96 16.09
N GLY A 25 -2.71 1.47 17.25
CA GLY A 25 -1.41 1.80 17.80
C GLY A 25 -0.47 0.60 17.85
N GLY A 26 -0.13 0.08 16.68
CA GLY A 26 0.75 -1.07 16.62
C GLY A 26 1.38 -1.25 15.25
N VAL A 27 0.55 -1.34 14.22
CA VAL A 27 1.03 -1.52 12.86
C VAL A 27 0.95 -0.20 12.08
N THR A 28 1.88 -0.02 11.14
CA THR A 28 1.92 1.19 10.33
C THR A 28 1.46 0.91 8.91
N ILE A 29 0.49 1.70 8.44
CA ILE A 29 -0.04 1.54 7.09
C ILE A 29 0.97 1.99 6.05
N PHE A 30 1.17 1.16 5.02
CA PHE A 30 2.11 1.48 3.95
C PHE A 30 1.49 1.18 2.59
N VAL A 31 1.82 2.01 1.60
CA VAL A 31 1.30 1.85 0.25
C VAL A 31 2.43 1.60 -0.74
N ALA A 32 2.15 0.81 -1.77
CA ALA A 32 3.14 0.50 -2.79
C ALA A 32 3.04 1.48 -3.96
N LEU A 33 4.06 2.33 -4.09
CA LEU A 33 4.08 3.32 -5.17
C LEU A 33 4.51 2.68 -6.49
N TYR A 34 5.38 1.68 -6.39
CA TYR A 34 5.87 0.98 -7.58
C TYR A 34 5.47 -0.49 -7.55
N ASP A 35 5.27 -1.07 -8.72
CA ASP A 35 4.90 -2.47 -8.83
C ASP A 35 6.11 -3.38 -8.68
N TYR A 36 6.03 -4.32 -7.75
CA TYR A 36 7.12 -5.26 -7.49
C TYR A 36 6.65 -6.70 -7.63
N GLU A 37 7.61 -7.62 -7.66
CA GLU A 37 7.29 -9.04 -7.78
C GLU A 37 8.14 -9.87 -6.84
N ALA A 38 7.48 -10.58 -5.92
CA ALA A 38 8.19 -11.41 -4.95
C ALA A 38 9.15 -12.37 -5.66
N ARG A 39 10.45 -12.08 -5.55
CA ARG A 39 11.47 -12.91 -6.18
C ARG A 39 11.50 -14.30 -5.56
N THR A 40 11.43 -14.36 -4.23
CA THR A 40 11.45 -15.63 -3.52
C THR A 40 10.35 -15.68 -2.47
N THR A 41 9.88 -16.88 -2.18
CA THR A 41 8.83 -17.07 -1.19
C THR A 41 9.06 -16.20 0.04
N GLU A 42 10.32 -15.89 0.30
CA GLU A 42 10.69 -15.04 1.44
C GLU A 42 10.14 -13.63 1.27
N ASP A 43 10.29 -13.10 0.06
CA ASP A 43 9.81 -11.74 -0.23
C ASP A 43 8.31 -11.73 -0.43
N LEU A 44 7.69 -10.57 -0.16
CA LEU A 44 6.25 -10.43 -0.31
C LEU A 44 5.90 -9.85 -1.68
N SER A 45 4.93 -10.46 -2.34
CA SER A 45 4.50 -10.01 -3.66
C SER A 45 3.43 -8.93 -3.54
N PHE A 46 3.76 -7.73 -3.99
CA PHE A 46 2.83 -6.61 -3.94
C PHE A 46 2.74 -5.90 -5.28
N LYS A 47 1.81 -4.95 -5.39
CA LYS A 47 1.63 -4.20 -6.63
C LYS A 47 1.39 -2.72 -6.34
N LYS A 48 1.54 -1.89 -7.36
CA LYS A 48 1.34 -0.45 -7.21
C LYS A 48 -0.10 -0.14 -6.80
N GLY A 49 -0.27 0.43 -5.62
CA GLY A 49 -1.59 0.76 -5.14
C GLY A 49 -2.15 -0.29 -4.19
N GLU A 50 -1.26 -0.99 -3.50
CA GLU A 50 -1.67 -2.04 -2.57
C GLU A 50 -1.13 -1.77 -1.17
N ARG A 51 -1.99 -1.89 -0.17
CA ARG A 51 -1.60 -1.65 1.21
C ARG A 51 -1.02 -2.93 1.83
N PHE A 52 -0.34 -2.76 2.96
CA PHE A 52 0.26 -3.90 3.66
C PHE A 52 0.54 -3.55 5.12
N GLN A 53 0.20 -4.48 6.01
CA GLN A 53 0.42 -4.26 7.44
C GLN A 53 1.86 -4.60 7.83
N ILE A 54 2.60 -3.59 8.24
CA ILE A 54 3.99 -3.77 8.64
C ILE A 54 4.09 -4.58 9.93
N ILE A 55 4.58 -5.81 9.82
CA ILE A 55 4.73 -6.69 10.97
C ILE A 55 6.05 -6.41 11.70
N ASN A 56 7.14 -6.44 10.96
CA ASN A 56 8.46 -6.20 11.54
C ASN A 56 9.24 -5.18 10.70
N ASN A 57 9.78 -4.16 11.37
CA ASN A 57 10.55 -3.13 10.69
C ASN A 57 11.97 -3.06 11.24
N THR A 58 12.57 -4.22 11.45
CA THR A 58 13.93 -4.30 11.98
C THR A 58 14.96 -4.25 10.85
N GLU A 59 14.60 -4.83 9.71
CA GLU A 59 15.50 -4.85 8.56
C GLU A 59 15.13 -3.75 7.57
N GLY A 60 15.85 -2.63 7.63
CA GLY A 60 15.59 -1.53 6.73
C GLY A 60 15.52 -1.95 5.28
N ASP A 61 16.45 -2.80 4.87
CA ASP A 61 16.48 -3.30 3.50
C ASP A 61 15.13 -3.85 3.08
N TRP A 62 14.58 -4.74 3.90
CA TRP A 62 13.29 -5.35 3.62
C TRP A 62 12.46 -5.48 4.89
N TRP A 63 11.20 -5.04 4.83
CA TRP A 63 10.30 -5.11 5.98
C TRP A 63 9.29 -6.24 5.82
N GLU A 64 8.97 -6.91 6.92
CA GLU A 64 8.02 -8.01 6.89
C GLU A 64 6.60 -7.50 7.11
N ALA A 65 5.76 -7.62 6.08
CA ALA A 65 4.39 -7.18 6.17
C ALA A 65 3.43 -8.28 5.72
N ARG A 66 2.14 -8.10 6.02
CA ARG A 66 1.12 -9.07 5.66
C ARG A 66 -0.01 -8.42 4.89
N SER A 67 -0.02 -8.62 3.57
CA SER A 67 -1.05 -8.04 2.71
C SER A 67 -2.42 -8.12 3.38
N ILE A 68 -3.24 -7.10 3.17
CA ILE A 68 -4.57 -7.06 3.75
C ILE A 68 -5.61 -7.60 2.78
N ALA A 69 -5.75 -6.94 1.64
CA ALA A 69 -6.70 -7.36 0.62
C ALA A 69 -6.64 -8.87 0.40
N THR A 70 -5.51 -9.36 -0.08
CA THR A 70 -5.32 -10.77 -0.34
C THR A 70 -5.07 -11.54 0.96
N GLY A 71 -4.02 -11.14 1.68
CA GLY A 71 -3.69 -11.79 2.93
C GLY A 71 -2.34 -12.48 2.89
N LYS A 72 -1.54 -12.14 1.88
CA LYS A 72 -0.21 -12.72 1.73
C LYS A 72 0.74 -12.23 2.81
N SER A 73 1.95 -12.77 2.83
CA SER A 73 2.95 -12.37 3.81
C SER A 73 4.36 -12.62 3.28
N GLY A 74 5.28 -11.72 3.61
CA GLY A 74 6.65 -11.85 3.17
C GLY A 74 7.50 -10.66 3.53
N TYR A 75 8.39 -10.26 2.62
CA TYR A 75 9.27 -9.13 2.85
C TYR A 75 9.20 -8.14 1.70
N ILE A 76 8.82 -6.91 2.00
CA ILE A 76 8.72 -5.86 0.99
C ILE A 76 9.78 -4.79 1.20
N PRO A 77 10.36 -4.30 0.09
CA PRO A 77 11.38 -3.26 0.12
C PRO A 77 10.83 -1.90 0.55
N SER A 78 11.31 -1.40 1.67
CA SER A 78 10.86 -0.11 2.19
C SER A 78 11.24 1.02 1.24
N ASN A 79 12.00 0.69 0.20
CA ASN A 79 12.43 1.67 -0.77
C ASN A 79 11.40 1.81 -1.89
N TYR A 80 10.33 1.04 -1.79
CA TYR A 80 9.26 1.08 -2.79
C TYR A 80 7.93 1.46 -2.15
N VAL A 81 7.73 1.02 -0.91
CA VAL A 81 6.51 1.30 -0.18
C VAL A 81 6.72 2.43 0.83
N VAL A 82 5.74 3.33 0.92
CA VAL A 82 5.82 4.44 1.85
C VAL A 82 4.58 4.52 2.73
N PRO A 83 4.74 5.09 3.93
CA PRO A 83 3.63 5.24 4.89
C PRO A 83 2.60 6.27 4.43
N ALA A 84 1.33 5.89 4.49
CA ALA A 84 0.25 6.79 4.08
C ALA A 84 0.24 8.05 4.94
N ASP A 85 1.06 8.06 5.98
CA ASP A 85 1.13 9.21 6.88
C ASP A 85 2.25 10.16 6.45
N SER A 86 3.40 9.60 6.06
CA SER A 86 4.54 10.39 5.64
C SER A 86 4.77 10.25 4.14
N ILE A 87 3.69 9.99 3.41
CA ILE A 87 3.78 9.82 1.96
C ILE A 87 4.74 10.84 1.34
N GLN A 88 5.94 10.38 0.99
CA GLN A 88 6.94 11.25 0.39
C GLN A 88 6.65 11.49 -1.08
N ALA A 89 5.96 10.54 -1.71
CA ALA A 89 5.61 10.66 -3.12
C ALA A 89 4.11 10.82 -3.30
N GLU A 90 3.45 11.35 -2.28
CA GLU A 90 2.00 11.56 -2.32
C GLU A 90 1.55 11.96 -3.73
N GLU A 91 2.45 12.60 -4.47
CA GLU A 91 2.15 13.04 -5.82
C GLU A 91 1.32 11.99 -6.56
N TRP A 92 1.54 10.73 -6.22
CA TRP A 92 0.82 9.63 -6.85
C TRP A 92 -0.69 9.73 -6.58
N TYR A 93 -1.04 9.98 -5.31
CA TYR A 93 -2.44 10.11 -4.93
C TYR A 93 -2.99 11.47 -5.31
N PHE A 94 -2.12 12.48 -5.29
CA PHE A 94 -2.52 13.84 -5.63
C PHE A 94 -3.04 13.91 -7.08
N GLY A 95 -2.29 13.29 -7.99
CA GLY A 95 -2.69 13.29 -9.39
C GLY A 95 -3.74 12.24 -9.69
N LYS A 96 -3.60 11.07 -9.08
CA LYS A 96 -4.55 9.99 -9.29
C LYS A 96 -5.97 10.52 -9.51
N MET A 97 -6.54 11.10 -8.46
CA MET A 97 -7.89 11.66 -8.55
C MET A 97 -8.02 12.58 -9.76
N GLY A 98 -9.15 12.46 -10.46
CA GLY A 98 -9.38 13.30 -11.64
C GLY A 98 -10.70 14.04 -11.57
N ARG A 99 -11.78 13.30 -11.37
CA ARG A 99 -13.12 13.90 -11.30
C ARG A 99 -13.23 14.80 -10.07
N LYS A 100 -13.82 15.98 -10.27
CA LYS A 100 -13.99 16.94 -9.19
C LYS A 100 -14.67 16.29 -7.99
N ASP A 101 -14.47 16.86 -6.81
CA ASP A 101 -15.07 16.33 -5.58
C ASP A 101 -15.31 17.46 -4.57
N ALA A 102 -16.30 17.25 -3.71
CA ALA A 102 -16.63 18.24 -2.69
C ALA A 102 -16.53 17.65 -1.29
N GLU A 103 -16.08 18.46 -0.34
CA GLU A 103 -15.93 18.01 1.04
C GLU A 103 -15.52 19.17 1.95
N SER A 104 -15.56 18.94 3.25
CA SER A 104 -15.19 19.96 4.23
C SER A 104 -14.72 19.33 5.54
N GLY A 105 -13.65 19.87 6.10
CA GLY A 105 -13.12 19.34 7.35
C GLY A 105 -11.83 20.02 7.77
N PRO A 106 -11.92 21.33 8.08
CA PRO A 106 -10.76 22.12 8.50
C PRO A 106 -10.24 21.71 9.87
N SER A 107 -9.22 22.41 10.35
CA SER A 107 -8.63 22.12 11.65
C SER A 107 -7.83 23.30 12.17
N SER A 108 -8.32 23.93 13.23
CA SER A 108 -7.65 25.08 13.82
C SER A 108 -7.02 24.72 15.15
N GLY A 109 -6.22 25.64 15.70
CA GLY A 109 -5.56 25.40 16.97
C GLY A 109 -4.67 26.56 17.38
#